data_9SFM
#
_entry.id   9SFM
#
_cell.length_a   72.160
_cell.length_b   129.518
_cell.length_c   198.797
_cell.angle_alpha   90.00
_cell.angle_beta   90.00
_cell.angle_gamma   90.00
#
_symmetry.space_group_name_H-M   'P 21 21 21'
#
loop_
_entity.id
_entity.type
_entity.pdbx_description
1 polymer 'DNA damage-binding protein 1'
2 polymer 'Protein cereblon'
3 non-polymer 1,2-ETHANEDIOL
4 non-polymer 'ZINC ION'
5 non-polymer S-Lenalidomide
6 non-polymer "N-[3-(benzyloxy)pyridin-2-yl]-N'-(4-cyano-2-hydroxyphenyl)urea"
7 water water
#
loop_
_entity_poly.entity_id
_entity_poly.type
_entity_poly.pdbx_seq_one_letter_code
_entity_poly.pdbx_strand_id
1 'polypeptide(L)'
;MSYNYVVTAQKPTAVNGCVTGHFTSAEDLNLLIAKNTRLEIYVVTAEGLRPVKEVGMYGKIAVMELFRPKGESKDLLFIL
TAKYNACILEYKQSGESIDIITRAHGNVQDRIGRPSETGIIGIIDPECRMIGLRLYDGLFKVIPLDRDNKELKAFNIRLE
ELHVIDVKFLYGCQAPTICFVYQDPQGRHVKTYEVSLREKEFNKGPWKQENVEAEASMVIAVPEPFGGAIIIGQESITYH
NGDKYLAIAPPIIKQSTIVCHNRVDPNGSRYLLGDMEGRLFMLLLEKEEQMDGTVTLKDLRVELLGETSIAECLTYLDNG
VVFVGSRLGDSQLVKLNVDSNEQGSYVVAMETFTNLGPIVDMCVVDLERQGQGQLVTCSGAFKEGSLRIIRNGIGIHEHA
SIDLPGIKGLWPLRSDPNRETDDTLVLSFVGQTRVLMLNGEEVEETELMGFVDDQQTFFCGNVAHQQLIQITSASVRLVS
QEPKALVSEWKEPQAKNISVASCNSSQVVVAVGRALYYLQIHPQELRQISHTEMEHEVACLDITPLGDSNGLSPLCAIGL
WTDISARILKLPSFELLHKEMLGGEIIPRSILMTTFESSHYLLCALGDGALFYFGLNIETGLLSDRKKVTLGTQPTVLRT
FRSLSTTNVFACSDRPTVIYSSNHKLVFSNVNLKEVNYMCPLNSDGYPDSLALANNSTLTIGTIDEIQKLHIRTVPLYES
PRKICYQEVSQCFGVLSSRIEVQDTSGGTTALRPSASTQALSSSVSSSKLFSSSTAPHETSFGEEVEVHNLLIIDQHTFE
VLHAHQFLQNEYALSLVSCKLGKDPNTYFIVGTAMVYPEEAEPKQGRIVVFQYSDGKLQTVAEKEVKGAVYSMVEFNGKL
LASINSTVRLYEWTTEKELRTECNHYNNIMALYLKTKGDFILVGDLMRSVLLLAYKPMEGNFEEIARDFNPNWMSAVEIL
DDDNFLGAENAFNLFVCQKDSAATTDEERQHLQEVGLFHLGEFVNVFCHGSLVMQNLGETSTPTQGSVLFGTVNGMIGLV
TSLSESWYNLLLDMQNRLNKVIKSVGKIEHSFWRSFHTERKTEPATGFIDGDLIESFLDISRPKMQEVVANLQYDDGSGM
KREATADDLIKVVEELTRIHWSHPQFEK
;
A
2 'polypeptide(L)'
;IINFDTSLPTSHTYLGADMEEFHGRTLHDDDSCQVIPVLPQVMMILIPGQTLPLQLFHPQEVSMVRNLIQKDRTFAVLAY
SNVQEREAQFGTTAEIYAYREEQDFGIEIVKVKAIGRQRFKVLELRTQSDGIQQAKVQILPECVLPSTMSAVQLESLNKC
QIFPSKPVSREDQCSYKWWQKYQKRKFHCANLTSWPRWLYSLYDAETLMDRIKKQLREWDENLKDDSLPSNPIDFSYRVA
ACLPIDDVLRIQLLKIGSAIQRLRCELDIMNKCTSLCCKQCQETEITTKNEIFSLSLCGPMAAYVNPHGYVHETLTVYKA
CNLNLIGRPSTEHSWFPGYAWTVAQCKICASHIGWKFTATKKDMSPQKFWGLTRSALLPTIP
;
B
#
loop_
_chem_comp.id
_chem_comp.type
_chem_comp.name
_chem_comp.formula
A1CEG non-polymer N-[3-(benzyloxy)pyridin-2-yl]-N'-(4-cyano-2-hydroxyphenyl)urea 'C20 H16 N4 O3'
EDO non-polymer 1,2-ETHANEDIOL 'C2 H6 O2'
LVY non-polymer S-Lenalidomide 'C13 H13 N3 O3'
ZN non-polymer 'ZINC ION' 'Zn 2'
#
# COMPACT_ATOMS: atom_id res chain seq x y z
N MET A 1 -3.80 19.69 -0.99
CA MET A 1 -5.01 20.38 -0.53
C MET A 1 -6.22 19.72 -1.23
N SER A 2 -6.97 20.50 -2.04
CA SER A 2 -8.11 19.99 -2.79
C SER A 2 -7.71 19.55 -4.18
N TYR A 3 -6.48 19.86 -4.60
CA TYR A 3 -5.98 19.61 -5.95
C TYR A 3 -4.68 18.84 -5.80
N ASN A 4 -4.71 17.59 -6.19
CA ASN A 4 -3.56 16.73 -5.95
C ASN A 4 -3.13 16.09 -7.26
N TYR A 5 -1.86 15.79 -7.33
CA TYR A 5 -1.20 15.17 -8.47
C TYR A 5 -0.56 13.88 -7.95
N VAL A 6 -0.93 12.76 -8.54
CA VAL A 6 -0.46 11.46 -8.10
C VAL A 6 0.26 10.83 -9.29
N VAL A 7 1.49 10.35 -9.03
CA VAL A 7 2.35 9.86 -10.10
C VAL A 7 3.15 8.68 -9.55
N THR A 8 3.48 7.74 -10.42
CA THR A 8 4.25 6.57 -10.05
C THR A 8 5.74 6.88 -10.04
N ALA A 9 6.40 6.56 -8.94
CA ALA A 9 7.86 6.64 -8.85
C ALA A 9 8.54 5.29 -9.10
N GLN A 10 7.91 4.19 -8.73
CA GLN A 10 8.43 2.86 -9.03
C GLN A 10 7.23 1.98 -9.40
N LYS A 11 7.30 1.38 -10.57
CA LYS A 11 6.21 0.56 -11.04
C LYS A 11 6.08 -0.67 -10.16
N PRO A 12 4.90 -1.27 -10.09
CA PRO A 12 4.75 -2.51 -9.32
C PRO A 12 5.74 -3.58 -9.78
N THR A 13 6.34 -4.25 -8.80
CA THR A 13 7.33 -5.29 -9.05
C THR A 13 6.85 -6.70 -8.77
N ALA A 14 5.77 -6.85 -7.99
CA ALA A 14 5.23 -8.15 -7.64
C ALA A 14 4.55 -8.80 -8.84
N VAL A 15 4.65 -10.12 -8.94
CA VAL A 15 4.13 -10.84 -10.08
C VAL A 15 2.84 -11.54 -9.67
N ASN A 16 1.74 -11.25 -10.35
CA ASN A 16 0.50 -11.97 -10.04
C ASN A 16 0.10 -12.99 -11.08
N GLY A 17 0.85 -13.12 -12.18
CA GLY A 17 0.53 -14.13 -13.18
C GLY A 17 1.66 -14.33 -14.16
N CYS A 18 1.77 -15.53 -14.72
CA CYS A 18 2.84 -15.82 -15.71
C CYS A 18 2.36 -16.93 -16.66
N VAL A 19 2.45 -16.70 -17.96
CA VAL A 19 2.00 -17.68 -18.98
C VAL A 19 3.06 -17.81 -20.08
N THR A 20 3.10 -18.95 -20.78
CA THR A 20 4.04 -19.14 -21.91
C THR A 20 3.25 -19.47 -23.15
N GLY A 21 3.81 -19.16 -24.32
CA GLY A 21 3.10 -19.40 -25.59
C GLY A 21 3.80 -18.74 -26.76
N HIS A 22 3.06 -18.49 -27.84
CA HIS A 22 3.66 -17.91 -29.07
C HIS A 22 2.84 -16.68 -29.47
N PHE A 23 2.99 -15.58 -28.72
CA PHE A 23 2.24 -14.32 -29.01
C PHE A 23 2.99 -13.46 -30.03
N THR A 24 4.30 -13.28 -29.84
CA THR A 24 5.12 -12.41 -30.72
C THR A 24 5.20 -12.99 -32.11
N SER A 25 5.36 -14.30 -32.21
CA SER A 25 5.41 -14.98 -33.53
C SER A 25 5.13 -16.46 -33.29
N ALA A 26 4.76 -17.18 -34.34
CA ALA A 26 4.56 -18.61 -34.20
C ALA A 26 5.82 -19.36 -33.83
N GLU A 27 7.00 -18.81 -34.14
CA GLU A 27 8.25 -19.49 -33.90
C GLU A 27 8.97 -19.04 -32.63
N ASP A 28 8.56 -17.92 -32.06
CA ASP A 28 9.06 -17.50 -30.76
C ASP A 28 8.30 -18.20 -29.65
N LEU A 29 9.02 -18.55 -28.59
CA LEU A 29 8.43 -18.92 -27.32
C LEU A 29 8.48 -17.71 -26.40
N ASN A 30 7.31 -17.26 -25.93
CA ASN A 30 7.22 -16.08 -25.08
C ASN A 30 7.00 -16.43 -23.63
N LEU A 31 7.47 -15.54 -22.76
CA LEU A 31 7.04 -15.48 -21.38
C LEU A 31 6.29 -14.18 -21.23
N LEU A 32 5.03 -14.27 -20.80
CA LEU A 32 4.21 -13.10 -20.48
C LEU A 32 4.06 -13.04 -18.96
N ILE A 33 4.36 -11.87 -18.41
CA ILE A 33 4.31 -11.69 -16.92
C ILE A 33 3.34 -10.55 -16.61
N ALA A 34 2.43 -10.78 -15.67
CA ALA A 34 1.49 -9.72 -15.25
C ALA A 34 1.98 -9.08 -13.97
N LYS A 35 2.05 -7.75 -13.96
CA LYS A 35 2.43 -7.02 -12.73
C LYS A 35 1.34 -5.98 -12.46
N ASN A 36 0.17 -6.43 -12.01
CA ASN A 36 -0.97 -5.52 -11.72
C ASN A 36 -1.39 -4.83 -13.02
N THR A 37 -1.01 -3.57 -13.19
CA THR A 37 -1.43 -2.77 -14.36
C THR A 37 -0.45 -2.87 -15.49
N ARG A 38 0.56 -3.73 -15.35
N ARG A 38 0.57 -3.73 -15.35
CA ARG A 38 1.62 -3.80 -16.39
CA ARG A 38 1.63 -3.80 -16.38
C ARG A 38 1.74 -5.21 -16.97
C ARG A 38 1.74 -5.21 -16.97
N LEU A 39 1.95 -5.30 -18.30
CA LEU A 39 2.13 -6.62 -18.94
C LEU A 39 3.54 -6.64 -19.56
N GLU A 40 4.36 -7.61 -19.19
CA GLU A 40 5.72 -7.71 -19.73
C GLU A 40 5.80 -8.88 -20.71
N ILE A 41 6.41 -8.63 -21.87
CA ILE A 41 6.50 -9.64 -22.93
C ILE A 41 7.97 -9.94 -23.20
N TYR A 42 8.38 -11.18 -22.98
CA TYR A 42 9.74 -11.65 -23.21
C TYR A 42 9.74 -12.72 -24.28
N VAL A 43 10.87 -12.84 -24.96
CA VAL A 43 11.16 -13.95 -25.84
C VAL A 43 12.11 -14.85 -25.08
N VAL A 44 11.72 -16.12 -24.93
CA VAL A 44 12.60 -17.09 -24.22
C VAL A 44 13.79 -17.43 -25.14
N THR A 45 15.01 -17.29 -24.63
CA THR A 45 16.23 -17.58 -25.40
C THR A 45 17.06 -18.55 -24.60
N ALA A 46 18.01 -19.22 -25.25
CA ALA A 46 18.85 -20.22 -24.54
C ALA A 46 19.60 -19.51 -23.43
N GLU A 47 20.05 -18.29 -23.70
CA GLU A 47 20.74 -17.47 -22.67
C GLU A 47 19.77 -17.14 -21.53
N GLY A 48 18.51 -16.83 -21.85
CA GLY A 48 17.56 -16.39 -20.81
C GLY A 48 16.37 -15.70 -21.41
N LEU A 49 16.01 -14.52 -20.90
CA LEU A 49 14.81 -13.81 -21.39
C LEU A 49 15.20 -12.52 -22.11
N ARG A 50 14.68 -12.31 -23.34
CA ARG A 50 14.91 -11.06 -24.03
C ARG A 50 13.68 -10.19 -23.89
N PRO A 51 13.77 -9.03 -23.23
CA PRO A 51 12.61 -8.14 -23.11
C PRO A 51 12.29 -7.54 -24.45
N VAL A 52 11.00 -7.54 -24.80
CA VAL A 52 10.64 -7.21 -26.15
C VAL A 52 9.59 -6.11 -26.14
N LYS A 53 8.70 -6.14 -25.15
CA LYS A 53 7.59 -5.20 -25.16
C LYS A 53 6.93 -5.17 -23.77
N GLU A 54 6.80 -3.98 -23.20
CA GLU A 54 6.05 -3.81 -21.97
C GLU A 54 4.87 -2.90 -22.23
N VAL A 55 3.72 -3.20 -21.65
CA VAL A 55 2.57 -2.31 -21.82
C VAL A 55 1.86 -2.13 -20.49
N GLY A 56 1.26 -0.95 -20.33
CA GLY A 56 0.39 -0.66 -19.21
C GLY A 56 -1.04 -0.85 -19.67
N MET A 57 -1.92 -1.22 -18.75
CA MET A 57 -3.34 -1.18 -19.05
C MET A 57 -4.06 -0.34 -18.00
N TYR A 58 -5.22 0.16 -18.41
CA TYR A 58 -6.09 0.90 -17.51
C TYR A 58 -6.94 -0.07 -16.69
N GLY A 59 -6.26 -0.92 -15.94
CA GLY A 59 -6.95 -1.94 -15.18
C GLY A 59 -5.97 -2.83 -14.43
N LYS A 60 -6.48 -3.43 -13.36
CA LYS A 60 -5.75 -4.46 -12.64
C LYS A 60 -5.98 -5.78 -13.35
N ILE A 61 -4.92 -6.46 -13.76
CA ILE A 61 -5.07 -7.68 -14.55
C ILE A 61 -5.48 -8.84 -13.63
N ALA A 62 -6.65 -9.44 -13.90
CA ALA A 62 -7.12 -10.56 -13.10
C ALA A 62 -7.02 -11.89 -13.81
N VAL A 63 -7.12 -11.90 -15.12
CA VAL A 63 -6.97 -13.11 -15.91
C VAL A 63 -6.06 -12.80 -17.07
N MET A 64 -5.20 -13.76 -17.41
CA MET A 64 -4.26 -13.60 -18.51
C MET A 64 -4.05 -14.99 -19.10
N GLU A 65 -4.54 -15.20 -20.32
CA GLU A 65 -4.49 -16.54 -20.91
C GLU A 65 -4.21 -16.39 -22.39
N LEU A 66 -3.28 -17.20 -22.88
CA LEU A 66 -3.01 -17.28 -24.30
C LEU A 66 -3.83 -18.41 -24.89
N PHE A 67 -4.20 -18.26 -26.16
CA PHE A 67 -4.95 -19.32 -26.82
C PHE A 67 -4.83 -19.11 -28.31
N ARG A 68 -5.10 -20.16 -29.08
CA ARG A 68 -5.06 -20.07 -30.54
C ARG A 68 -6.35 -20.56 -31.16
N PRO A 69 -7.19 -19.68 -31.66
CA PRO A 69 -8.38 -20.12 -32.41
C PRO A 69 -7.97 -20.73 -33.74
N LYS A 70 -8.90 -21.50 -34.33
CA LYS A 70 -8.65 -22.10 -35.64
C LYS A 70 -8.48 -21.01 -36.70
N GLY A 71 -7.54 -21.24 -37.62
CA GLY A 71 -7.23 -20.26 -38.64
C GLY A 71 -6.33 -19.12 -38.19
N GLU A 72 -5.90 -19.10 -36.94
CA GLU A 72 -4.99 -18.08 -36.46
C GLU A 72 -3.54 -18.55 -36.60
N SER A 73 -2.67 -17.65 -37.05
CA SER A 73 -1.29 -18.02 -37.30
C SER A 73 -0.49 -18.15 -36.01
N LYS A 74 -0.84 -17.38 -34.98
CA LYS A 74 -0.15 -17.39 -33.71
C LYS A 74 -1.19 -17.16 -32.61
N ASP A 75 -0.71 -17.17 -31.35
CA ASP A 75 -1.63 -17.07 -30.21
C ASP A 75 -2.21 -15.67 -30.09
N LEU A 76 -3.41 -15.61 -29.54
CA LEU A 76 -3.99 -14.37 -29.06
C LEU A 76 -3.97 -14.39 -27.54
N LEU A 77 -4.20 -13.23 -26.95
CA LEU A 77 -4.13 -13.07 -25.51
C LEU A 77 -5.47 -12.55 -25.01
N PHE A 78 -6.06 -13.25 -24.05
CA PHE A 78 -7.26 -12.78 -23.38
C PHE A 78 -6.90 -12.16 -22.05
N ILE A 79 -7.37 -10.93 -21.80
CA ILE A 79 -7.22 -10.25 -20.52
C ILE A 79 -8.59 -9.90 -19.96
N LEU A 80 -8.78 -10.13 -18.66
CA LEU A 80 -9.90 -9.60 -17.92
C LEU A 80 -9.35 -8.74 -16.78
N THR A 81 -9.85 -7.53 -16.64
CA THR A 81 -9.47 -6.72 -15.50
C THR A 81 -10.40 -6.90 -14.31
N ALA A 82 -9.90 -6.49 -13.14
CA ALA A 82 -10.67 -6.57 -11.91
C ALA A 82 -11.97 -5.78 -12.01
N LYS A 83 -12.04 -4.78 -12.88
CA LYS A 83 -13.28 -4.06 -13.12
C LYS A 83 -14.08 -4.66 -14.28
N TYR A 84 -13.81 -5.91 -14.66
CA TYR A 84 -14.57 -6.70 -15.63
C TYR A 84 -14.38 -6.23 -17.06
N ASN A 85 -13.31 -5.49 -17.34
CA ASN A 85 -12.94 -5.18 -18.71
C ASN A 85 -12.29 -6.41 -19.33
N ALA A 86 -12.87 -6.89 -20.42
CA ALA A 86 -12.40 -8.06 -21.14
C ALA A 86 -11.89 -7.65 -22.52
N CYS A 87 -10.83 -8.31 -22.97
CA CYS A 87 -10.38 -7.98 -24.31
C CYS A 87 -9.61 -9.16 -24.87
N ILE A 88 -9.47 -9.14 -26.19
CA ILE A 88 -8.61 -10.07 -26.91
C ILE A 88 -7.60 -9.22 -27.66
N LEU A 89 -6.33 -9.56 -27.50
CA LEU A 89 -5.21 -8.76 -27.98
C LEU A 89 -4.35 -9.56 -28.94
N GLU A 90 -3.83 -8.87 -29.94
CA GLU A 90 -2.92 -9.41 -30.91
C GLU A 90 -1.65 -8.59 -30.94
N TYR A 91 -0.52 -9.28 -31.01
CA TYR A 91 0.79 -8.67 -31.17
C TYR A 91 1.08 -8.46 -32.65
N LYS A 92 1.36 -7.22 -33.04
CA LYS A 92 1.70 -6.88 -34.42
C LYS A 92 3.07 -6.22 -34.43
N GLN A 93 3.99 -6.80 -35.18
CA GLN A 93 5.29 -6.17 -35.40
C GLN A 93 5.42 -5.85 -36.87
N SER A 94 5.80 -4.60 -37.15
CA SER A 94 6.11 -4.17 -38.51
C SER A 94 7.53 -3.62 -38.44
N GLY A 95 8.48 -4.43 -38.92
CA GLY A 95 9.88 -4.06 -38.85
C GLY A 95 10.35 -3.88 -37.43
N GLU A 96 10.40 -2.63 -36.96
CA GLU A 96 10.76 -2.32 -35.58
C GLU A 96 9.63 -1.61 -34.84
N SER A 97 8.45 -1.48 -35.46
CA SER A 97 7.29 -0.92 -34.79
C SER A 97 6.43 -2.04 -34.21
N ILE A 98 6.12 -1.94 -32.91
CA ILE A 98 5.37 -2.96 -32.19
C ILE A 98 4.10 -2.32 -31.64
N ASP A 99 2.94 -2.87 -32.03
CA ASP A 99 1.66 -2.40 -31.54
C ASP A 99 0.87 -3.57 -30.97
N ILE A 100 0.20 -3.34 -29.83
CA ILE A 100 -0.75 -4.30 -29.28
C ILE A 100 -2.14 -3.95 -29.81
N ILE A 101 -2.66 -4.77 -30.71
CA ILE A 101 -3.97 -4.58 -31.33
C ILE A 101 -5.06 -5.14 -30.41
N THR A 102 -6.20 -4.45 -30.33
CA THR A 102 -7.38 -4.93 -29.61
C THR A 102 -8.34 -5.55 -30.63
N ARG A 103 -8.45 -6.90 -30.61
CA ARG A 103 -9.33 -7.58 -31.58
C ARG A 103 -10.78 -7.57 -31.12
N ALA A 104 -11.01 -7.68 -29.82
CA ALA A 104 -12.35 -7.66 -29.28
C ALA A 104 -12.25 -7.06 -27.88
N HIS A 105 -13.35 -6.51 -27.40
CA HIS A 105 -13.37 -5.99 -26.04
C HIS A 105 -14.80 -5.76 -25.63
N GLY A 106 -15.00 -5.69 -24.30
CA GLY A 106 -16.30 -5.36 -23.76
C GLY A 106 -16.27 -5.54 -22.25
N ASN A 107 -17.22 -4.92 -21.52
CA ASN A 107 -17.33 -5.12 -20.08
C ASN A 107 -18.36 -6.21 -19.78
N VAL A 108 -17.96 -7.20 -18.99
CA VAL A 108 -18.75 -8.42 -18.75
C VAL A 108 -19.30 -8.47 -17.34
N GLN A 109 -19.21 -7.37 -16.58
CA GLN A 109 -19.88 -7.30 -15.29
C GLN A 109 -21.39 -7.52 -15.46
N ASP A 110 -21.99 -8.16 -14.46
CA ASP A 110 -23.45 -8.27 -14.37
C ASP A 110 -23.94 -7.18 -13.43
N ARG A 111 -25.14 -6.67 -13.68
CA ARG A 111 -25.63 -5.54 -12.89
C ARG A 111 -25.87 -5.93 -11.44
N ILE A 112 -26.19 -7.19 -11.18
CA ILE A 112 -26.27 -7.71 -9.83
C ILE A 112 -25.50 -9.02 -9.80
N GLY A 113 -24.96 -9.34 -8.64
CA GLY A 113 -24.23 -10.57 -8.50
C GLY A 113 -23.30 -10.53 -7.31
N ARG A 114 -23.16 -11.67 -6.63
CA ARG A 114 -22.30 -11.76 -5.47
C ARG A 114 -20.93 -12.28 -5.90
N PRO A 115 -19.88 -11.44 -5.94
CA PRO A 115 -18.53 -11.92 -6.26
C PRO A 115 -18.10 -13.07 -5.35
N SER A 116 -17.62 -14.14 -5.99
CA SER A 116 -17.27 -15.39 -5.32
C SER A 116 -16.07 -15.22 -4.39
N GLU A 117 -15.97 -16.13 -3.41
CA GLU A 117 -14.89 -16.09 -2.43
C GLU A 117 -13.54 -16.36 -3.07
N THR A 118 -13.46 -17.40 -3.90
CA THR A 118 -12.22 -17.72 -4.62
C THR A 118 -11.92 -16.71 -5.73
N GLY A 119 -12.75 -15.68 -5.89
CA GLY A 119 -12.43 -14.63 -6.82
C GLY A 119 -12.65 -15.02 -8.27
N ILE A 120 -12.19 -14.15 -9.16
CA ILE A 120 -12.38 -14.31 -10.60
C ILE A 120 -11.57 -15.49 -11.10
N ILE A 121 -12.24 -16.40 -11.81
CA ILE A 121 -11.59 -17.50 -12.52
C ILE A 121 -11.98 -17.42 -13.98
N GLY A 122 -10.98 -17.34 -14.86
CA GLY A 122 -11.20 -17.34 -16.29
C GLY A 122 -10.45 -18.50 -16.92
N ILE A 123 -11.14 -19.22 -17.82
CA ILE A 123 -10.64 -20.44 -18.41
C ILE A 123 -11.09 -20.47 -19.86
N ILE A 124 -10.28 -21.08 -20.71
CA ILE A 124 -10.59 -21.24 -22.12
C ILE A 124 -10.56 -22.73 -22.46
N ASP A 125 -11.54 -23.17 -23.25
CA ASP A 125 -11.63 -24.59 -23.54
C ASP A 125 -10.57 -24.98 -24.57
N PRO A 126 -10.13 -26.24 -24.57
CA PRO A 126 -8.98 -26.62 -25.41
C PRO A 126 -9.27 -26.49 -26.89
N GLU A 127 -10.54 -26.42 -27.29
CA GLU A 127 -10.90 -26.26 -28.72
C GLU A 127 -11.02 -24.77 -29.06
N CYS A 128 -10.89 -23.90 -28.05
CA CYS A 128 -10.99 -22.43 -28.26
C CYS A 128 -12.40 -22.07 -28.73
N ARG A 129 -13.39 -22.89 -28.37
CA ARG A 129 -14.81 -22.58 -28.67
C ARG A 129 -15.29 -21.40 -27.81
N MET A 130 -14.83 -21.33 -26.56
CA MET A 130 -15.40 -20.29 -25.66
C MET A 130 -14.54 -19.95 -24.43
N ILE A 131 -14.69 -18.72 -23.92
CA ILE A 131 -14.11 -18.37 -22.63
C ILE A 131 -15.19 -18.58 -21.60
N GLY A 132 -14.82 -19.21 -20.48
CA GLY A 132 -15.72 -19.34 -19.34
C GLY A 132 -15.21 -18.48 -18.20
N LEU A 133 -16.14 -17.75 -17.59
CA LEU A 133 -15.83 -16.85 -16.49
C LEU A 133 -16.66 -17.24 -15.29
N ARG A 134 -15.98 -17.47 -14.17
CA ARG A 134 -16.67 -17.60 -12.89
C ARG A 134 -16.39 -16.31 -12.13
N LEU A 135 -17.33 -15.37 -12.24
CA LEU A 135 -17.34 -14.11 -11.50
C LEU A 135 -18.25 -14.13 -10.29
N TYR A 136 -19.39 -14.83 -10.34
CA TYR A 136 -20.37 -14.71 -9.27
C TYR A 136 -20.87 -16.09 -8.85
N ASP A 137 -21.23 -16.20 -7.57
CA ASP A 137 -21.84 -17.41 -7.08
C ASP A 137 -23.12 -17.67 -7.84
N GLY A 138 -23.27 -18.88 -8.37
CA GLY A 138 -24.48 -19.33 -9.01
C GLY A 138 -24.47 -19.22 -10.50
N LEU A 139 -23.45 -18.57 -11.06
CA LEU A 139 -23.48 -18.31 -12.52
C LEU A 139 -22.15 -18.65 -13.20
N PHE A 140 -22.23 -19.23 -14.40
CA PHE A 140 -21.02 -19.48 -15.20
C PHE A 140 -21.21 -18.69 -16.50
N LYS A 141 -20.32 -17.74 -16.76
CA LYS A 141 -20.47 -16.86 -17.95
C LYS A 141 -19.68 -17.46 -19.12
N VAL A 142 -20.33 -17.55 -20.28
CA VAL A 142 -19.67 -18.11 -21.48
C VAL A 142 -19.57 -17.01 -22.54
N ILE A 143 -18.36 -16.70 -22.99
CA ILE A 143 -18.19 -15.73 -24.10
C ILE A 143 -17.82 -16.55 -25.33
N PRO A 144 -18.70 -16.63 -26.34
CA PRO A 144 -18.43 -17.39 -27.58
C PRO A 144 -17.21 -16.78 -28.27
N LEU A 145 -16.33 -17.63 -28.79
CA LEU A 145 -15.08 -17.16 -29.42
C LEU A 145 -15.30 -17.08 -30.94
N ASP A 146 -16.55 -16.94 -31.36
CA ASP A 146 -16.87 -16.78 -32.80
C ASP A 146 -16.26 -15.46 -33.27
N ARG A 147 -15.85 -15.39 -34.55
CA ARG A 147 -15.15 -14.18 -35.07
C ARG A 147 -16.05 -12.96 -34.97
N ASP A 148 -17.36 -13.15 -35.19
CA ASP A 148 -18.33 -12.01 -35.17
C ASP A 148 -18.45 -11.38 -33.78
N ASN A 149 -18.15 -12.12 -32.69
CA ASN A 149 -18.37 -11.57 -31.33
C ASN A 149 -17.21 -10.66 -30.94
N LYS A 150 -17.15 -9.46 -31.52
CA LYS A 150 -16.05 -8.50 -31.25
C LYS A 150 -16.40 -7.63 -30.03
N GLU A 151 -17.62 -7.74 -29.54
CA GLU A 151 -18.03 -7.00 -28.32
C GLU A 151 -18.00 -7.97 -27.13
N LEU A 152 -17.52 -9.19 -27.37
CA LEU A 152 -17.39 -10.21 -26.28
C LEU A 152 -18.74 -10.36 -25.59
N LYS A 153 -19.82 -10.45 -26.38
CA LYS A 153 -21.17 -10.67 -25.82
C LYS A 153 -21.16 -12.05 -25.15
N ALA A 154 -21.87 -12.19 -24.03
CA ALA A 154 -21.80 -13.45 -23.25
C ALA A 154 -23.18 -13.88 -22.77
N PHE A 155 -23.30 -15.14 -22.38
CA PHE A 155 -24.57 -15.65 -21.80
C PHE A 155 -24.22 -16.33 -20.48
N ASN A 156 -25.17 -16.35 -19.55
CA ASN A 156 -24.91 -16.94 -18.21
C ASN A 156 -25.66 -18.26 -18.06
N ILE A 157 -24.98 -19.29 -17.55
CA ILE A 157 -25.65 -20.59 -17.26
C ILE A 157 -25.69 -20.73 -15.74
N ARG A 158 -26.87 -21.05 -15.19
CA ARG A 158 -27.01 -21.20 -13.72
C ARG A 158 -26.19 -22.41 -13.23
N LEU A 159 -25.56 -22.28 -12.07
CA LEU A 159 -24.75 -23.37 -11.49
C LEU A 159 -25.31 -23.69 -10.10
N GLU A 160 -26.09 -24.77 -9.98
CA GLU A 160 -26.66 -25.14 -8.68
C GLU A 160 -25.65 -25.01 -7.56
N GLU A 161 -24.44 -25.51 -7.78
CA GLU A 161 -23.40 -25.44 -6.74
C GLU A 161 -22.95 -23.98 -6.57
N LEU A 162 -23.19 -23.41 -5.39
CA LEU A 162 -22.96 -21.99 -5.20
C LEU A 162 -21.60 -21.66 -4.60
N HIS A 163 -20.80 -22.67 -4.20
CA HIS A 163 -19.48 -22.44 -3.59
C HIS A 163 -18.43 -23.27 -4.34
N VAL A 164 -18.01 -22.75 -5.48
CA VAL A 164 -17.01 -23.37 -6.33
C VAL A 164 -15.63 -22.90 -5.87
N ILE A 165 -14.72 -23.84 -5.67
CA ILE A 165 -13.34 -23.52 -5.29
C ILE A 165 -12.47 -23.30 -6.51
N ASP A 166 -12.59 -24.15 -7.53
CA ASP A 166 -11.75 -24.02 -8.72
C ASP A 166 -12.44 -24.79 -9.82
N VAL A 167 -12.20 -24.39 -11.08
CA VAL A 167 -12.79 -25.07 -12.23
C VAL A 167 -11.82 -24.99 -13.41
N LYS A 168 -11.83 -26.05 -14.24
CA LYS A 168 -11.10 -26.12 -15.49
C LYS A 168 -11.98 -26.75 -16.58
N PHE A 169 -11.67 -26.45 -17.83
CA PHE A 169 -12.15 -27.26 -18.95
C PHE A 169 -11.34 -28.56 -19.06
N LEU A 170 -12.03 -29.68 -19.26
CA LEU A 170 -11.30 -30.94 -19.46
C LEU A 170 -10.82 -31.07 -20.90
N TYR A 171 -9.80 -31.90 -21.09
CA TYR A 171 -9.33 -32.29 -22.41
C TYR A 171 -10.00 -33.58 -22.84
N GLY A 172 -9.91 -33.87 -24.13
CA GLY A 172 -10.35 -35.15 -24.65
C GLY A 172 -11.81 -35.47 -24.47
N CYS A 173 -12.68 -34.45 -24.49
CA CYS A 173 -14.11 -34.62 -24.36
C CYS A 173 -14.79 -34.26 -25.67
N GLN A 174 -15.98 -34.83 -25.91
CA GLN A 174 -16.68 -34.58 -27.16
C GLN A 174 -17.25 -33.15 -27.23
N ALA A 175 -17.68 -32.61 -26.10
CA ALA A 175 -18.20 -31.25 -26.04
C ALA A 175 -17.49 -30.53 -24.91
N PRO A 176 -17.41 -29.20 -24.97
CA PRO A 176 -16.72 -28.49 -23.89
C PRO A 176 -17.28 -28.94 -22.54
N THR A 177 -16.38 -29.22 -21.60
CA THR A 177 -16.73 -29.87 -20.35
C THR A 177 -15.93 -29.22 -19.22
N ILE A 178 -16.61 -28.78 -18.19
CA ILE A 178 -15.94 -28.20 -17.03
C ILE A 178 -15.85 -29.24 -15.93
N CYS A 179 -14.81 -29.09 -15.11
CA CYS A 179 -14.58 -29.94 -13.95
C CYS A 179 -14.28 -29.02 -12.78
N PHE A 180 -14.96 -29.21 -11.66
CA PHE A 180 -14.79 -28.23 -10.61
C PHE A 180 -14.96 -28.87 -9.25
N VAL A 181 -14.40 -28.19 -8.26
CA VAL A 181 -14.48 -28.56 -6.86
C VAL A 181 -15.42 -27.57 -6.19
N TYR A 182 -16.33 -28.08 -5.38
CA TYR A 182 -17.27 -27.24 -4.68
C TYR A 182 -17.48 -27.78 -3.28
N GLN A 183 -17.99 -26.91 -2.41
CA GLN A 183 -18.34 -27.28 -1.04
C GLN A 183 -19.81 -27.01 -0.77
N ASP A 184 -20.41 -27.92 0.00
CA ASP A 184 -21.76 -27.74 0.50
C ASP A 184 -21.81 -28.37 1.88
N PRO A 185 -22.92 -28.20 2.61
CA PRO A 185 -23.04 -28.82 3.94
C PRO A 185 -22.61 -30.28 4.03
N GLN A 186 -22.83 -31.07 2.99
CA GLN A 186 -22.43 -32.47 3.03
C GLN A 186 -20.94 -32.69 2.77
N GLY A 187 -20.17 -31.62 2.55
CA GLY A 187 -18.73 -31.77 2.34
C GLY A 187 -18.16 -31.11 1.11
N ARG A 188 -17.00 -31.63 0.66
CA ARG A 188 -16.31 -31.08 -0.50
C ARG A 188 -16.25 -32.13 -1.59
N HIS A 189 -16.64 -31.74 -2.80
CA HIS A 189 -16.85 -32.68 -3.88
C HIS A 189 -16.27 -32.13 -5.18
N VAL A 190 -16.22 -33.01 -6.18
CA VAL A 190 -15.81 -32.63 -7.51
C VAL A 190 -16.88 -33.14 -8.46
N LYS A 191 -17.19 -32.33 -9.47
CA LYS A 191 -18.26 -32.60 -10.41
C LYS A 191 -17.82 -32.16 -11.79
N THR A 192 -18.53 -32.64 -12.81
CA THR A 192 -18.37 -32.19 -14.17
C THR A 192 -19.73 -31.82 -14.76
N TYR A 193 -19.71 -30.94 -15.76
CA TYR A 193 -20.87 -30.60 -16.60
C TYR A 193 -20.39 -30.48 -18.04
N GLU A 194 -21.17 -30.98 -18.97
CA GLU A 194 -20.97 -30.58 -20.36
C GLU A 194 -21.69 -29.26 -20.62
N VAL A 195 -21.14 -28.48 -21.54
CA VAL A 195 -21.79 -27.25 -21.99
C VAL A 195 -22.48 -27.58 -23.30
N SER A 196 -23.82 -27.49 -23.31
CA SER A 196 -24.58 -27.68 -24.54
C SER A 196 -24.49 -26.41 -25.39
N LEU A 197 -23.82 -26.50 -26.53
CA LEU A 197 -23.67 -25.35 -27.42
C LEU A 197 -25.02 -24.90 -27.98
N ARG A 198 -25.91 -25.85 -28.32
CA ARG A 198 -27.20 -25.46 -28.89
C ARG A 198 -28.10 -24.85 -27.83
N GLU A 199 -28.17 -25.46 -26.65
CA GLU A 199 -29.10 -25.02 -25.61
C GLU A 199 -28.55 -23.92 -24.70
N LYS A 200 -27.25 -23.63 -24.76
CA LYS A 200 -26.64 -22.64 -23.87
C LYS A 200 -26.89 -23.01 -22.42
N GLU A 201 -26.65 -24.28 -22.11
CA GLU A 201 -27.05 -24.83 -20.83
C GLU A 201 -26.06 -25.94 -20.46
N PHE A 202 -26.08 -26.33 -19.18
CA PHE A 202 -25.32 -27.49 -18.72
C PHE A 202 -26.07 -28.79 -18.98
N ASN A 203 -25.34 -29.81 -19.42
CA ASN A 203 -25.78 -31.20 -19.46
C ASN A 203 -24.98 -32.01 -18.45
N LYS A 204 -25.52 -33.15 -18.04
CA LYS A 204 -24.81 -33.98 -17.07
C LYS A 204 -23.40 -34.28 -17.59
N GLY A 205 -22.42 -34.22 -16.69
CA GLY A 205 -21.05 -34.45 -17.08
C GLY A 205 -20.72 -35.94 -17.18
N PRO A 206 -19.51 -36.23 -17.66
CA PRO A 206 -19.09 -37.64 -17.76
C PRO A 206 -18.84 -38.33 -16.41
N TRP A 207 -18.41 -37.61 -15.37
CA TRP A 207 -18.13 -38.27 -14.10
C TRP A 207 -18.19 -37.27 -12.96
N LYS A 208 -18.22 -37.82 -11.74
CA LYS A 208 -18.19 -37.00 -10.53
C LYS A 208 -17.65 -37.85 -9.39
N GLN A 209 -17.23 -37.16 -8.33
CA GLN A 209 -16.73 -37.86 -7.15
C GLN A 209 -17.06 -37.00 -5.95
N GLU A 210 -17.85 -37.53 -5.04
CA GLU A 210 -18.24 -36.78 -3.85
C GLU A 210 -17.35 -37.15 -2.67
N ASN A 211 -17.28 -36.21 -1.72
CA ASN A 211 -16.50 -36.38 -0.50
C ASN A 211 -15.01 -36.56 -0.78
N VAL A 212 -14.45 -35.63 -1.55
CA VAL A 212 -12.98 -35.64 -1.79
C VAL A 212 -12.33 -34.99 -0.55
N GLU A 213 -11.03 -34.69 -0.61
CA GLU A 213 -10.34 -34.14 0.59
C GLU A 213 -11.02 -32.84 1.03
N ALA A 214 -11.16 -32.63 2.33
CA ALA A 214 -11.83 -31.42 2.86
C ALA A 214 -11.10 -30.16 2.39
N GLU A 215 -9.80 -30.27 2.12
CA GLU A 215 -9.07 -29.09 1.70
C GLU A 215 -8.67 -29.16 0.23
N ALA A 216 -9.35 -30.01 -0.54
CA ALA A 216 -9.15 -30.02 -1.99
C ALA A 216 -9.36 -28.62 -2.53
N SER A 217 -8.34 -28.06 -3.18
CA SER A 217 -8.40 -26.66 -3.54
C SER A 217 -7.98 -26.37 -4.95
N MET A 218 -7.45 -27.34 -5.69
CA MET A 218 -6.85 -27.04 -6.99
C MET A 218 -7.21 -28.11 -7.99
N VAL A 219 -7.62 -27.67 -9.19
CA VAL A 219 -8.00 -28.56 -10.28
C VAL A 219 -6.97 -28.42 -11.38
N ILE A 220 -6.45 -29.55 -11.87
CA ILE A 220 -5.54 -29.56 -13.01
C ILE A 220 -6.13 -30.50 -14.07
N ALA A 221 -6.32 -29.97 -15.27
CA ALA A 221 -6.88 -30.73 -16.37
C ALA A 221 -5.72 -31.38 -17.11
N VAL A 222 -5.74 -32.70 -17.18
CA VAL A 222 -4.66 -33.48 -17.77
C VAL A 222 -4.93 -33.64 -19.26
N PRO A 223 -3.95 -33.38 -20.14
CA PRO A 223 -4.22 -33.47 -21.58
C PRO A 223 -4.34 -34.91 -22.05
N GLU A 224 -4.57 -35.06 -23.35
CA GLU A 224 -4.58 -36.43 -23.92
C GLU A 224 -3.14 -36.92 -23.96
N PRO A 225 -2.87 -38.23 -23.81
CA PRO A 225 -3.85 -39.29 -24.12
C PRO A 225 -4.68 -39.67 -22.90
N PHE A 226 -4.24 -39.29 -21.71
CA PHE A 226 -4.91 -39.72 -20.46
C PHE A 226 -6.18 -38.93 -20.16
N GLY A 227 -6.20 -37.61 -20.39
CA GLY A 227 -7.37 -36.85 -19.94
C GLY A 227 -7.59 -36.92 -18.42
N GLY A 228 -8.77 -36.48 -18.00
CA GLY A 228 -9.11 -36.49 -16.57
C GLY A 228 -8.66 -35.24 -15.83
N ALA A 229 -8.63 -35.35 -14.51
CA ALA A 229 -8.28 -34.22 -13.67
C ALA A 229 -7.46 -34.66 -12.46
N ILE A 230 -6.47 -33.86 -12.11
CA ILE A 230 -5.73 -33.97 -10.86
C ILE A 230 -6.34 -33.02 -9.85
N ILE A 231 -6.54 -33.49 -8.62
CA ILE A 231 -7.07 -32.66 -7.54
C ILE A 231 -6.02 -32.59 -6.43
N ILE A 232 -5.57 -31.39 -6.09
CA ILE A 232 -4.59 -31.18 -5.03
C ILE A 232 -5.34 -30.71 -3.78
N GLY A 233 -5.13 -31.42 -2.68
CA GLY A 233 -5.58 -30.98 -1.37
C GLY A 233 -4.40 -30.63 -0.49
N GLN A 234 -4.59 -30.68 0.82
CA GLN A 234 -3.53 -30.32 1.74
C GLN A 234 -2.63 -31.50 2.07
N GLU A 235 -3.19 -32.70 2.09
CA GLU A 235 -2.44 -33.91 2.37
C GLU A 235 -2.47 -34.92 1.24
N SER A 236 -3.27 -34.72 0.20
CA SER A 236 -3.42 -35.76 -0.80
C SER A 236 -3.44 -35.14 -2.19
N ILE A 237 -3.20 -36.00 -3.17
CA ILE A 237 -3.27 -35.67 -4.59
C ILE A 237 -4.01 -36.83 -5.26
N THR A 238 -5.15 -36.54 -5.87
CA THR A 238 -5.93 -37.59 -6.50
C THR A 238 -6.06 -37.35 -8.01
N TYR A 239 -6.33 -38.45 -8.72
CA TYR A 239 -6.61 -38.42 -10.15
C TYR A 239 -7.98 -39.02 -10.41
N HIS A 240 -8.69 -38.42 -11.36
CA HIS A 240 -10.08 -38.78 -11.66
C HIS A 240 -10.28 -38.78 -13.16
N ASN A 241 -11.00 -39.80 -13.65
CA ASN A 241 -11.41 -39.87 -15.06
C ASN A 241 -12.76 -40.62 -15.01
N GLY A 242 -13.31 -41.05 -16.13
CA GLY A 242 -14.66 -41.65 -16.07
C GLY A 242 -14.73 -42.89 -15.20
N ASP A 243 -13.78 -43.82 -15.36
CA ASP A 243 -13.79 -45.09 -14.59
C ASP A 243 -12.49 -45.24 -13.81
N LYS A 244 -11.73 -44.15 -13.67
CA LYS A 244 -10.39 -44.30 -13.03
C LYS A 244 -10.25 -43.41 -11.80
N TYR A 245 -9.61 -43.93 -10.74
CA TYR A 245 -9.34 -43.16 -9.54
C TYR A 245 -8.00 -43.59 -8.97
N LEU A 246 -7.14 -42.61 -8.67
CA LEU A 246 -5.86 -42.82 -7.99
C LEU A 246 -5.74 -41.85 -6.83
N ALA A 247 -4.97 -42.23 -5.82
CA ALA A 247 -4.79 -41.36 -4.67
C ALA A 247 -3.43 -41.62 -4.04
N ILE A 248 -2.72 -40.55 -3.73
CA ILE A 248 -1.47 -40.63 -2.99
C ILE A 248 -1.50 -39.56 -1.90
N ALA A 249 -0.77 -39.82 -0.83
CA ALA A 249 -0.63 -38.88 0.28
C ALA A 249 0.81 -38.98 0.78
N PRO A 250 1.76 -38.56 -0.04
CA PRO A 250 3.16 -38.78 0.29
C PRO A 250 3.55 -37.93 1.48
N PRO A 251 4.40 -38.44 2.35
CA PRO A 251 4.88 -37.62 3.46
C PRO A 251 5.56 -36.34 3.00
N ILE A 252 6.18 -36.36 1.83
CA ILE A 252 7.02 -35.24 1.39
C ILE A 252 6.23 -33.93 1.27
N ILE A 253 4.90 -33.98 1.10
CA ILE A 253 4.07 -32.78 0.96
C ILE A 253 3.24 -32.52 2.20
N LYS A 254 3.53 -33.20 3.30
CA LYS A 254 2.79 -33.00 4.54
C LYS A 254 2.87 -31.56 5.04
N GLN A 255 4.06 -30.95 4.99
CA GLN A 255 4.36 -29.77 5.80
C GLN A 255 3.69 -28.48 5.31
N SER A 256 3.45 -28.33 4.01
CA SER A 256 2.92 -27.04 3.56
C SER A 256 1.87 -27.26 2.48
N THR A 257 1.10 -26.22 2.23
CA THR A 257 0.01 -26.25 1.27
C THR A 257 0.52 -25.96 -0.14
N ILE A 258 0.22 -26.86 -1.07
CA ILE A 258 0.48 -26.60 -2.47
C ILE A 258 -0.50 -25.52 -2.95
N VAL A 259 0.02 -24.47 -3.62
CA VAL A 259 -0.84 -23.38 -4.04
C VAL A 259 -0.67 -22.96 -5.48
N CYS A 260 0.37 -23.43 -6.17
CA CYS A 260 0.44 -23.19 -7.59
C CYS A 260 0.99 -24.41 -8.31
N HIS A 261 0.78 -24.45 -9.62
CA HIS A 261 1.22 -25.59 -10.40
C HIS A 261 1.50 -25.14 -11.83
N ASN A 262 2.15 -26.03 -12.58
CA ASN A 262 2.40 -25.76 -13.98
C ASN A 262 2.74 -27.06 -14.70
N ARG A 263 2.23 -27.21 -15.92
CA ARG A 263 2.50 -28.39 -16.73
C ARG A 263 3.85 -28.26 -17.41
N VAL A 264 4.68 -29.31 -17.31
CA VAL A 264 6.01 -29.27 -17.89
C VAL A 264 6.00 -29.69 -19.37
N ASP A 265 5.53 -30.90 -19.69
CA ASP A 265 5.48 -31.28 -21.09
C ASP A 265 4.06 -31.41 -21.64
N PRO A 266 3.89 -31.26 -22.95
CA PRO A 266 2.52 -31.18 -23.52
C PRO A 266 1.63 -32.36 -23.17
N ASN A 267 2.18 -33.53 -22.91
CA ASN A 267 1.35 -34.70 -22.69
C ASN A 267 1.00 -34.94 -21.22
N GLY A 268 1.42 -34.08 -20.30
CA GLY A 268 0.97 -34.21 -18.93
C GLY A 268 1.72 -35.17 -18.05
N SER A 269 2.85 -35.72 -18.52
CA SER A 269 3.65 -36.62 -17.71
C SER A 269 4.10 -35.96 -16.41
N ARG A 270 4.42 -34.66 -16.44
CA ARG A 270 5.06 -33.98 -15.31
C ARG A 270 4.48 -32.60 -15.07
N TYR A 271 4.27 -32.27 -13.79
CA TYR A 271 3.86 -30.95 -13.31
C TYR A 271 4.80 -30.43 -12.24
N LEU A 272 5.03 -29.12 -12.26
CA LEU A 272 5.68 -28.43 -11.16
C LEU A 272 4.65 -27.96 -10.14
N LEU A 273 5.03 -28.02 -8.87
CA LEU A 273 4.12 -27.65 -7.78
C LEU A 273 4.91 -26.83 -6.77
N GLY A 274 4.34 -25.72 -6.33
CA GLY A 274 4.96 -24.88 -5.31
C GLY A 274 4.04 -24.77 -4.10
N ASP A 275 4.63 -24.82 -2.91
CA ASP A 275 3.89 -24.62 -1.67
C ASP A 275 4.18 -23.24 -1.10
N MET A 276 3.45 -22.87 -0.02
CA MET A 276 3.51 -21.49 0.45
C MET A 276 4.84 -21.16 1.09
N GLU A 277 5.77 -22.09 1.16
CA GLU A 277 7.02 -21.86 1.86
C GLU A 277 8.20 -21.99 0.94
N GLY A 278 7.98 -22.05 -0.37
CA GLY A 278 9.05 -22.08 -1.35
C GLY A 278 9.56 -23.45 -1.73
N ARG A 279 8.93 -24.53 -1.27
CA ARG A 279 9.30 -25.84 -1.79
C ARG A 279 8.77 -26.00 -3.22
N LEU A 280 9.65 -26.55 -4.07
CA LEU A 280 9.26 -26.84 -5.47
C LEU A 280 9.21 -28.36 -5.60
N PHE A 281 8.12 -28.89 -6.17
CA PHE A 281 7.94 -30.36 -6.27
C PHE A 281 7.67 -30.75 -7.69
N MET A 282 8.02 -31.98 -8.07
CA MET A 282 7.65 -32.47 -9.41
C MET A 282 6.57 -33.54 -9.23
N LEU A 283 5.43 -33.39 -9.91
CA LEU A 283 4.37 -34.42 -9.86
C LEU A 283 4.52 -35.26 -11.12
N LEU A 284 4.66 -36.57 -10.96
CA LEU A 284 4.90 -37.44 -12.14
C LEU A 284 3.70 -38.38 -12.30
N LEU A 285 3.15 -38.45 -13.51
CA LEU A 285 2.06 -39.42 -13.78
C LEU A 285 2.72 -40.66 -14.36
N GLU A 286 2.57 -41.80 -13.70
CA GLU A 286 3.30 -43.03 -14.15
C GLU A 286 2.37 -43.83 -15.07
N LYS A 287 2.90 -44.21 -16.24
CA LYS A 287 2.07 -44.92 -17.24
C LYS A 287 2.45 -46.40 -17.30
N GLU A 288 1.44 -47.28 -17.31
CA GLU A 288 1.68 -48.74 -17.41
C GLU A 288 1.17 -49.25 -18.77
N VAL A 295 -1.84 -47.31 -23.45
CA VAL A 295 -1.09 -46.70 -22.32
C VAL A 295 -2.08 -46.27 -21.23
N THR A 296 -1.84 -46.67 -19.99
CA THR A 296 -2.78 -46.36 -18.89
C THR A 296 -2.04 -45.66 -17.78
N LEU A 297 -2.73 -44.82 -17.01
CA LEU A 297 -2.10 -44.14 -15.85
C LEU A 297 -2.17 -45.09 -14.65
N LYS A 298 -1.01 -45.49 -14.12
CA LYS A 298 -0.99 -46.48 -13.00
C LYS A 298 -0.85 -45.80 -11.63
N ASP A 299 -0.02 -44.77 -11.53
CA ASP A 299 0.21 -44.17 -10.18
C ASP A 299 0.72 -42.73 -10.28
N LEU A 300 0.71 -42.03 -9.15
CA LEU A 300 1.22 -40.64 -9.09
C LEU A 300 2.41 -40.61 -8.12
N ARG A 301 3.48 -39.90 -8.48
CA ARG A 301 4.68 -39.78 -7.61
C ARG A 301 5.04 -38.30 -7.41
N VAL A 302 5.46 -37.92 -6.21
CA VAL A 302 5.89 -36.52 -5.95
C VAL A 302 7.37 -36.52 -5.53
N GLU A 303 8.17 -35.65 -6.16
CA GLU A 303 9.61 -35.53 -5.82
C GLU A 303 9.90 -34.08 -5.38
N LEU A 304 10.60 -33.91 -4.26
CA LEU A 304 11.00 -32.54 -3.85
C LEU A 304 12.24 -32.15 -4.66
N LEU A 305 12.16 -31.04 -5.39
CA LEU A 305 13.26 -30.62 -6.28
C LEU A 305 14.18 -29.64 -5.53
N GLY A 306 13.67 -28.96 -4.50
CA GLY A 306 14.49 -27.94 -3.83
C GLY A 306 13.70 -26.75 -3.36
N GLU A 307 14.39 -25.64 -3.10
CA GLU A 307 13.72 -24.43 -2.53
C GLU A 307 13.81 -23.25 -3.50
N THR A 308 12.72 -22.51 -3.65
CA THR A 308 12.68 -21.34 -4.54
C THR A 308 12.09 -20.22 -3.75
N SER A 309 12.02 -19.02 -4.33
CA SER A 309 11.30 -17.94 -3.62
C SER A 309 9.85 -18.40 -3.47
N ILE A 310 9.14 -17.96 -2.43
CA ILE A 310 7.70 -18.35 -2.34
C ILE A 310 7.08 -17.95 -3.67
N ALA A 311 6.35 -18.87 -4.30
CA ALA A 311 5.89 -18.59 -5.69
C ALA A 311 4.39 -18.42 -5.82
N GLU A 312 3.95 -17.26 -6.32
CA GLU A 312 2.53 -17.09 -6.67
C GLU A 312 2.26 -17.90 -7.95
N CYS A 313 3.21 -17.85 -8.89
CA CYS A 313 3.03 -18.54 -10.19
C CYS A 313 4.34 -19.22 -10.62
N LEU A 314 4.23 -20.38 -11.28
CA LEU A 314 5.43 -21.09 -11.80
C LEU A 314 5.22 -21.32 -13.30
N THR A 315 6.22 -21.03 -14.11
CA THR A 315 6.09 -21.35 -15.54
C THR A 315 7.34 -22.07 -16.03
N TYR A 316 7.19 -23.26 -16.59
CA TYR A 316 8.35 -23.95 -17.21
C TYR A 316 8.59 -23.29 -18.55
N LEU A 317 9.86 -23.06 -18.87
CA LEU A 317 10.18 -22.36 -20.14
C LEU A 317 10.80 -23.38 -21.10
N ASP A 318 12.11 -23.57 -21.05
CA ASP A 318 12.77 -24.61 -21.87
C ASP A 318 14.15 -24.89 -21.27
N ASN A 319 14.77 -26.02 -21.63
CA ASN A 319 16.16 -26.32 -21.18
C ASN A 319 16.24 -26.40 -19.65
N GLY A 320 15.20 -26.92 -18.99
CA GLY A 320 15.24 -27.10 -17.53
C GLY A 320 15.16 -25.77 -16.80
N VAL A 321 14.72 -24.73 -17.49
CA VAL A 321 14.64 -23.37 -16.87
C VAL A 321 13.19 -23.09 -16.47
N VAL A 322 12.98 -22.69 -15.22
CA VAL A 322 11.61 -22.41 -14.73
C VAL A 322 11.55 -20.96 -14.23
N PHE A 323 10.53 -20.21 -14.63
CA PHE A 323 10.36 -18.84 -14.10
C PHE A 323 9.53 -18.93 -12.82
N VAL A 324 10.05 -18.36 -11.75
CA VAL A 324 9.29 -18.34 -10.47
C VAL A 324 8.77 -16.91 -10.28
N GLY A 325 7.45 -16.74 -10.30
CA GLY A 325 6.85 -15.42 -10.04
C GLY A 325 6.54 -15.28 -8.58
N SER A 326 7.04 -14.21 -7.94
CA SER A 326 6.84 -14.06 -6.48
C SER A 326 6.17 -12.73 -6.13
N ARG A 327 5.25 -12.75 -5.18
CA ARG A 327 4.64 -11.51 -4.67
C ARG A 327 5.25 -11.20 -3.31
N LEU A 328 5.69 -12.24 -2.58
CA LEU A 328 6.24 -12.08 -1.22
C LEU A 328 7.76 -11.87 -1.26
N GLY A 329 8.38 -12.11 -2.41
CA GLY A 329 9.84 -12.00 -2.51
C GLY A 329 10.28 -11.77 -3.93
N ASP A 330 11.58 -11.87 -4.18
CA ASP A 330 12.15 -11.65 -5.53
C ASP A 330 11.73 -12.77 -6.50
N SER A 331 11.38 -12.40 -7.73
CA SER A 331 11.07 -13.41 -8.77
C SER A 331 12.40 -14.01 -9.25
N GLN A 332 12.36 -15.24 -9.80
CA GLN A 332 13.64 -15.89 -10.15
C GLN A 332 13.59 -16.74 -11.42
N LEU A 333 14.74 -16.94 -12.05
CA LEU A 333 14.85 -17.91 -13.16
C LEU A 333 15.65 -19.07 -12.54
N VAL A 334 15.10 -20.28 -12.52
CA VAL A 334 15.79 -21.40 -11.82
C VAL A 334 16.04 -22.55 -12.81
N LYS A 335 17.10 -23.33 -12.58
CA LYS A 335 17.47 -24.42 -13.50
C LYS A 335 17.29 -25.79 -12.83
N LEU A 336 16.58 -26.70 -13.50
CA LEU A 336 16.49 -28.08 -12.98
C LEU A 336 17.75 -28.81 -13.45
N ASN A 337 18.49 -29.42 -12.53
CA ASN A 337 19.81 -30.02 -12.86
C ASN A 337 19.69 -31.34 -13.63
N VAL A 338 20.78 -31.76 -14.28
CA VAL A 338 20.77 -32.99 -15.13
C VAL A 338 21.43 -34.17 -14.37
N ASP A 339 21.68 -34.03 -13.07
CA ASP A 339 22.37 -35.09 -12.29
C ASP A 339 21.31 -35.95 -11.59
N SER A 340 20.11 -36.05 -12.16
CA SER A 340 19.00 -36.76 -11.47
C SER A 340 19.36 -38.21 -11.17
N ASN A 341 20.04 -38.91 -12.09
CA ASN A 341 20.31 -40.35 -11.87
C ASN A 341 21.21 -40.56 -10.64
N GLU A 342 22.24 -39.72 -10.49
CA GLU A 342 23.21 -39.93 -9.37
C GLU A 342 22.88 -39.03 -8.17
N GLN A 343 22.62 -37.74 -8.39
CA GLN A 343 22.43 -36.82 -7.25
C GLN A 343 20.94 -36.66 -6.92
N GLY A 344 20.06 -37.18 -7.76
CA GLY A 344 18.61 -36.92 -7.55
C GLY A 344 18.23 -35.59 -8.17
N SER A 345 16.98 -35.17 -8.02
CA SER A 345 16.52 -33.94 -8.71
C SER A 345 16.76 -32.70 -7.83
N TYR A 346 17.49 -31.71 -8.35
CA TYR A 346 17.82 -30.48 -7.57
C TYR A 346 17.55 -29.24 -8.41
N VAL A 347 17.28 -28.10 -7.75
CA VAL A 347 17.05 -26.82 -8.48
C VAL A 347 18.16 -25.83 -8.10
N VAL A 348 18.73 -25.13 -9.09
CA VAL A 348 19.78 -24.10 -8.81
C VAL A 348 19.33 -22.76 -9.41
N ALA A 349 19.41 -21.69 -8.62
CA ALA A 349 19.00 -20.34 -9.10
C ALA A 349 19.99 -19.83 -10.14
N MET A 350 19.50 -19.20 -11.21
CA MET A 350 20.43 -18.61 -12.21
C MET A 350 20.21 -17.11 -12.34
N GLU A 351 19.00 -16.60 -12.08
CA GLU A 351 18.77 -15.14 -12.12
C GLU A 351 17.77 -14.72 -11.03
N THR A 352 17.94 -13.51 -10.50
CA THR A 352 17.02 -12.98 -9.47
C THR A 352 16.45 -11.67 -9.99
N PHE A 353 15.15 -11.46 -9.81
CA PHE A 353 14.50 -10.20 -10.26
C PHE A 353 13.95 -9.47 -9.05
N THR A 354 14.31 -8.20 -8.89
CA THR A 354 13.88 -7.39 -7.74
C THR A 354 12.37 -7.33 -7.59
N ASN A 355 11.88 -7.69 -6.41
CA ASN A 355 10.50 -7.40 -6.02
C ASN A 355 10.52 -6.66 -4.70
N LEU A 356 9.97 -5.44 -4.67
CA LEU A 356 9.86 -4.68 -3.41
C LEU A 356 8.65 -5.05 -2.57
N GLY A 357 7.68 -5.77 -3.12
CA GLY A 357 6.44 -6.01 -2.43
C GLY A 357 6.43 -7.20 -1.49
N PRO A 358 5.55 -7.17 -0.49
CA PRO A 358 4.75 -6.03 -0.05
C PRO A 358 5.65 -5.05 0.67
N ILE A 359 5.47 -3.76 0.41
CA ILE A 359 6.05 -2.72 1.24
C ILE A 359 5.10 -2.50 2.41
N VAL A 360 5.51 -2.93 3.61
CA VAL A 360 4.65 -2.83 4.78
C VAL A 360 4.94 -1.58 5.60
N ASP A 361 6.09 -0.94 5.37
CA ASP A 361 6.50 0.31 6.02
C ASP A 361 7.70 0.81 5.26
N MET A 362 7.99 2.10 5.40
CA MET A 362 9.22 2.65 4.84
C MET A 362 9.54 3.96 5.56
N CYS A 363 10.76 4.45 5.32
CA CYS A 363 11.20 5.71 5.89
C CYS A 363 12.20 6.33 4.94
N VAL A 364 12.39 7.64 5.09
CA VAL A 364 13.31 8.38 4.19
C VAL A 364 14.54 8.87 4.98
N VAL A 365 15.71 8.84 4.36
CA VAL A 365 16.97 9.31 5.03
C VAL A 365 17.56 10.41 4.14
N ASP A 366 18.28 11.38 4.74
CA ASP A 366 18.86 12.52 3.98
C ASP A 366 17.76 13.29 3.26
N LEU A 367 16.69 13.66 3.97
CA LEU A 367 15.52 14.34 3.32
C LEU A 367 15.97 15.65 2.65
N GLU A 368 16.97 16.34 3.20
CA GLU A 368 17.42 17.63 2.62
C GLU A 368 17.82 17.39 1.16
N ARG A 369 17.49 18.31 0.26
CA ARG A 369 17.72 18.08 -1.20
C ARG A 369 19.14 18.46 -1.64
N GLN A 370 19.99 18.95 -0.73
CA GLN A 370 21.39 19.24 -1.15
C GLN A 370 21.96 17.90 -1.63
N GLY A 371 21.69 16.81 -0.91
CA GLY A 371 22.10 15.47 -1.38
C GLY A 371 20.83 14.64 -1.48
N GLN A 372 20.55 14.02 -2.63
CA GLN A 372 19.26 13.32 -2.81
C GLN A 372 19.03 12.31 -1.65
N GLY A 373 17.79 12.22 -1.16
CA GLY A 373 17.46 11.30 -0.05
C GLY A 373 17.29 9.87 -0.50
N GLN A 374 17.41 8.92 0.43
CA GLN A 374 17.24 7.48 0.09
C GLN A 374 15.99 6.94 0.81
N LEU A 375 15.27 6.01 0.18
CA LEU A 375 14.08 5.40 0.79
C LEU A 375 14.44 3.98 1.25
N VAL A 376 14.17 3.68 2.52
CA VAL A 376 14.43 2.30 3.04
C VAL A 376 13.06 1.66 3.31
N THR A 377 12.84 0.46 2.78
CA THR A 377 11.51 -0.15 2.89
C THR A 377 11.54 -1.45 3.65
N CYS A 378 10.53 -1.72 4.46
CA CYS A 378 10.40 -3.06 5.06
C CYS A 378 9.72 -3.85 3.94
N SER A 379 10.43 -4.80 3.34
CA SER A 379 9.86 -5.47 2.14
C SER A 379 9.79 -6.98 2.30
N GLY A 380 8.77 -7.59 1.70
CA GLY A 380 8.66 -9.05 1.71
C GLY A 380 8.06 -9.61 2.98
N ALA A 381 8.01 -10.93 3.08
CA ALA A 381 7.50 -11.59 4.31
C ALA A 381 8.22 -12.92 4.50
N PHE A 382 8.30 -13.40 5.74
CA PHE A 382 8.90 -14.72 6.04
C PHE A 382 10.35 -14.78 5.59
N LYS A 383 10.74 -15.87 4.93
CA LYS A 383 12.15 -16.07 4.51
C LYS A 383 12.54 -15.00 3.50
N GLU A 384 11.56 -14.47 2.77
CA GLU A 384 11.81 -13.45 1.72
C GLU A 384 11.88 -12.04 2.34
N GLY A 385 11.64 -11.92 3.64
CA GLY A 385 11.62 -10.60 4.29
C GLY A 385 12.94 -9.89 4.14
N SER A 386 12.91 -8.59 3.86
CA SER A 386 14.16 -7.86 3.56
C SER A 386 14.04 -6.36 3.81
N LEU A 387 15.17 -5.69 3.87
CA LEU A 387 15.15 -4.21 3.90
C LEU A 387 15.67 -3.79 2.52
N ARG A 388 14.95 -2.92 1.84
CA ARG A 388 15.38 -2.47 0.49
C ARG A 388 15.80 -0.99 0.59
N ILE A 389 17.05 -0.69 0.20
CA ILE A 389 17.54 0.72 0.24
C ILE A 389 17.51 1.23 -1.21
N ILE A 390 16.70 2.24 -1.48
CA ILE A 390 16.52 2.70 -2.89
C ILE A 390 17.14 4.09 -3.04
N ARG A 391 18.05 4.25 -4.00
CA ARG A 391 18.70 5.55 -4.26
C ARG A 391 18.74 5.77 -5.78
N ASN A 392 18.51 7.01 -6.22
CA ASN A 392 18.59 7.34 -7.66
C ASN A 392 19.94 8.03 -7.89
N GLY A 393 20.71 7.54 -8.86
CA GLY A 393 22.05 8.12 -9.07
C GLY A 393 22.73 7.54 -10.30
N ILE A 394 23.94 8.00 -10.58
CA ILE A 394 24.72 7.42 -11.71
C ILE A 394 25.60 6.30 -11.14
N GLY A 395 25.40 5.08 -11.62
CA GLY A 395 26.19 3.94 -11.15
C GLY A 395 27.52 3.84 -11.86
N ILE A 396 28.52 3.26 -11.19
CA ILE A 396 29.84 3.04 -11.85
C ILE A 396 30.14 1.54 -11.79
N HIS A 397 30.44 0.93 -12.94
N HIS A 397 30.46 0.94 -12.93
CA HIS A 397 30.79 -0.52 -12.97
CA HIS A 397 30.80 -0.51 -12.95
C HIS A 397 32.28 -0.64 -12.67
C HIS A 397 32.29 -0.64 -12.66
N GLU A 398 32.62 -1.19 -11.48
CA GLU A 398 34.04 -1.32 -11.08
C GLU A 398 34.66 -2.51 -11.82
N HIS A 399 35.84 -2.30 -12.40
CA HIS A 399 36.54 -3.37 -13.16
C HIS A 399 37.79 -3.79 -12.39
N ALA A 400 38.34 -2.89 -11.58
CA ALA A 400 39.59 -3.18 -10.85
C ALA A 400 39.69 -2.38 -9.55
N SER A 401 40.34 -2.96 -8.53
CA SER A 401 40.58 -2.24 -7.26
C SER A 401 42.06 -2.37 -6.89
N ILE A 402 42.71 -1.27 -6.52
CA ILE A 402 44.14 -1.34 -6.09
C ILE A 402 44.27 -0.71 -4.69
N ASP A 403 44.96 -1.39 -3.78
CA ASP A 403 45.15 -0.88 -2.40
C ASP A 403 46.37 0.03 -2.34
N LEU A 404 46.19 1.33 -2.62
CA LEU A 404 47.29 2.31 -2.44
C LEU A 404 46.71 3.46 -1.60
N PRO A 405 47.13 3.61 -0.33
CA PRO A 405 46.58 4.68 0.58
C PRO A 405 47.25 6.03 0.35
N GLY A 406 46.55 7.12 0.68
CA GLY A 406 47.16 8.46 0.62
C GLY A 406 47.15 9.13 -0.76
N ILE A 407 46.41 8.61 -1.73
CA ILE A 407 46.49 9.22 -3.09
C ILE A 407 46.01 10.67 -2.99
N LYS A 408 46.75 11.59 -3.59
CA LYS A 408 46.39 13.03 -3.55
C LYS A 408 46.13 13.56 -4.97
N GLY A 409 46.44 12.76 -6.00
CA GLY A 409 46.13 13.17 -7.38
C GLY A 409 46.14 12.01 -8.35
N LEU A 410 45.41 12.13 -9.47
CA LEU A 410 45.40 11.09 -10.51
C LEU A 410 45.58 11.76 -11.88
N TRP A 411 46.52 11.27 -12.70
CA TRP A 411 46.65 11.85 -14.07
C TRP A 411 46.83 10.75 -15.12
N PRO A 412 46.04 10.75 -16.21
CA PRO A 412 46.22 9.79 -17.33
C PRO A 412 47.40 10.24 -18.20
N LEU A 413 48.15 9.28 -18.76
CA LEU A 413 49.28 9.63 -19.64
C LEU A 413 49.45 8.58 -20.74
N ARG A 414 49.96 8.98 -21.91
CA ARG A 414 50.26 8.01 -22.99
C ARG A 414 51.77 7.99 -23.19
N SER A 415 52.44 6.92 -22.75
CA SER A 415 53.92 6.82 -22.88
C SER A 415 54.31 6.76 -24.36
N ASP A 416 53.54 6.05 -25.17
CA ASP A 416 53.89 5.86 -26.61
C ASP A 416 53.17 6.91 -27.45
N PRO A 417 53.88 7.78 -28.18
CA PRO A 417 53.27 8.85 -29.03
C PRO A 417 52.41 8.22 -30.12
N ASN A 418 52.88 7.10 -30.67
CA ASN A 418 52.13 6.41 -31.76
C ASN A 418 50.78 5.93 -31.24
N ARG A 419 50.71 5.44 -30.00
CA ARG A 419 49.44 4.84 -29.49
C ARG A 419 48.46 5.90 -28.97
N GLU A 420 47.21 5.85 -29.42
CA GLU A 420 46.14 6.77 -28.95
C GLU A 420 45.73 6.49 -27.49
N THR A 421 45.70 5.22 -27.08
CA THR A 421 45.21 4.86 -25.73
C THR A 421 46.17 5.25 -24.63
N ASP A 422 45.64 5.60 -23.45
CA ASP A 422 46.51 5.88 -22.28
C ASP A 422 47.09 4.54 -21.80
N ASP A 423 48.37 4.51 -21.44
CA ASP A 423 49.00 3.26 -20.93
C ASP A 423 49.60 3.53 -19.55
N THR A 424 49.50 4.76 -19.07
CA THR A 424 50.15 5.10 -17.79
C THR A 424 49.23 5.85 -16.89
N LEU A 425 49.25 5.54 -15.59
CA LEU A 425 48.46 6.32 -14.62
C LEU A 425 49.45 6.87 -13.58
N VAL A 426 49.44 8.18 -13.34
CA VAL A 426 50.42 8.79 -12.41
C VAL A 426 49.68 9.23 -11.16
N LEU A 427 50.18 8.84 -9.99
CA LEU A 427 49.48 9.13 -8.72
C LEU A 427 50.38 10.02 -7.85
N SER A 428 49.79 11.03 -7.20
CA SER A 428 50.58 11.88 -6.28
C SER A 428 50.31 11.47 -4.82
N PHE A 429 51.34 11.49 -3.99
CA PHE A 429 51.19 11.18 -2.54
C PHE A 429 51.89 12.30 -1.82
N VAL A 430 51.65 12.49 -0.52
CA VAL A 430 52.29 13.67 0.12
C VAL A 430 53.82 13.54 -0.07
N GLY A 431 54.44 14.56 -0.66
CA GLY A 431 55.90 14.57 -0.86
C GLY A 431 56.37 13.47 -1.78
N GLN A 432 55.49 12.86 -2.58
CA GLN A 432 55.93 11.69 -3.39
C GLN A 432 55.05 11.52 -4.65
N THR A 433 55.63 11.00 -5.73
CA THR A 433 54.83 10.72 -6.95
C THR A 433 55.14 9.29 -7.37
N ARG A 434 54.11 8.53 -7.75
CA ARG A 434 54.33 7.15 -8.24
C ARG A 434 53.69 7.00 -9.64
N VAL A 435 54.20 6.04 -10.44
CA VAL A 435 53.69 5.84 -11.82
C VAL A 435 53.22 4.39 -11.98
N LEU A 436 52.02 4.19 -12.54
CA LEU A 436 51.51 2.83 -12.78
C LEU A 436 51.41 2.57 -14.28
N MET A 437 51.97 1.45 -14.74
CA MET A 437 51.93 1.10 -16.18
C MET A 437 50.74 0.16 -16.41
N LEU A 438 49.93 0.42 -17.44
CA LEU A 438 48.72 -0.39 -17.69
C LEU A 438 48.89 -1.21 -18.98
N ASN A 439 49.03 -2.53 -18.86
CA ASN A 439 49.04 -3.41 -20.06
C ASN A 439 47.78 -4.25 -19.97
N GLY A 440 46.80 -4.01 -20.83
CA GLY A 440 45.51 -4.71 -20.69
C GLY A 440 44.93 -4.46 -19.31
N GLU A 441 44.58 -5.53 -18.59
CA GLU A 441 44.06 -5.40 -17.20
C GLU A 441 45.21 -5.59 -16.21
N GLU A 442 46.44 -5.70 -16.70
CA GLU A 442 47.62 -5.84 -15.81
C GLU A 442 48.20 -4.45 -15.48
N VAL A 443 48.26 -4.11 -14.20
CA VAL A 443 48.84 -2.81 -13.75
C VAL A 443 50.13 -3.09 -12.97
N GLU A 444 51.24 -2.47 -13.37
CA GLU A 444 52.54 -2.67 -12.67
C GLU A 444 53.17 -1.30 -12.36
N GLU A 445 53.64 -1.10 -11.13
CA GLU A 445 54.34 0.16 -10.80
C GLU A 445 55.67 0.21 -11.56
N THR A 446 56.05 1.38 -12.06
CA THR A 446 57.27 1.53 -12.86
C THR A 446 57.83 2.90 -12.63
N GLU A 447 59.03 3.17 -13.14
CA GLU A 447 59.60 4.53 -13.03
C GLU A 447 59.57 5.18 -14.42
N LEU A 448 59.06 6.41 -14.51
CA LEU A 448 59.07 7.13 -15.82
C LEU A 448 60.31 8.05 -15.82
N MET A 449 61.21 7.84 -16.78
CA MET A 449 62.47 8.64 -16.79
C MET A 449 62.14 10.11 -17.09
N GLY A 450 62.75 11.03 -16.37
CA GLY A 450 62.48 12.47 -16.55
C GLY A 450 61.43 12.97 -15.59
N PHE A 451 60.77 12.06 -14.86
CA PHE A 451 59.79 12.49 -13.83
C PHE A 451 60.40 12.23 -12.46
N VAL A 452 60.21 13.19 -11.54
CA VAL A 452 60.79 13.06 -10.17
C VAL A 452 59.82 12.29 -9.27
N ASP A 453 60.33 11.41 -8.42
CA ASP A 453 59.48 10.61 -7.49
C ASP A 453 59.52 11.17 -6.07
N ASP A 454 60.30 12.24 -5.83
CA ASP A 454 60.46 12.75 -4.44
C ASP A 454 59.70 14.06 -4.26
N GLN A 455 58.96 14.48 -5.28
CA GLN A 455 58.12 15.71 -5.14
C GLN A 455 56.65 15.36 -5.43
N GLN A 456 55.72 15.88 -4.62
CA GLN A 456 54.28 15.68 -4.92
C GLN A 456 53.97 16.37 -6.24
N THR A 457 53.22 15.70 -7.12
CA THR A 457 52.94 16.27 -8.46
C THR A 457 51.64 17.02 -8.43
N PHE A 458 51.66 18.30 -8.83
CA PHE A 458 50.40 19.08 -8.96
C PHE A 458 49.70 18.75 -10.27
N PHE A 459 50.46 18.59 -11.36
CA PHE A 459 49.86 18.22 -12.67
C PHE A 459 50.80 17.34 -13.47
N CYS A 460 50.25 16.33 -14.14
CA CYS A 460 51.06 15.46 -15.04
C CYS A 460 50.23 15.29 -16.32
N GLY A 461 50.82 15.49 -17.51
CA GLY A 461 50.03 15.23 -18.72
C GLY A 461 50.82 15.19 -20.00
N ASN A 462 50.23 14.66 -21.07
CA ASN A 462 50.89 14.71 -22.40
C ASN A 462 50.80 16.17 -22.87
N VAL A 463 51.83 16.67 -23.55
CA VAL A 463 51.85 18.10 -23.98
C VAL A 463 52.28 18.19 -25.45
N ALA A 464 52.18 19.38 -26.05
CA ALA A 464 52.48 19.55 -27.49
C ALA A 464 53.96 19.29 -27.77
N HIS A 465 54.28 19.00 -29.05
CA HIS A 465 55.68 18.72 -29.46
C HIS A 465 56.07 17.30 -29.05
N GLN A 466 55.07 16.42 -28.88
CA GLN A 466 55.34 15.01 -28.53
C GLN A 466 56.16 14.94 -27.24
N GLN A 467 55.76 15.72 -26.23
CA GLN A 467 56.52 15.78 -24.96
C GLN A 467 55.58 15.54 -23.78
N LEU A 468 56.12 15.20 -22.61
CA LEU A 468 55.31 15.00 -21.39
C LEU A 468 55.70 16.10 -20.38
N ILE A 469 54.75 16.53 -19.54
CA ILE A 469 55.05 17.60 -18.56
C ILE A 469 54.70 17.13 -17.14
N GLN A 470 55.58 17.43 -16.17
CA GLN A 470 55.26 17.13 -14.75
C GLN A 470 55.40 18.44 -13.98
N ILE A 471 54.35 18.83 -13.25
CA ILE A 471 54.44 20.07 -12.43
C ILE A 471 54.52 19.65 -10.96
N THR A 472 55.54 20.15 -10.25
CA THR A 472 55.74 19.79 -8.84
C THR A 472 55.88 21.09 -8.09
N SER A 473 55.79 21.05 -6.76
CA SER A 473 56.01 22.29 -6.00
C SER A 473 57.42 22.79 -6.31
N ALA A 474 58.38 21.86 -6.38
CA ALA A 474 59.77 22.25 -6.63
C ALA A 474 59.95 22.87 -8.02
N SER A 475 59.36 22.28 -9.06
CA SER A 475 59.66 22.80 -10.43
C SER A 475 58.66 22.35 -11.49
N VAL A 476 58.77 22.93 -12.70
CA VAL A 476 57.95 22.46 -13.84
C VAL A 476 58.91 21.72 -14.77
N ARG A 477 58.63 20.46 -15.11
CA ARG A 477 59.59 19.65 -15.89
C ARG A 477 59.00 19.24 -17.24
N LEU A 478 59.77 19.42 -18.32
CA LEU A 478 59.32 19.01 -19.67
C LEU A 478 60.14 17.79 -20.10
N VAL A 479 59.48 16.72 -20.53
CA VAL A 479 60.22 15.45 -20.84
C VAL A 479 59.92 14.99 -22.26
N SER A 480 60.94 14.54 -23.00
CA SER A 480 60.75 14.00 -24.37
C SER A 480 60.08 12.63 -24.31
N GLN A 481 59.31 12.26 -25.34
CA GLN A 481 58.64 10.94 -25.36
C GLN A 481 59.55 9.85 -25.91
N GLU A 482 60.02 10.01 -27.16
CA GLU A 482 60.88 8.97 -27.79
C GLU A 482 62.23 8.89 -27.07
N PRO A 483 62.92 10.02 -26.79
CA PRO A 483 64.18 10.01 -25.98
C PRO A 483 63.88 9.61 -24.55
N LYS A 484 62.67 9.88 -24.07
CA LYS A 484 62.26 9.56 -22.68
C LYS A 484 63.25 10.20 -21.69
N ALA A 485 63.57 11.47 -21.89
CA ALA A 485 64.49 12.17 -20.95
C ALA A 485 64.05 13.62 -20.76
N LEU A 486 64.46 14.24 -19.63
CA LEU A 486 64.13 15.66 -19.36
C LEU A 486 64.79 16.53 -20.45
N VAL A 487 64.04 17.49 -20.99
CA VAL A 487 64.58 18.38 -22.06
C VAL A 487 64.63 19.83 -21.55
N SER A 488 63.80 20.16 -20.55
CA SER A 488 63.83 21.52 -19.96
C SER A 488 63.21 21.50 -18.56
N GLU A 489 63.51 22.49 -17.73
CA GLU A 489 62.89 22.61 -16.39
C GLU A 489 62.72 24.11 -16.08
N TRP A 490 61.67 24.48 -15.35
CA TRP A 490 61.49 25.89 -14.94
C TRP A 490 61.47 25.99 -13.43
N LYS A 491 62.20 26.97 -12.89
CA LYS A 491 62.27 27.15 -11.42
C LYS A 491 61.89 28.59 -11.07
N GLU A 492 61.34 28.80 -9.87
CA GLU A 492 61.03 30.18 -9.42
C GLU A 492 62.38 30.91 -9.27
N PRO A 493 62.48 32.23 -9.48
CA PRO A 493 63.79 32.95 -9.44
C PRO A 493 64.47 32.76 -8.09
N GLN A 494 63.70 32.82 -7.01
CA GLN A 494 64.25 32.59 -5.65
C GLN A 494 64.21 31.09 -5.38
N ALA A 495 63.75 30.30 -6.36
CA ALA A 495 63.62 28.83 -6.18
C ALA A 495 62.55 28.53 -5.13
N LYS A 496 61.57 29.41 -4.99
CA LYS A 496 60.45 29.17 -4.06
C LYS A 496 59.53 28.08 -4.64
N ASN A 497 58.80 27.36 -3.78
CA ASN A 497 57.90 26.27 -4.24
C ASN A 497 56.68 26.85 -4.97
N ILE A 498 56.11 26.08 -5.91
CA ILE A 498 54.90 26.54 -6.66
C ILE A 498 53.65 26.18 -5.84
N SER A 499 52.92 27.19 -5.37
CA SER A 499 51.72 26.96 -4.51
C SER A 499 50.58 26.28 -5.29
N VAL A 500 50.28 26.78 -6.50
CA VAL A 500 49.14 26.25 -7.30
C VAL A 500 49.60 26.13 -8.76
N ALA A 501 49.11 25.13 -9.49
CA ALA A 501 49.61 24.93 -10.87
C ALA A 501 48.46 24.70 -11.85
N SER A 502 48.58 25.26 -13.05
CA SER A 502 47.58 25.03 -14.12
C SER A 502 48.33 24.78 -15.44
N CYS A 503 47.88 23.82 -16.25
CA CYS A 503 48.62 23.49 -17.48
C CYS A 503 47.66 23.01 -18.59
N ASN A 504 48.10 23.10 -19.84
CA ASN A 504 47.30 22.58 -20.99
C ASN A 504 48.33 22.13 -22.03
N SER A 505 47.89 21.72 -23.21
CA SER A 505 48.85 21.17 -24.20
C SER A 505 49.90 22.21 -24.55
N SER A 506 49.52 23.49 -24.69
CA SER A 506 50.48 24.51 -25.17
C SER A 506 50.99 25.45 -24.07
N GLN A 507 50.19 25.77 -23.05
CA GLN A 507 50.65 26.80 -22.09
C GLN A 507 50.50 26.36 -20.62
N VAL A 508 51.38 26.87 -19.76
CA VAL A 508 51.36 26.53 -18.31
C VAL A 508 51.27 27.82 -17.49
N VAL A 509 50.35 27.88 -16.53
CA VAL A 509 50.30 29.07 -15.62
C VAL A 509 50.50 28.55 -14.19
N VAL A 510 51.48 29.08 -13.47
CA VAL A 510 51.79 28.56 -12.11
C VAL A 510 51.75 29.73 -11.11
N ALA A 511 51.35 29.45 -9.87
CA ALA A 511 51.22 30.55 -8.89
C ALA A 511 52.04 30.25 -7.64
N VAL A 512 52.92 31.18 -7.26
CA VAL A 512 53.66 31.02 -5.98
C VAL A 512 53.20 32.16 -5.07
N GLY A 513 52.63 31.84 -3.91
CA GLY A 513 52.09 32.93 -3.07
C GLY A 513 51.15 33.79 -3.90
N ARG A 514 51.34 35.11 -3.88
CA ARG A 514 50.50 36.01 -4.72
C ARG A 514 51.11 36.12 -6.13
N ALA A 515 52.36 35.66 -6.31
CA ALA A 515 53.03 35.79 -7.63
C ALA A 515 52.44 34.79 -8.61
N LEU A 516 52.16 35.22 -9.84
CA LEU A 516 51.64 34.30 -10.88
C LEU A 516 52.59 34.35 -12.09
N TYR A 517 52.98 33.19 -12.61
CA TYR A 517 53.91 33.12 -13.75
C TYR A 517 53.23 32.44 -14.93
N TYR A 518 53.31 33.04 -16.11
CA TYR A 518 52.72 32.43 -17.33
C TYR A 518 53.86 31.84 -18.15
N LEU A 519 53.74 30.55 -18.49
CA LEU A 519 54.80 29.86 -19.26
C LEU A 519 54.14 29.24 -20.50
N GLN A 520 54.91 29.07 -21.57
CA GLN A 520 54.37 28.42 -22.79
C GLN A 520 55.31 27.29 -23.18
N ILE A 521 54.78 26.23 -23.80
CA ILE A 521 55.63 25.04 -24.10
C ILE A 521 56.13 25.15 -25.55
N HIS A 522 57.44 25.07 -25.74
CA HIS A 522 58.04 25.18 -27.10
C HIS A 522 58.89 23.93 -27.30
N PRO A 523 59.20 23.49 -28.54
CA PRO A 523 59.90 22.19 -28.72
C PRO A 523 61.18 22.20 -27.90
N GLN A 524 61.30 21.25 -26.97
CA GLN A 524 62.50 21.14 -26.10
C GLN A 524 62.73 22.47 -25.36
N GLU A 525 61.67 23.25 -25.12
CA GLU A 525 61.88 24.59 -24.50
C GLU A 525 60.72 25.03 -23.61
N LEU A 526 61.02 25.77 -22.55
CA LEU A 526 59.95 26.34 -21.69
C LEU A 526 60.26 27.83 -21.52
N ARG A 527 59.31 28.72 -21.85
CA ARG A 527 59.60 30.18 -21.82
C ARG A 527 58.67 30.89 -20.81
N GLN A 528 59.24 31.75 -19.96
CA GLN A 528 58.42 32.50 -18.97
C GLN A 528 57.88 33.76 -19.67
N ILE A 529 56.71 33.65 -20.30
CA ILE A 529 56.14 34.80 -21.09
C ILE A 529 55.77 35.97 -20.18
N SER A 530 55.13 35.73 -19.03
CA SER A 530 54.64 36.87 -18.21
C SER A 530 54.76 36.62 -16.70
N HIS A 531 54.87 37.69 -15.91
CA HIS A 531 54.92 37.57 -14.43
C HIS A 531 53.92 38.59 -13.86
N THR A 532 53.26 38.25 -12.74
CA THR A 532 52.22 39.15 -12.21
C THR A 532 52.20 39.04 -10.70
N GLU A 533 51.60 40.03 -10.02
CA GLU A 533 51.43 39.96 -8.54
C GLU A 533 49.94 40.08 -8.24
N MET A 534 49.48 39.55 -7.09
CA MET A 534 48.02 39.55 -6.81
C MET A 534 47.73 40.24 -5.48
N GLU A 535 46.53 40.83 -5.34
CA GLU A 535 46.14 41.47 -4.06
C GLU A 535 46.08 40.40 -2.95
N HIS A 536 45.63 39.20 -3.29
CA HIS A 536 45.43 38.14 -2.25
C HIS A 536 46.15 36.84 -2.67
N GLU A 537 46.36 35.95 -1.70
CA GLU A 537 47.03 34.65 -1.99
C GLU A 537 46.18 33.85 -3.00
N VAL A 538 46.83 33.20 -3.96
CA VAL A 538 46.10 32.41 -4.99
C VAL A 538 45.49 31.17 -4.33
N ALA A 539 44.28 30.77 -4.74
CA ALA A 539 43.68 29.54 -4.21
C ALA A 539 43.61 28.48 -5.30
N CYS A 540 43.24 28.87 -6.51
CA CYS A 540 43.07 27.88 -7.61
C CYS A 540 43.30 28.56 -8.97
N LEU A 541 43.69 27.79 -9.99
CA LEU A 541 43.98 28.35 -11.35
C LEU A 541 43.34 27.48 -12.43
N ASP A 542 42.81 28.07 -13.49
CA ASP A 542 42.31 27.25 -14.63
C ASP A 542 42.72 27.89 -15.96
N ILE A 543 43.31 27.11 -16.87
CA ILE A 543 43.71 27.63 -18.22
C ILE A 543 43.06 26.73 -19.29
N THR A 544 41.91 26.11 -18.97
CA THR A 544 41.32 25.18 -19.95
C THR A 544 41.08 25.93 -21.23
N PRO A 545 41.44 25.40 -22.41
CA PRO A 545 41.31 26.12 -23.70
C PRO A 545 39.90 26.02 -24.26
N LEU A 546 38.98 26.83 -23.76
CA LEU A 546 37.58 26.84 -24.28
C LEU A 546 37.56 27.50 -25.66
N GLY A 547 36.60 27.12 -26.50
CA GLY A 547 36.46 27.76 -27.82
C GLY A 547 37.43 27.19 -28.83
N ASP A 548 37.62 27.87 -29.96
CA ASP A 548 38.50 27.34 -31.03
C ASP A 548 39.88 27.98 -30.92
N SER A 549 40.90 27.16 -30.65
CA SER A 549 42.29 27.67 -30.52
C SER A 549 43.26 26.49 -30.70
N ASN A 550 44.55 26.76 -30.86
CA ASN A 550 45.52 25.63 -30.90
C ASN A 550 45.81 25.28 -29.44
N GLY A 551 44.79 24.83 -28.71
CA GLY A 551 44.96 24.55 -27.28
C GLY A 551 45.43 25.80 -26.57
N LEU A 552 44.95 26.97 -27.01
CA LEU A 552 45.43 28.24 -26.43
C LEU A 552 44.28 28.92 -25.69
N SER A 553 44.50 29.31 -24.44
CA SER A 553 43.45 30.00 -23.66
C SER A 553 43.88 31.44 -23.40
N PRO A 554 43.06 32.45 -23.78
CA PRO A 554 43.38 33.87 -23.52
C PRO A 554 42.90 34.25 -22.12
N LEU A 555 42.25 33.32 -21.43
CA LEU A 555 41.67 33.65 -20.10
C LEU A 555 42.27 32.77 -18.99
N CYS A 556 42.63 33.39 -17.86
CA CYS A 556 43.13 32.61 -16.69
C CYS A 556 42.16 32.85 -15.51
N ALA A 557 41.70 31.77 -14.88
CA ALA A 557 40.74 31.89 -13.75
C ALA A 557 41.52 31.75 -12.43
N ILE A 558 41.30 32.67 -11.49
CA ILE A 558 42.07 32.64 -10.23
C ILE A 558 41.13 32.81 -9.03
N GLY A 559 41.46 32.18 -7.89
CA GLY A 559 40.65 32.35 -6.66
C GLY A 559 41.51 33.02 -5.61
N LEU A 560 40.97 34.03 -4.90
CA LEU A 560 41.83 34.80 -3.97
C LEU A 560 41.51 34.41 -2.51
N TRP A 561 42.52 33.96 -1.77
CA TRP A 561 42.30 33.48 -0.38
C TRP A 561 41.91 34.60 0.60
N THR A 562 42.61 35.75 0.61
CA THR A 562 42.30 36.76 1.66
C THR A 562 40.89 37.24 1.49
N ASP A 563 40.49 37.58 0.27
CA ASP A 563 39.08 37.95 0.00
C ASP A 563 38.62 36.98 -1.08
N ILE A 564 37.63 36.15 -0.79
CA ILE A 564 37.28 35.12 -1.81
C ILE A 564 36.80 35.85 -3.06
N SER A 565 37.26 35.43 -4.23
CA SER A 565 36.85 36.06 -5.50
C SER A 565 37.27 35.15 -6.66
N ALA A 566 36.69 35.37 -7.84
CA ALA A 566 37.06 34.57 -9.03
C ALA A 566 37.38 35.51 -10.18
N ARG A 567 38.46 36.28 -10.05
CA ARG A 567 38.84 37.23 -11.12
C ARG A 567 39.29 36.44 -12.37
N ILE A 568 39.00 36.97 -13.56
CA ILE A 568 39.45 36.32 -14.83
C ILE A 568 40.48 37.26 -15.46
N LEU A 569 41.64 36.73 -15.86
CA LEU A 569 42.72 37.59 -16.40
C LEU A 569 42.97 37.28 -17.88
N LYS A 570 43.41 38.29 -18.63
CA LYS A 570 43.73 38.10 -20.07
C LYS A 570 45.06 37.36 -20.20
N LEU A 571 45.24 36.58 -21.26
CA LEU A 571 46.55 35.92 -21.50
C LEU A 571 47.01 36.29 -22.92
N PRO A 572 48.27 36.74 -23.13
CA PRO A 572 49.32 36.84 -22.06
C PRO A 572 49.26 38.19 -21.37
N SER A 573 48.12 38.89 -21.47
CA SER A 573 48.00 40.26 -20.89
C SER A 573 48.14 40.22 -19.36
N PHE A 574 47.63 39.16 -18.72
CA PHE A 574 47.66 39.05 -17.23
C PHE A 574 46.94 40.27 -16.66
N GLU A 575 45.89 40.70 -17.36
CA GLU A 575 45.11 41.89 -16.92
C GLU A 575 43.68 41.43 -16.59
N LEU A 576 43.19 41.77 -15.40
CA LEU A 576 41.85 41.28 -15.01
C LEU A 576 40.81 41.88 -15.97
N LEU A 577 39.87 41.06 -16.45
CA LEU A 577 38.78 41.60 -17.29
C LEU A 577 37.46 41.52 -16.51
N HIS A 578 37.43 40.74 -15.42
CA HIS A 578 36.21 40.67 -14.58
C HIS A 578 36.56 40.28 -13.14
N LYS A 579 35.71 40.67 -12.18
CA LYS A 579 35.89 40.26 -10.76
C LYS A 579 34.57 39.61 -10.34
N GLU A 580 34.60 38.45 -9.69
CA GLU A 580 33.33 37.74 -9.39
C GLU A 580 32.85 37.98 -7.96
N MET A 581 31.60 37.64 -7.69
CA MET A 581 30.99 37.87 -6.36
C MET A 581 31.68 37.02 -5.29
N LEU A 582 31.84 37.57 -4.08
CA LEU A 582 32.43 36.80 -2.97
C LEU A 582 31.30 36.26 -2.06
N GLY A 583 31.21 34.94 -1.93
CA GLY A 583 30.18 34.33 -1.08
C GLY A 583 30.34 34.65 0.39
N GLY A 584 31.58 34.63 0.90
CA GLY A 584 31.80 34.83 2.35
C GLY A 584 33.20 34.45 2.77
N GLU A 585 33.39 34.09 4.04
CA GLU A 585 34.73 33.72 4.58
C GLU A 585 35.30 32.45 3.92
N ILE A 586 34.47 31.46 3.60
CA ILE A 586 35.01 30.16 3.08
C ILE A 586 35.88 30.40 1.83
N ILE A 587 37.06 29.81 1.79
CA ILE A 587 38.02 30.05 0.67
C ILE A 587 37.70 29.15 -0.53
N PRO A 588 37.85 29.62 -1.79
CA PRO A 588 37.63 28.76 -3.01
C PRO A 588 38.65 27.63 -3.04
N ARG A 589 38.21 26.43 -3.40
CA ARG A 589 39.13 25.26 -3.48
C ARG A 589 39.47 24.91 -4.94
N SER A 590 38.46 24.84 -5.80
CA SER A 590 38.69 24.43 -7.22
C SER A 590 38.06 25.44 -8.19
N ILE A 591 38.77 25.81 -9.25
CA ILE A 591 38.19 26.71 -10.28
C ILE A 591 38.28 25.98 -11.63
N LEU A 592 37.19 25.95 -12.39
CA LEU A 592 37.20 25.22 -13.67
C LEU A 592 36.45 26.01 -14.74
N MET A 593 36.97 26.02 -15.98
CA MET A 593 36.23 26.66 -17.09
C MET A 593 35.87 25.53 -18.06
N THR A 594 34.58 25.33 -18.33
CA THR A 594 34.18 24.20 -19.19
C THR A 594 33.12 24.65 -20.18
N THR A 595 33.09 24.01 -21.35
CA THR A 595 32.04 24.31 -22.33
C THR A 595 31.10 23.13 -22.39
N PHE A 596 29.82 23.35 -22.12
CA PHE A 596 28.80 22.27 -22.23
C PHE A 596 27.99 22.57 -23.48
N GLU A 597 27.82 21.60 -24.37
CA GLU A 597 27.15 21.88 -25.65
C GLU A 597 27.94 23.00 -26.33
N SER A 598 27.27 24.07 -26.76
CA SER A 598 28.04 25.22 -27.33
C SER A 598 28.18 26.32 -26.27
N SER A 599 27.56 26.14 -25.10
CA SER A 599 27.60 27.18 -24.04
C SER A 599 28.94 27.17 -23.29
N HIS A 600 29.31 28.29 -22.67
CA HIS A 600 30.57 28.37 -21.88
C HIS A 600 30.25 28.81 -20.46
N TYR A 601 30.79 28.10 -19.45
CA TYR A 601 30.47 28.42 -18.04
C TYR A 601 31.75 28.42 -17.20
N LEU A 602 31.74 29.14 -16.08
CA LEU A 602 32.88 29.13 -15.14
C LEU A 602 32.39 28.47 -13.84
N LEU A 603 33.12 27.46 -13.36
CA LEU A 603 32.68 26.73 -12.14
C LEU A 603 33.67 27.04 -11.02
N CYS A 604 33.16 27.47 -9.85
CA CYS A 604 34.04 27.70 -8.69
C CYS A 604 33.55 26.84 -7.53
N ALA A 605 34.47 26.10 -6.90
CA ALA A 605 34.11 25.23 -5.76
C ALA A 605 34.72 25.81 -4.49
N LEU A 606 34.06 25.62 -3.35
CA LEU A 606 34.54 26.24 -2.09
C LEU A 606 34.79 25.15 -1.04
N GLY A 607 35.60 25.47 -0.02
CA GLY A 607 35.91 24.50 1.05
C GLY A 607 34.65 24.08 1.78
N ASP A 608 33.69 25.00 1.91
CA ASP A 608 32.41 24.69 2.60
C ASP A 608 31.64 23.66 1.76
N GLY A 609 32.08 23.44 0.52
CA GLY A 609 31.40 22.48 -0.37
C GLY A 609 30.37 23.18 -1.22
N ALA A 610 30.29 24.51 -1.11
CA ALA A 610 29.38 25.27 -1.97
C ALA A 610 29.93 25.30 -3.40
N LEU A 611 29.05 25.21 -4.41
CA LEU A 611 29.52 25.34 -5.81
C LEU A 611 28.87 26.58 -6.42
N PHE A 612 29.68 27.50 -6.95
CA PHE A 612 29.12 28.69 -7.65
C PHE A 612 29.42 28.53 -9.14
N TYR A 613 28.39 28.58 -9.96
CA TYR A 613 28.62 28.52 -11.44
C TYR A 613 28.17 29.85 -12.05
N PHE A 614 29.09 30.49 -12.77
CA PHE A 614 28.79 31.80 -13.41
C PHE A 614 29.04 31.67 -14.89
N GLY A 615 28.11 32.14 -15.72
CA GLY A 615 28.31 32.09 -17.19
C GLY A 615 29.46 32.98 -17.61
N LEU A 616 30.21 32.58 -18.62
CA LEU A 616 31.33 33.42 -19.12
C LEU A 616 31.26 33.53 -20.66
N ASN A 617 31.78 34.62 -21.21
CA ASN A 617 31.86 34.76 -22.68
C ASN A 617 33.34 34.79 -23.05
N ILE A 618 33.75 34.06 -24.09
CA ILE A 618 35.20 34.00 -24.36
C ILE A 618 35.71 35.43 -24.61
N GLU A 619 34.97 36.20 -25.41
CA GLU A 619 35.39 37.59 -25.74
C GLU A 619 35.33 38.51 -24.49
N THR A 620 34.26 38.45 -23.70
CA THR A 620 34.12 39.39 -22.56
C THR A 620 34.55 38.77 -21.26
N GLY A 621 34.21 37.49 -21.03
CA GLY A 621 34.55 36.82 -19.76
C GLY A 621 33.94 37.46 -18.53
N LEU A 622 32.67 37.87 -18.59
CA LEU A 622 31.99 38.40 -17.38
C LEU A 622 30.86 37.44 -16.95
N LEU A 623 30.44 37.51 -15.69
CA LEU A 623 29.42 36.55 -15.18
C LEU A 623 28.10 36.70 -15.95
N SER A 624 27.44 35.59 -16.26
CA SER A 624 26.11 35.67 -16.91
C SER A 624 25.03 35.48 -15.83
N ASP A 625 25.17 34.46 -14.98
CA ASP A 625 24.22 34.26 -13.86
C ASP A 625 25.00 33.78 -12.63
N ARG A 626 24.60 34.22 -11.44
CA ARG A 626 25.28 33.70 -10.22
C ARG A 626 24.33 32.72 -9.53
N LYS A 627 24.64 31.43 -9.58
CA LYS A 627 23.79 30.40 -8.91
C LYS A 627 24.70 29.52 -8.05
N LYS A 628 24.30 29.27 -6.81
CA LYS A 628 25.10 28.41 -5.90
C LYS A 628 24.34 27.09 -5.66
N VAL A 629 25.01 25.97 -5.91
CA VAL A 629 24.38 24.64 -5.62
C VAL A 629 25.25 23.96 -4.57
N THR A 630 24.63 23.43 -3.52
CA THR A 630 25.39 22.73 -2.46
C THR A 630 25.41 21.26 -2.80
N LEU A 631 26.60 20.71 -3.07
CA LEU A 631 26.72 19.29 -3.47
C LEU A 631 27.10 18.46 -2.23
N GLY A 632 28.07 18.92 -1.45
CA GLY A 632 28.51 18.20 -0.24
C GLY A 632 29.21 19.11 0.75
N THR A 633 29.32 18.70 2.02
CA THR A 633 30.02 19.50 3.05
C THR A 633 31.50 19.57 2.74
N GLN A 634 32.11 18.47 2.27
CA GLN A 634 33.57 18.43 2.05
C GLN A 634 33.95 19.29 0.84
N PRO A 635 35.20 19.80 0.76
CA PRO A 635 35.65 20.65 -0.38
C PRO A 635 35.53 19.88 -1.67
N THR A 636 35.17 20.55 -2.77
CA THR A 636 34.91 19.82 -4.03
C THR A 636 36.04 20.03 -5.01
N VAL A 637 36.40 18.98 -5.74
CA VAL A 637 37.46 19.07 -6.79
C VAL A 637 36.79 18.84 -8.15
N LEU A 638 37.11 19.66 -9.15
CA LEU A 638 36.41 19.53 -10.47
C LEU A 638 37.38 19.02 -11.54
N ARG A 639 37.02 17.95 -12.24
CA ARG A 639 37.85 17.41 -13.35
C ARG A 639 36.94 17.18 -14.57
N THR A 640 37.36 17.64 -15.75
CA THR A 640 36.55 17.47 -16.97
C THR A 640 36.72 16.07 -17.50
N PHE A 641 35.64 15.44 -17.95
CA PHE A 641 35.72 14.09 -18.57
C PHE A 641 34.79 14.10 -19.78
N ARG A 642 35.05 13.23 -20.75
CA ARG A 642 34.23 13.25 -21.98
C ARG A 642 33.23 12.09 -21.98
N SER A 643 31.94 12.41 -22.11
CA SER A 643 30.91 11.35 -22.23
C SER A 643 30.38 11.42 -23.66
N LEU A 644 30.43 10.32 -24.41
CA LEU A 644 30.00 10.38 -25.82
C LEU A 644 30.85 11.46 -26.51
N SER A 645 30.23 12.37 -27.25
CA SER A 645 30.99 13.50 -27.85
C SER A 645 30.95 14.74 -26.95
N THR A 646 30.04 14.76 -25.98
CA THR A 646 29.89 15.95 -25.10
C THR A 646 30.91 15.90 -23.99
N THR A 647 31.08 17.02 -23.27
CA THR A 647 32.02 17.07 -22.14
C THR A 647 31.21 17.24 -20.87
N ASN A 648 31.57 16.51 -19.81
CA ASN A 648 30.88 16.63 -18.50
C ASN A 648 31.93 16.84 -17.41
N VAL A 649 31.53 17.36 -16.26
CA VAL A 649 32.48 17.58 -15.14
C VAL A 649 32.11 16.63 -13.98
N PHE A 650 33.11 15.92 -13.44
CA PHE A 650 32.86 15.05 -12.27
C PHE A 650 33.32 15.82 -11.04
N ALA A 651 32.45 15.90 -10.04
CA ALA A 651 32.79 16.65 -8.81
C ALA A 651 33.17 15.65 -7.72
N CYS A 652 34.37 15.82 -7.17
CA CYS A 652 34.84 14.88 -6.11
C CYS A 652 34.57 15.53 -4.76
N SER A 653 33.83 14.82 -3.90
CA SER A 653 33.46 15.35 -2.57
C SER A 653 32.87 14.19 -1.75
N ASP A 654 32.28 14.49 -0.60
CA ASP A 654 31.60 13.43 0.19
C ASP A 654 30.52 12.81 -0.70
N ARG A 655 29.83 13.63 -1.49
CA ARG A 655 28.85 13.09 -2.46
C ARG A 655 29.34 13.37 -3.89
N PRO A 656 30.02 12.42 -4.56
CA PRO A 656 30.44 12.60 -5.95
C PRO A 656 29.25 12.89 -6.85
N THR A 657 29.45 13.86 -7.75
CA THR A 657 28.38 14.39 -8.57
C THR A 657 28.89 14.58 -10.00
N VAL A 658 28.07 14.20 -10.98
CA VAL A 658 28.33 14.47 -12.39
C VAL A 658 27.44 15.64 -12.79
N ILE A 659 27.97 16.53 -13.63
CA ILE A 659 27.24 17.70 -14.08
C ILE A 659 26.96 17.54 -15.57
N TYR A 660 25.68 17.44 -15.91
CA TYR A 660 25.20 17.22 -17.27
C TYR A 660 24.85 18.56 -17.93
N SER A 661 24.37 18.48 -19.16
CA SER A 661 23.79 19.66 -19.81
C SER A 661 22.79 19.14 -20.85
N SER A 662 21.52 19.09 -20.47
CA SER A 662 20.42 18.74 -21.36
C SER A 662 19.47 19.92 -21.47
N ASN A 663 18.94 20.14 -22.67
CA ASN A 663 18.10 21.31 -22.95
C ASN A 663 18.78 22.60 -22.46
N HIS A 664 20.10 22.65 -22.63
CA HIS A 664 20.89 23.83 -22.28
C HIS A 664 20.69 24.26 -20.83
N LYS A 665 20.45 23.29 -19.96
CA LYS A 665 20.38 23.50 -18.52
C LYS A 665 21.46 22.66 -17.84
N LEU A 666 21.72 22.95 -16.57
CA LEU A 666 22.84 22.36 -15.84
C LEU A 666 22.31 21.35 -14.80
N VAL A 667 22.44 20.06 -15.12
CA VAL A 667 22.04 18.99 -14.21
C VAL A 667 23.13 18.77 -13.16
N PHE A 668 22.75 18.13 -12.06
CA PHE A 668 23.67 17.82 -10.96
C PHE A 668 23.31 16.45 -10.38
N SER A 669 23.56 15.40 -11.16
CA SER A 669 23.16 14.06 -10.77
C SER A 669 24.16 13.41 -9.81
N ASN A 670 23.62 12.63 -8.87
CA ASN A 670 24.46 11.98 -7.85
C ASN A 670 25.14 10.74 -8.42
N VAL A 671 26.33 10.42 -7.92
CA VAL A 671 27.03 9.18 -8.34
C VAL A 671 26.83 8.16 -7.21
N ASN A 672 26.48 6.92 -7.56
CA ASN A 672 26.17 5.93 -6.49
C ASN A 672 27.50 5.38 -5.98
N LEU A 673 28.31 6.25 -5.37
CA LEU A 673 29.60 5.83 -4.77
C LEU A 673 29.67 6.48 -3.39
N LYS A 674 30.30 5.80 -2.42
CA LYS A 674 30.33 6.32 -1.04
C LYS A 674 31.09 7.63 -0.95
N GLU A 675 32.28 7.70 -1.54
CA GLU A 675 33.13 8.90 -1.34
C GLU A 675 34.31 8.86 -2.31
N VAL A 676 34.61 9.99 -2.96
CA VAL A 676 35.67 10.05 -3.94
C VAL A 676 36.41 11.37 -3.73
N ASN A 677 37.73 11.30 -3.56
CA ASN A 677 38.54 12.49 -3.37
C ASN A 677 39.21 12.98 -4.64
N TYR A 678 39.48 12.09 -5.59
CA TYR A 678 40.20 12.41 -6.81
C TYR A 678 39.72 11.44 -7.88
N MET A 679 39.88 11.85 -9.13
CA MET A 679 39.35 11.10 -10.25
C MET A 679 39.98 11.68 -11.50
N CYS A 680 40.06 10.85 -12.53
CA CYS A 680 40.56 11.25 -13.83
C CYS A 680 39.99 10.31 -14.86
N PRO A 681 39.78 10.76 -16.09
CA PRO A 681 39.37 9.82 -17.14
C PRO A 681 40.52 8.88 -17.45
N LEU A 682 40.18 7.72 -17.99
CA LEU A 682 41.18 6.73 -18.33
C LEU A 682 40.68 5.96 -19.54
N ASN A 683 41.44 6.03 -20.63
CA ASN A 683 41.07 5.44 -21.92
C ASN A 683 42.22 4.54 -22.35
N SER A 684 42.29 3.35 -21.77
CA SER A 684 43.34 2.40 -22.11
C SER A 684 42.77 1.22 -22.88
N ASP A 685 43.68 0.41 -23.43
CA ASP A 685 43.22 -0.70 -24.24
C ASP A 685 42.45 -1.72 -23.40
N GLY A 686 42.75 -1.82 -22.12
CA GLY A 686 42.03 -2.72 -21.23
C GLY A 686 40.84 -2.07 -20.56
N TYR A 687 40.88 -0.75 -20.42
CA TYR A 687 39.81 -0.01 -19.76
C TYR A 687 39.42 1.18 -20.63
N PRO A 688 38.81 0.93 -21.79
CA PRO A 688 38.45 2.03 -22.69
C PRO A 688 37.32 2.86 -22.12
N ASP A 689 37.39 4.16 -22.40
CA ASP A 689 36.36 5.14 -22.00
C ASP A 689 35.94 4.95 -20.55
N SER A 690 36.93 4.74 -19.67
CA SER A 690 36.73 4.45 -18.27
C SER A 690 37.13 5.67 -17.45
N LEU A 691 37.13 5.50 -16.13
CA LEU A 691 37.68 6.49 -15.23
C LEU A 691 38.38 5.81 -14.06
N ALA A 692 39.25 6.56 -13.39
CA ALA A 692 39.96 6.09 -12.22
C ALA A 692 39.53 6.94 -11.03
N LEU A 693 39.13 6.30 -9.94
CA LEU A 693 38.72 7.00 -8.74
C LEU A 693 39.66 6.64 -7.60
N ALA A 694 39.73 7.54 -6.62
CA ALA A 694 40.58 7.32 -5.46
C ALA A 694 39.87 7.86 -4.22
N ASN A 695 39.74 7.01 -3.21
CA ASN A 695 39.42 7.51 -1.89
C ASN A 695 40.68 7.44 -1.04
N ASN A 696 40.51 7.48 0.28
CA ASN A 696 41.67 7.56 1.16
C ASN A 696 42.53 6.31 1.11
N SER A 697 42.00 5.18 0.65
CA SER A 697 42.73 3.91 0.76
C SER A 697 42.89 3.15 -0.55
N THR A 698 42.20 3.53 -1.62
CA THR A 698 42.00 2.60 -2.73
C THR A 698 41.91 3.35 -4.05
N LEU A 699 42.48 2.74 -5.09
CA LEU A 699 42.30 3.20 -6.47
C LEU A 699 41.39 2.22 -7.17
N THR A 700 40.37 2.76 -7.86
CA THR A 700 39.38 1.94 -8.54
C THR A 700 39.29 2.40 -9.99
N ILE A 701 39.32 1.45 -10.92
CA ILE A 701 39.10 1.71 -12.33
C ILE A 701 37.71 1.17 -12.66
N GLY A 702 36.91 1.98 -13.34
CA GLY A 702 35.53 1.64 -13.63
C GLY A 702 34.98 2.48 -14.76
N THR A 703 33.77 2.12 -15.20
CA THR A 703 33.09 2.86 -16.28
C THR A 703 31.72 3.29 -15.81
N ILE A 704 31.27 4.49 -16.19
CA ILE A 704 29.92 5.01 -15.78
C ILE A 704 28.80 4.23 -16.47
N ASP A 705 27.65 4.05 -15.80
CA ASP A 705 26.51 3.28 -16.36
C ASP A 705 25.99 3.95 -17.62
N GLU A 706 25.99 5.29 -17.67
CA GLU A 706 25.59 6.07 -18.88
C GLU A 706 24.09 6.39 -18.82
N ILE A 707 23.36 5.80 -17.87
CA ILE A 707 21.92 6.13 -17.69
C ILE A 707 21.64 6.16 -16.18
N GLN A 708 21.08 7.26 -15.68
CA GLN A 708 20.71 7.31 -14.24
C GLN A 708 19.67 6.20 -14.00
N LYS A 709 19.81 5.43 -12.92
CA LYS A 709 18.89 4.30 -12.67
C LYS A 709 18.57 4.24 -11.16
N LEU A 710 17.59 3.42 -10.77
CA LEU A 710 17.36 3.24 -9.32
C LEU A 710 18.32 2.15 -8.86
N HIS A 711 19.13 2.45 -7.84
CA HIS A 711 20.07 1.45 -7.30
C HIS A 711 19.46 0.93 -6.01
N ILE A 712 19.18 -0.37 -5.98
CA ILE A 712 18.48 -0.93 -4.79
C ILE A 712 19.42 -1.91 -4.08
N ARG A 713 19.69 -1.65 -2.79
CA ARG A 713 20.48 -2.60 -2.00
C ARG A 713 19.50 -3.47 -1.23
N THR A 714 19.66 -4.78 -1.34
CA THR A 714 18.78 -5.69 -0.62
C THR A 714 19.49 -6.20 0.63
N VAL A 715 18.85 -6.06 1.78
CA VAL A 715 19.37 -6.62 3.03
C VAL A 715 18.46 -7.76 3.48
N PRO A 716 18.80 -9.00 3.19
CA PRO A 716 17.91 -10.12 3.58
C PRO A 716 17.88 -10.31 5.09
N LEU A 717 16.67 -10.56 5.61
CA LEU A 717 16.49 -10.82 7.04
C LEU A 717 16.05 -12.24 7.35
N TYR A 718 15.49 -12.95 6.36
CA TYR A 718 15.01 -14.32 6.50
C TYR A 718 13.89 -14.43 7.50
N GLU A 719 13.26 -13.30 7.79
CA GLU A 719 12.08 -13.18 8.64
C GLU A 719 11.34 -11.91 8.21
N SER A 720 10.16 -11.70 8.77
CA SER A 720 9.27 -10.61 8.30
C SER A 720 9.56 -9.24 8.93
N PRO A 721 10.04 -8.24 8.15
CA PRO A 721 10.18 -6.86 8.65
C PRO A 721 8.77 -6.27 8.76
N ARG A 722 8.52 -5.47 9.79
CA ARG A 722 7.14 -4.97 10.00
C ARG A 722 7.15 -3.44 10.09
N LYS A 723 8.09 -2.88 10.86
CA LYS A 723 8.17 -1.41 11.03
C LYS A 723 9.63 -0.97 11.03
N ILE A 724 9.90 0.27 10.62
CA ILE A 724 11.26 0.76 10.56
C ILE A 724 11.29 2.25 10.90
N CYS A 725 12.30 2.66 11.66
N CYS A 725 12.30 2.65 11.66
CA CYS A 725 12.56 4.06 11.89
CA CYS A 725 12.58 4.04 11.96
C CYS A 725 14.05 4.31 11.79
C CYS A 725 14.07 4.31 11.80
N TYR A 726 14.41 5.50 11.34
CA TYR A 726 15.80 5.92 11.23
C TYR A 726 16.17 6.76 12.45
N GLN A 727 17.27 6.40 13.12
CA GLN A 727 17.81 7.14 14.26
C GLN A 727 19.15 7.73 13.85
N GLU A 728 19.15 9.01 13.47
CA GLU A 728 20.32 9.61 12.84
C GLU A 728 21.51 9.65 13.79
N VAL A 729 21.29 10.13 15.03
CA VAL A 729 22.40 10.32 15.96
C VAL A 729 23.09 9.01 16.29
N SER A 730 22.44 7.89 16.01
CA SER A 730 23.03 6.59 16.26
C SER A 730 23.51 5.89 15.00
N GLN A 731 23.23 6.45 13.81
CA GLN A 731 23.67 5.85 12.54
C GLN A 731 23.09 4.45 12.36
N CYS A 732 21.82 4.30 12.69
CA CYS A 732 21.23 2.98 12.62
C CYS A 732 19.74 3.12 12.36
N PHE A 733 19.13 1.98 12.05
CA PHE A 733 17.70 1.84 11.88
C PHE A 733 17.20 0.95 13.00
N GLY A 734 15.98 1.22 13.46
CA GLY A 734 15.24 0.28 14.27
C GLY A 734 14.20 -0.42 13.42
N VAL A 735 14.15 -1.73 13.53
CA VAL A 735 13.22 -2.52 12.76
C VAL A 735 12.53 -3.49 13.70
N LEU A 736 11.21 -3.37 13.80
CA LEU A 736 10.50 -4.42 14.47
C LEU A 736 10.38 -5.61 13.50
N SER A 737 10.45 -6.83 14.01
CA SER A 737 10.37 -7.98 13.12
C SER A 737 9.73 -9.15 13.85
N SER A 738 9.31 -10.13 13.08
CA SER A 738 8.75 -11.33 13.68
C SER A 738 9.21 -12.54 12.90
N ARG A 739 9.43 -13.65 13.61
CA ARG A 739 9.78 -14.91 13.00
C ARG A 739 8.82 -15.96 13.53
N ILE A 740 8.51 -16.91 12.68
CA ILE A 740 7.69 -18.06 13.02
C ILE A 740 8.57 -19.13 13.66
N GLU A 741 8.10 -19.72 14.76
CA GLU A 741 8.77 -20.85 15.39
C GLU A 741 7.74 -21.95 15.60
N VAL A 742 8.20 -23.21 15.64
CA VAL A 742 7.29 -24.34 15.82
C VAL A 742 7.47 -24.94 17.20
N GLN A 743 6.35 -25.45 17.72
CA GLN A 743 6.28 -26.13 19.01
C GLN A 743 7.28 -27.28 19.08
N ASP A 744 8.18 -27.21 20.04
CA ASP A 744 9.24 -28.19 20.25
C ASP A 744 8.73 -29.34 21.11
N THR A 745 9.39 -30.50 20.99
CA THR A 745 9.09 -31.62 21.88
C THR A 745 9.68 -31.43 23.27
N SER A 746 10.61 -30.50 23.45
CA SER A 746 11.31 -30.30 24.72
C SER A 746 10.74 -29.14 25.53
N GLY A 747 9.43 -28.90 25.44
CA GLY A 747 8.82 -27.80 26.16
C GLY A 747 9.31 -26.43 25.71
N GLY A 748 9.27 -26.19 24.41
CA GLY A 748 9.71 -24.92 23.89
C GLY A 748 9.32 -24.76 22.43
N THR A 749 9.92 -23.76 21.78
CA THR A 749 9.70 -23.52 20.36
C THR A 749 11.04 -23.29 19.68
N THR A 750 11.18 -23.83 18.47
CA THR A 750 12.41 -23.73 17.72
C THR A 750 12.17 -23.04 16.38
N ALA A 751 13.19 -22.33 15.93
CA ALA A 751 13.12 -21.55 14.71
C ALA A 751 13.23 -22.46 13.48
N LEU A 752 12.66 -22.01 12.38
CA LEU A 752 12.67 -22.76 11.12
C LEU A 752 14.00 -22.63 10.40
N ARG A 753 14.81 -21.66 10.75
CA ARG A 753 16.00 -21.31 9.99
C ARG A 753 16.67 -20.20 10.77
N PRO A 754 17.92 -19.89 10.52
CA PRO A 754 18.51 -18.70 11.12
C PRO A 754 18.03 -17.44 10.41
N SER A 755 17.92 -16.36 11.18
CA SER A 755 17.38 -15.11 10.65
C SER A 755 17.93 -13.96 11.47
N ALA A 756 17.65 -12.73 10.98
CA ALA A 756 18.26 -11.53 11.56
C ALA A 756 18.13 -11.49 13.06
N SER A 757 16.98 -11.90 13.60
CA SER A 757 16.78 -11.86 15.04
C SER A 757 17.51 -12.98 15.78
N THR A 758 17.91 -14.05 15.11
CA THR A 758 18.71 -15.08 15.77
C THR A 758 20.21 -14.96 15.44
N GLN A 759 20.60 -13.98 14.64
CA GLN A 759 21.96 -13.88 14.12
C GLN A 759 22.60 -12.54 14.46
N ALA A 760 22.13 -11.89 15.52
CA ALA A 760 22.60 -10.55 15.82
C ALA A 760 23.97 -10.60 16.49
N LEU A 761 24.74 -9.52 16.29
CA LEU A 761 26.04 -9.41 16.93
C LEU A 761 25.91 -9.48 18.44
N SER A 762 24.93 -8.76 18.99
CA SER A 762 24.61 -8.76 20.41
C SER A 762 23.10 -8.95 20.57
N SER A 763 22.69 -9.56 21.69
CA SER A 763 21.30 -9.94 21.89
C SER A 763 20.80 -9.61 23.29
N SER A 764 19.50 -9.38 23.41
CA SER A 764 18.84 -9.24 24.70
C SER A 764 17.45 -9.85 24.61
N VAL A 765 16.82 -10.03 25.76
CA VAL A 765 15.49 -10.60 25.86
C VAL A 765 14.72 -9.82 26.92
N SER A 766 13.40 -9.93 26.87
CA SER A 766 12.56 -9.25 27.85
C SER A 766 12.38 -10.07 29.11
N SER A 767 12.46 -11.39 29.01
CA SER A 767 12.38 -12.23 30.20
C SER A 767 13.13 -13.51 29.95
N SER A 768 13.61 -14.12 31.04
CA SER A 768 14.24 -15.43 31.00
C SER A 768 13.19 -16.46 31.41
N LYS A 769 12.34 -16.82 30.46
CA LYS A 769 11.25 -17.76 30.71
C LYS A 769 11.43 -19.02 29.87
N LEU A 770 10.83 -20.10 30.35
CA LEU A 770 10.86 -21.37 29.63
C LEU A 770 9.47 -22.02 29.65
N PHE A 782 2.34 -31.50 18.66
CA PHE A 782 1.97 -30.08 18.67
C PHE A 782 2.14 -29.49 17.27
N GLY A 783 3.37 -29.11 16.93
CA GLY A 783 3.64 -28.53 15.62
C GLY A 783 3.01 -27.18 15.37
N GLU A 784 2.40 -26.57 16.38
CA GLU A 784 1.74 -25.29 16.20
C GLU A 784 2.78 -24.17 16.09
N GLU A 785 2.48 -23.19 15.25
CA GLU A 785 3.37 -22.06 15.04
C GLU A 785 3.15 -20.99 16.11
N VAL A 786 4.25 -20.36 16.54
CA VAL A 786 4.20 -19.18 17.39
C VAL A 786 4.96 -18.07 16.68
N GLU A 787 4.43 -16.86 16.76
CA GLU A 787 5.12 -15.68 16.29
C GLU A 787 5.98 -15.11 17.41
N VAL A 788 7.26 -14.93 17.15
CA VAL A 788 8.20 -14.33 18.09
C VAL A 788 8.62 -12.98 17.54
N HIS A 789 8.38 -11.91 18.30
CA HIS A 789 8.65 -10.54 17.83
C HIS A 789 9.94 -9.99 18.43
N ASN A 790 10.58 -9.09 17.68
CA ASN A 790 11.88 -8.54 18.05
C ASN A 790 12.02 -7.11 17.59
N LEU A 791 12.92 -6.38 18.24
CA LEU A 791 13.44 -5.10 17.78
C LEU A 791 14.88 -5.33 17.27
N LEU A 792 15.10 -5.08 15.99
CA LEU A 792 16.41 -5.18 15.38
C LEU A 792 17.03 -3.80 15.30
N ILE A 793 18.31 -3.70 15.67
CA ILE A 793 19.10 -2.50 15.45
C ILE A 793 20.07 -2.81 14.32
N ILE A 794 20.07 -1.99 13.29
CA ILE A 794 20.68 -2.36 12.02
C ILE A 794 21.55 -1.19 11.57
N ASP A 795 22.85 -1.46 11.34
CA ASP A 795 23.79 -0.38 11.03
C ASP A 795 23.50 0.23 9.66
N GLN A 796 23.45 1.57 9.61
CA GLN A 796 22.98 2.22 8.38
C GLN A 796 24.00 2.20 7.24
N HIS A 797 25.23 1.79 7.49
CA HIS A 797 26.24 1.75 6.45
C HIS A 797 26.60 0.35 6.01
N THR A 798 26.76 -0.57 6.95
CA THR A 798 27.04 -1.96 6.63
C THR A 798 25.81 -2.86 6.67
N PHE A 799 24.73 -2.43 7.32
CA PHE A 799 23.49 -3.20 7.47
C PHE A 799 23.69 -4.48 8.25
N GLU A 800 24.76 -4.54 9.04
CA GLU A 800 24.89 -5.56 10.06
C GLU A 800 23.78 -5.45 11.11
N VAL A 801 23.31 -6.60 11.58
CA VAL A 801 22.39 -6.64 12.69
C VAL A 801 23.20 -6.46 13.97
N LEU A 802 23.32 -5.20 14.41
CA LEU A 802 24.09 -4.87 15.62
C LEU A 802 23.47 -5.46 16.87
N HIS A 803 22.14 -5.50 16.95
CA HIS A 803 21.52 -6.00 18.16
C HIS A 803 20.10 -6.50 17.86
N ALA A 804 19.63 -7.48 18.65
CA ALA A 804 18.26 -7.97 18.53
C ALA A 804 17.71 -8.15 19.94
N HIS A 805 16.60 -7.50 20.23
CA HIS A 805 15.89 -7.61 21.48
C HIS A 805 14.60 -8.41 21.26
N GLN A 806 14.39 -9.44 22.06
CA GLN A 806 13.23 -10.32 21.91
C GLN A 806 12.17 -9.97 22.95
N PHE A 807 10.94 -9.79 22.48
CA PHE A 807 9.86 -9.38 23.37
C PHE A 807 9.31 -10.60 24.12
N LEU A 808 8.38 -10.35 25.04
CA LEU A 808 7.82 -11.42 25.86
C LEU A 808 7.07 -12.43 25.02
N GLN A 809 6.86 -13.60 25.60
CA GLN A 809 6.09 -14.62 24.91
C GLN A 809 4.66 -14.13 24.74
N ASN A 810 4.09 -14.37 23.55
CA ASN A 810 2.78 -13.88 23.16
C ASN A 810 2.69 -12.35 23.12
N GLU A 811 3.81 -11.65 23.21
CA GLU A 811 3.79 -10.20 23.10
C GLU A 811 3.94 -9.82 21.64
N TYR A 812 3.05 -8.96 21.17
CA TYR A 812 3.01 -8.53 19.78
C TYR A 812 3.47 -7.08 19.71
N ALA A 813 4.52 -6.82 18.91
CA ALA A 813 5.07 -5.47 18.81
C ALA A 813 4.37 -4.77 17.66
N LEU A 814 3.76 -3.62 17.93
CA LEU A 814 2.87 -3.00 16.96
C LEU A 814 3.38 -1.70 16.38
N SER A 815 4.05 -0.87 17.18
CA SER A 815 4.37 0.49 16.76
C SER A 815 5.75 0.87 17.25
N LEU A 816 6.37 1.80 16.56
CA LEU A 816 7.78 2.08 16.73
C LEU A 816 8.02 3.54 16.42
N VAL A 817 8.77 4.23 17.28
CA VAL A 817 9.19 5.59 17.00
C VAL A 817 10.63 5.75 17.48
N SER A 818 11.32 6.72 16.88
CA SER A 818 12.63 7.17 17.30
C SER A 818 12.53 8.66 17.60
N CYS A 819 12.83 9.07 18.84
CA CYS A 819 12.68 10.50 19.14
C CYS A 819 13.29 10.86 20.49
N LYS A 820 13.38 12.18 20.70
CA LYS A 820 13.68 12.84 21.96
C LYS A 820 12.38 13.24 22.65
N LEU A 821 12.38 13.25 23.98
CA LEU A 821 11.21 13.69 24.71
C LEU A 821 11.60 14.64 25.85
N GLY A 822 10.68 15.55 26.17
CA GLY A 822 10.88 16.47 27.28
C GLY A 822 12.20 17.22 27.18
N LYS A 823 12.92 17.30 28.30
CA LYS A 823 14.20 17.98 28.34
C LYS A 823 15.38 17.03 28.21
N ASP A 824 15.12 15.75 27.94
CA ASP A 824 16.15 14.73 27.91
C ASP A 824 16.86 14.74 26.56
N PRO A 825 18.20 14.85 26.53
CA PRO A 825 18.92 14.93 25.25
C PRO A 825 19.11 13.59 24.57
N ASN A 826 18.88 12.47 25.23
CA ASN A 826 18.98 11.18 24.58
C ASN A 826 17.89 11.00 23.52
N THR A 827 18.22 10.26 22.47
CA THR A 827 17.25 9.76 21.51
C THR A 827 16.97 8.30 21.85
N TYR A 828 15.69 7.93 21.86
CA TYR A 828 15.30 6.59 22.26
C TYR A 828 14.56 5.88 21.14
N PHE A 829 14.60 4.55 21.17
CA PHE A 829 13.66 3.73 20.42
C PHE A 829 12.51 3.39 21.35
N ILE A 830 11.28 3.66 20.93
CA ILE A 830 10.09 3.42 21.75
C ILE A 830 9.14 2.47 21.00
N VAL A 831 8.73 1.40 21.66
CA VAL A 831 7.92 0.36 21.05
C VAL A 831 6.62 0.20 21.84
N GLY A 832 5.51 0.10 21.12
CA GLY A 832 4.21 -0.21 21.71
C GLY A 832 3.79 -1.64 21.36
N THR A 833 3.14 -2.30 22.32
CA THR A 833 2.89 -3.73 22.20
C THR A 833 1.45 -4.06 22.59
N ALA A 834 1.09 -5.32 22.35
CA ALA A 834 -0.11 -5.89 22.91
C ALA A 834 0.19 -7.30 23.37
N MET A 835 -0.51 -7.75 24.40
CA MET A 835 -0.39 -9.16 24.83
C MET A 835 -1.50 -9.92 24.10
N VAL A 836 -1.13 -10.87 23.25
CA VAL A 836 -2.17 -11.53 22.42
C VAL A 836 -2.40 -12.98 22.89
N TYR A 837 -3.64 -13.29 23.24
CA TYR A 837 -4.00 -14.67 23.65
C TYR A 837 -5.13 -15.13 22.74
N PRO A 838 -5.09 -16.36 22.21
CA PRO A 838 -6.11 -16.83 21.22
C PRO A 838 -7.51 -16.77 21.83
N GLU A 839 -7.62 -17.09 23.11
CA GLU A 839 -8.93 -17.03 23.82
C GLU A 839 -9.45 -15.58 23.89
N GLU A 840 -8.57 -14.58 24.06
CA GLU A 840 -9.04 -13.18 24.24
C GLU A 840 -9.05 -12.41 22.92
N ALA A 841 -10.25 -12.02 22.44
CA ALA A 841 -10.38 -11.29 21.16
C ALA A 841 -9.81 -9.87 21.21
N GLU A 842 -10.17 -9.10 22.24
CA GLU A 842 -9.71 -7.69 22.35
C GLU A 842 -8.57 -7.68 23.36
N PRO A 843 -7.39 -7.12 23.04
CA PRO A 843 -6.27 -7.24 23.99
C PRO A 843 -6.48 -6.33 25.19
N LYS A 844 -6.30 -6.90 26.38
CA LYS A 844 -6.49 -6.20 27.64
C LYS A 844 -5.17 -5.79 28.29
N GLN A 845 -4.05 -6.03 27.62
N GLN A 845 -4.04 -6.13 27.69
CA GLN A 845 -2.74 -5.89 28.23
CA GLN A 845 -2.75 -5.82 28.29
C GLN A 845 -1.73 -5.51 27.16
C GLN A 845 -1.78 -5.46 27.17
N GLY A 846 -0.87 -4.56 27.49
CA GLY A 846 0.17 -4.15 26.56
C GLY A 846 1.09 -3.20 27.26
N ARG A 847 2.19 -2.86 26.60
CA ARG A 847 3.12 -1.92 27.23
C ARG A 847 3.80 -1.03 26.21
N ILE A 848 4.33 0.08 26.73
CA ILE A 848 5.19 1.00 26.00
C ILE A 848 6.58 0.85 26.63
N VAL A 849 7.57 0.54 25.79
CA VAL A 849 8.93 0.28 26.24
C VAL A 849 9.84 1.33 25.62
N VAL A 850 10.63 1.99 26.45
CA VAL A 850 11.58 3.01 26.01
C VAL A 850 12.98 2.38 26.06
N PHE A 851 13.64 2.31 24.91
CA PHE A 851 14.97 1.72 24.78
C PHE A 851 16.00 2.80 24.47
N GLN A 852 17.25 2.53 24.84
CA GLN A 852 18.37 3.36 24.42
C GLN A 852 19.43 2.47 23.78
N TYR A 853 19.91 2.87 22.63
CA TYR A 853 20.99 2.17 21.94
C TYR A 853 22.31 2.88 22.20
N SER A 854 23.21 2.20 22.91
CA SER A 854 24.54 2.72 23.17
C SER A 854 25.46 1.57 23.57
N ASP A 855 26.76 1.77 23.36
CA ASP A 855 27.76 0.73 23.61
C ASP A 855 27.38 -0.58 22.90
N GLY A 856 26.84 -0.44 21.68
CA GLY A 856 26.42 -1.60 20.93
C GLY A 856 25.30 -2.36 21.61
N LYS A 857 24.75 -1.80 22.68
CA LYS A 857 23.74 -2.49 23.45
C LYS A 857 22.42 -1.73 23.41
N LEU A 858 21.35 -2.48 23.52
CA LEU A 858 20.04 -1.92 23.75
C LEU A 858 19.75 -2.02 25.25
N GLN A 859 19.43 -0.89 25.86
CA GLN A 859 19.05 -0.85 27.26
C GLN A 859 17.59 -0.45 27.37
N THR A 860 16.86 -1.13 28.24
CA THR A 860 15.50 -0.77 28.61
C THR A 860 15.58 0.38 29.61
N VAL A 861 15.26 1.60 29.16
CA VAL A 861 15.33 2.75 30.04
C VAL A 861 14.04 2.96 30.84
N ALA A 862 12.89 2.64 30.27
CA ALA A 862 11.65 2.68 31.03
C ALA A 862 10.61 1.84 30.32
N GLU A 863 9.50 1.62 31.03
CA GLU A 863 8.48 0.67 30.66
C GLU A 863 7.17 1.19 31.24
N LYS A 864 6.09 1.10 30.46
CA LYS A 864 4.80 1.56 30.94
C LYS A 864 3.72 0.54 30.59
N GLU A 865 3.01 0.04 31.60
CA GLU A 865 1.99 -0.97 31.36
C GLU A 865 0.66 -0.29 31.10
N VAL A 866 0.06 -0.62 29.97
CA VAL A 866 -1.22 -0.05 29.59
C VAL A 866 -2.19 -1.22 29.52
N LYS A 867 -3.46 -0.90 29.51
CA LYS A 867 -4.39 -2.02 29.58
C LYS A 867 -5.01 -2.19 28.22
N GLY A 868 -4.20 -2.55 27.23
CA GLY A 868 -4.71 -2.70 25.88
C GLY A 868 -3.59 -2.64 24.87
N ALA A 869 -3.97 -2.68 23.60
CA ALA A 869 -3.02 -2.71 22.49
C ALA A 869 -2.57 -1.30 22.11
N VAL A 870 -1.26 -1.09 22.05
CA VAL A 870 -0.70 0.21 21.62
C VAL A 870 -0.55 0.16 20.10
N TYR A 871 -1.64 0.53 19.39
CA TYR A 871 -1.69 0.39 17.94
C TYR A 871 -0.77 1.37 17.21
N SER A 872 -0.52 2.54 17.78
CA SER A 872 0.11 3.63 17.06
C SER A 872 0.75 4.58 18.06
N MET A 873 1.82 5.26 17.63
CA MET A 873 2.52 6.22 18.48
C MET A 873 3.16 7.28 17.60
N VAL A 874 3.18 8.52 18.11
CA VAL A 874 3.80 9.65 17.43
C VAL A 874 4.47 10.51 18.50
N GLU A 875 5.58 11.15 18.13
CA GLU A 875 6.17 12.15 19.05
C GLU A 875 5.37 13.44 18.82
N PHE A 876 4.82 14.02 19.89
CA PHE A 876 3.99 15.24 19.75
C PHE A 876 4.56 16.36 20.62
N ASN A 877 5.22 17.33 20.00
CA ASN A 877 5.70 18.52 20.74
C ASN A 877 6.53 18.13 21.97
N GLY A 878 7.45 17.16 21.83
CA GLY A 878 8.33 16.76 22.93
C GLY A 878 7.66 15.77 23.86
N LYS A 879 6.46 15.31 23.49
CA LYS A 879 5.69 14.38 24.35
C LYS A 879 5.31 13.16 23.50
N LEU A 880 4.95 12.06 24.14
CA LEU A 880 4.60 10.82 23.40
C LEU A 880 3.08 10.70 23.32
N LEU A 881 2.55 10.64 22.10
CA LEU A 881 1.09 10.44 21.91
C LEU A 881 0.90 8.99 21.47
N ALA A 882 0.05 8.25 22.18
CA ALA A 882 -0.13 6.82 21.87
C ALA A 882 -1.61 6.48 21.79
N SER A 883 -1.94 5.51 20.93
CA SER A 883 -3.34 5.07 20.81
C SER A 883 -3.45 3.69 21.46
N ILE A 884 -4.23 3.59 22.53
CA ILE A 884 -4.42 2.30 23.24
C ILE A 884 -5.91 1.95 23.14
N ASN A 885 -6.23 0.85 22.46
CA ASN A 885 -7.65 0.49 22.25
C ASN A 885 -8.37 1.68 21.62
N SER A 886 -9.46 2.12 22.24
CA SER A 886 -10.29 3.24 21.69
C SER A 886 -9.86 4.56 22.32
N THR A 887 -8.70 4.60 22.96
CA THR A 887 -8.25 5.81 23.67
C THR A 887 -6.99 6.38 23.07
N VAL A 888 -6.88 7.71 23.05
CA VAL A 888 -5.62 8.39 22.61
C VAL A 888 -5.05 9.03 23.89
N ARG A 889 -3.78 8.78 24.19
CA ARG A 889 -3.22 9.27 25.49
C ARG A 889 -1.94 10.08 25.26
N LEU A 890 -1.80 11.20 25.96
CA LEU A 890 -0.57 12.02 25.87
C LEU A 890 0.28 11.75 27.11
N TYR A 891 1.58 11.46 26.90
CA TYR A 891 2.49 11.16 28.00
C TYR A 891 3.61 12.19 28.03
N GLU A 892 4.00 12.56 29.24
CA GLU A 892 5.17 13.41 29.40
C GLU A 892 6.32 12.57 29.91
N TRP A 893 7.52 12.93 29.50
CA TRP A 893 8.74 12.24 29.88
C TRP A 893 9.43 13.07 30.95
N THR A 894 9.44 12.57 32.18
CA THR A 894 9.95 13.34 33.32
C THR A 894 11.45 13.13 33.51
N THR A 895 12.04 13.99 34.35
CA THR A 895 13.48 13.89 34.61
C THR A 895 13.84 12.64 35.42
N GLU A 896 12.86 11.93 35.94
CA GLU A 896 13.09 10.62 36.52
C GLU A 896 13.01 9.51 35.48
N LYS A 897 12.99 9.84 34.18
CA LYS A 897 12.90 8.88 33.07
C LYS A 897 11.68 7.97 33.22
N GLU A 898 10.50 8.59 33.35
CA GLU A 898 9.26 7.86 33.36
C GLU A 898 8.27 8.57 32.44
N LEU A 899 7.25 7.81 32.01
CA LEU A 899 6.19 8.35 31.19
C LEU A 899 5.01 8.65 32.11
N ARG A 900 4.60 9.92 32.15
CA ARG A 900 3.53 10.40 33.02
C ARG A 900 2.35 10.80 32.14
N THR A 901 1.22 10.16 32.37
CA THR A 901 0.02 10.53 31.63
C THR A 901 -0.36 11.98 31.92
N GLU A 902 -0.49 12.76 30.86
CA GLU A 902 -1.02 14.11 30.98
C GLU A 902 -2.52 14.12 30.74
N CYS A 903 -2.98 13.50 29.65
CA CYS A 903 -4.41 13.47 29.39
C CYS A 903 -4.74 12.29 28.51
N ASN A 904 -6.03 12.11 28.31
CA ASN A 904 -6.59 10.87 27.83
C ASN A 904 -7.91 11.22 27.16
N HIS A 905 -8.08 10.78 25.92
CA HIS A 905 -9.28 11.07 25.16
C HIS A 905 -9.98 9.80 24.73
N TYR A 906 -11.21 9.61 25.21
CA TYR A 906 -12.01 8.47 24.80
C TYR A 906 -12.64 8.72 23.44
N ASN A 907 -12.54 7.74 22.56
CA ASN A 907 -13.19 7.81 21.26
C ASN A 907 -14.23 6.70 21.16
N ASN A 908 -15.16 6.87 20.26
CA ASN A 908 -16.03 5.76 19.92
C ASN A 908 -15.43 4.88 18.83
N ILE A 909 -14.13 5.03 18.57
CA ILE A 909 -13.44 4.25 17.54
C ILE A 909 -12.07 3.85 18.07
N MET A 910 -11.60 2.74 17.54
CA MET A 910 -10.23 2.30 17.77
C MET A 910 -9.26 3.19 16.99
N ALA A 911 -8.28 3.75 17.69
CA ALA A 911 -7.35 4.68 17.00
C ALA A 911 -6.21 3.91 16.34
N LEU A 912 -6.52 3.15 15.29
CA LEU A 912 -5.48 2.39 14.55
C LEU A 912 -4.50 3.35 13.87
N TYR A 913 -5.01 4.44 13.30
CA TYR A 913 -4.13 5.36 12.53
C TYR A 913 -3.97 6.67 13.29
N LEU A 914 -2.73 7.08 13.53
CA LEU A 914 -2.46 8.33 14.27
C LEU A 914 -1.46 9.18 13.48
N LYS A 915 -1.80 10.44 13.19
CA LYS A 915 -0.89 11.37 12.48
C LYS A 915 -1.07 12.78 13.08
N THR A 916 0.00 13.56 13.18
CA THR A 916 -0.09 14.88 13.76
C THR A 916 0.66 15.90 12.93
N LYS A 917 0.17 17.14 12.99
CA LYS A 917 0.81 18.36 12.50
C LYS A 917 0.55 19.45 13.54
N GLY A 918 1.61 20.11 14.01
CA GLY A 918 1.43 21.17 14.98
C GLY A 918 0.77 20.64 16.25
N ASP A 919 -0.36 21.24 16.62
CA ASP A 919 -1.16 20.79 17.76
C ASP A 919 -2.35 19.96 17.34
N PHE A 920 -2.45 19.58 16.05
CA PHE A 920 -3.58 18.84 15.51
C PHE A 920 -3.28 17.35 15.43
N ILE A 921 -4.32 16.53 15.54
CA ILE A 921 -4.14 15.09 15.61
C ILE A 921 -5.18 14.42 14.71
N LEU A 922 -4.71 13.61 13.75
CA LEU A 922 -5.63 12.83 12.89
C LEU A 922 -5.75 11.41 13.44
N VAL A 923 -6.98 10.98 13.77
CA VAL A 923 -7.22 9.61 14.32
C VAL A 923 -8.06 8.83 13.31
N GLY A 924 -7.68 7.59 13.03
CA GLY A 924 -8.40 6.78 12.03
C GLY A 924 -8.63 5.35 12.47
N ASP A 925 -9.62 4.69 11.87
CA ASP A 925 -9.92 3.27 12.19
C ASP A 925 -10.02 2.48 10.88
N LEU A 926 -10.14 1.16 10.96
CA LEU A 926 -10.18 0.31 9.73
C LEU A 926 -11.49 0.54 8.97
N MET A 927 -12.48 1.20 9.58
CA MET A 927 -13.81 1.39 8.95
C MET A 927 -13.90 2.78 8.30
N ARG A 928 -12.78 3.48 8.17
CA ARG A 928 -12.75 4.81 7.46
C ARG A 928 -13.38 5.86 8.38
N SER A 929 -13.49 5.58 9.67
CA SER A 929 -13.98 6.61 10.62
C SER A 929 -12.80 7.54 10.92
N VAL A 930 -12.96 8.83 10.63
CA VAL A 930 -11.83 9.80 10.81
C VAL A 930 -12.22 10.82 11.87
N LEU A 931 -11.30 11.11 12.80
CA LEU A 931 -11.57 12.07 13.90
C LEU A 931 -10.41 13.07 13.96
N LEU A 932 -10.73 14.37 13.96
CA LEU A 932 -9.66 15.38 14.08
C LEU A 932 -9.65 15.92 15.51
N LEU A 933 -8.49 15.89 16.15
CA LEU A 933 -8.39 16.31 17.58
C LEU A 933 -7.38 17.45 17.72
N ALA A 934 -7.67 18.41 18.60
CA ALA A 934 -6.72 19.52 18.87
C ALA A 934 -6.30 19.47 20.33
N TYR A 935 -5.00 19.52 20.60
CA TYR A 935 -4.55 19.59 22.01
C TYR A 935 -4.71 21.02 22.49
N LYS A 936 -5.34 21.18 23.65
CA LYS A 936 -5.49 22.53 24.24
C LYS A 936 -4.44 22.67 25.35
N PRO A 937 -3.38 23.47 25.13
CA PRO A 937 -2.25 23.58 26.11
C PRO A 937 -2.73 24.15 27.43
N MET A 938 -3.60 25.16 27.39
CA MET A 938 -4.05 25.83 28.63
C MET A 938 -5.12 24.98 29.34
N GLU A 939 -5.56 23.89 28.72
CA GLU A 939 -6.53 22.99 29.38
C GLU A 939 -5.88 21.62 29.68
N GLY A 940 -4.70 21.38 29.13
CA GLY A 940 -4.02 20.07 29.33
C GLY A 940 -4.92 18.94 28.88
N ASN A 941 -5.67 19.15 27.80
CA ASN A 941 -6.65 18.13 27.35
C ASN A 941 -6.83 18.26 25.84
N PHE A 942 -7.49 17.28 25.22
CA PHE A 942 -7.74 17.34 23.75
C PHE A 942 -9.13 17.86 23.47
N GLU A 943 -9.31 18.50 22.33
CA GLU A 943 -10.66 18.95 21.89
C GLU A 943 -10.97 18.32 20.53
N GLU A 944 -12.17 17.74 20.37
CA GLU A 944 -12.56 17.19 19.04
C GLU A 944 -12.97 18.35 18.13
N ILE A 945 -12.33 18.46 16.96
CA ILE A 945 -12.61 19.59 16.03
C ILE A 945 -13.60 19.12 14.96
N ALA A 946 -13.36 17.93 14.40
CA ALA A 946 -14.22 17.45 13.28
C ALA A 946 -14.23 15.92 13.22
N ARG A 947 -15.27 15.36 12.61
CA ARG A 947 -15.34 13.88 12.43
C ARG A 947 -16.00 13.54 11.10
N ASP A 948 -15.79 12.32 10.60
CA ASP A 948 -16.45 11.86 9.35
C ASP A 948 -16.54 10.33 9.40
N PHE A 949 -17.76 9.80 9.49
CA PHE A 949 -17.93 8.35 9.54
C PHE A 949 -18.49 7.91 8.18
N ASN A 950 -17.77 7.01 7.52
CA ASN A 950 -18.10 6.60 6.15
C ASN A 950 -17.65 5.18 5.93
N PRO A 951 -18.43 4.22 6.42
CA PRO A 951 -17.96 2.84 6.53
C PRO A 951 -17.32 2.28 5.27
N ASN A 952 -16.05 1.90 5.40
CA ASN A 952 -15.25 1.31 4.31
C ASN A 952 -13.87 0.97 4.84
N TRP A 953 -13.31 -0.15 4.36
CA TRP A 953 -11.95 -0.51 4.77
C TRP A 953 -10.96 0.59 4.40
N MET A 954 -10.22 1.05 5.41
CA MET A 954 -9.16 2.04 5.28
C MET A 954 -7.81 1.40 5.63
N SER A 955 -6.80 1.64 4.80
CA SER A 955 -5.51 1.01 5.00
C SER A 955 -4.39 1.95 5.44
N ALA A 956 -4.55 3.27 5.30
CA ALA A 956 -3.50 4.23 5.67
C ALA A 956 -4.10 5.63 5.64
N VAL A 957 -3.48 6.56 6.38
CA VAL A 957 -3.86 7.97 6.32
C VAL A 957 -2.65 8.87 6.53
N GLU A 958 -2.78 10.11 6.09
CA GLU A 958 -1.70 11.08 6.15
C GLU A 958 -2.30 12.48 6.19
N ILE A 959 -1.58 13.40 6.82
CA ILE A 959 -1.93 14.82 6.83
C ILE A 959 -1.12 15.54 5.74
N LEU A 960 -1.84 16.12 4.77
CA LEU A 960 -1.22 16.92 3.71
C LEU A 960 -0.87 18.33 4.19
N ASP A 961 -1.84 19.04 4.75
CA ASP A 961 -1.63 20.32 5.39
C ASP A 961 -2.71 20.51 6.44
N ASP A 962 -2.81 21.74 6.98
CA ASP A 962 -3.65 22.01 8.15
C ASP A 962 -5.11 21.70 7.92
N ASP A 963 -5.58 21.69 6.67
CA ASP A 963 -7.01 21.46 6.42
C ASP A 963 -7.33 20.21 5.61
N ASN A 964 -6.34 19.45 5.13
CA ASN A 964 -6.56 18.35 4.20
C ASN A 964 -5.84 17.08 4.64
N PHE A 965 -6.56 15.97 4.50
CA PHE A 965 -6.14 14.67 4.99
C PHE A 965 -6.37 13.63 3.90
N LEU A 966 -5.33 12.86 3.63
CA LEU A 966 -5.27 11.85 2.57
C LEU A 966 -5.40 10.45 3.17
N GLY A 967 -6.18 9.59 2.51
CA GLY A 967 -6.30 8.20 2.94
C GLY A 967 -6.45 7.25 1.77
N ALA A 968 -6.17 5.98 2.04
CA ALA A 968 -6.36 4.92 1.06
C ALA A 968 -7.46 3.98 1.52
N GLU A 969 -8.35 3.58 0.62
CA GLU A 969 -9.52 2.83 1.08
C GLU A 969 -10.01 1.82 0.06
N ASN A 970 -10.92 0.98 0.51
CA ASN A 970 -11.13 -0.32 -0.10
C ASN A 970 -11.48 -0.20 -1.57
N ALA A 971 -10.92 -1.18 -2.30
CA ALA A 971 -10.91 -1.27 -3.74
C ALA A 971 -9.96 -0.24 -4.31
N PHE A 972 -8.81 -0.08 -3.64
CA PHE A 972 -7.60 0.47 -4.26
C PHE A 972 -7.77 1.94 -4.63
N ASN A 973 -8.44 2.68 -3.74
CA ASN A 973 -8.75 4.08 -3.98
C ASN A 973 -7.96 4.97 -3.04
N LEU A 974 -7.83 6.23 -3.43
CA LEU A 974 -7.36 7.29 -2.56
C LEU A 974 -8.53 8.24 -2.30
N PHE A 975 -8.49 8.90 -1.15
CA PHE A 975 -9.48 9.95 -0.92
C PHE A 975 -8.80 11.09 -0.20
N VAL A 976 -9.33 12.29 -0.42
CA VAL A 976 -8.94 13.46 0.35
C VAL A 976 -10.19 14.05 0.98
N CYS A 977 -10.12 14.34 2.27
CA CYS A 977 -11.21 15.03 2.91
C CYS A 977 -10.64 16.26 3.63
N GLN A 978 -11.54 17.20 3.92
CA GLN A 978 -11.12 18.59 4.12
C GLN A 978 -11.94 19.26 5.20
N LYS A 979 -11.26 20.01 6.08
CA LYS A 979 -11.99 20.81 7.10
C LYS A 979 -12.50 22.06 6.37
N ASP A 980 -13.80 22.12 6.08
CA ASP A 980 -14.35 23.22 5.23
C ASP A 980 -14.22 24.59 5.92
N SER A 981 -13.75 25.59 5.17
CA SER A 981 -13.66 26.97 5.71
C SER A 981 -14.93 27.74 5.34
N ALA A 982 -15.74 27.18 4.44
CA ALA A 982 -17.02 27.83 4.08
C ALA A 982 -18.08 27.41 5.09
N ALA A 983 -17.86 27.74 6.36
CA ALA A 983 -18.81 27.32 7.42
C ALA A 983 -18.83 28.35 8.56
N THR A 984 -20.02 28.59 9.13
CA THR A 984 -20.11 29.45 10.31
C THR A 984 -20.70 28.62 11.43
N THR A 985 -21.53 27.64 11.06
CA THR A 985 -22.16 26.76 12.06
C THR A 985 -21.12 25.83 12.62
N ASP A 986 -21.22 25.49 13.91
CA ASP A 986 -20.28 24.51 14.51
C ASP A 986 -20.49 23.16 13.82
N GLU A 987 -21.74 22.81 13.51
CA GLU A 987 -22.05 21.51 12.87
C GLU A 987 -21.33 21.45 11.51
N GLU A 988 -21.32 22.56 10.77
CA GLU A 988 -20.61 22.59 9.48
C GLU A 988 -19.10 22.45 9.71
N ARG A 989 -18.55 23.20 10.66
CA ARG A 989 -17.09 23.18 10.92
C ARG A 989 -16.65 21.76 11.33
N GLN A 990 -17.47 21.07 12.12
CA GLN A 990 -17.11 19.72 12.61
C GLN A 990 -17.36 18.66 11.55
N HIS A 991 -17.61 19.05 10.30
CA HIS A 991 -17.96 18.03 9.33
C HIS A 991 -16.97 18.11 8.17
N LEU A 992 -16.33 17.00 7.88
CA LEU A 992 -15.28 16.98 6.88
C LEU A 992 -15.91 16.77 5.50
N GLN A 993 -15.45 17.58 4.53
CA GLN A 993 -15.85 17.54 3.13
C GLN A 993 -14.97 16.58 2.32
N GLU A 994 -15.61 15.59 1.70
CA GLU A 994 -14.94 14.84 0.65
C GLU A 994 -14.62 15.78 -0.52
N VAL A 995 -13.33 15.91 -0.86
CA VAL A 995 -12.91 16.77 -1.97
C VAL A 995 -12.06 16.04 -2.99
N GLY A 996 -11.77 14.77 -2.78
CA GLY A 996 -10.85 14.02 -3.61
C GLY A 996 -11.17 12.54 -3.54
N LEU A 997 -11.25 11.91 -4.70
CA LEU A 997 -11.56 10.51 -4.89
C LEU A 997 -10.84 10.09 -6.16
N PHE A 998 -10.21 8.91 -6.13
CA PHE A 998 -9.34 8.49 -7.22
C PHE A 998 -9.06 6.99 -7.12
N HIS A 999 -9.28 6.24 -8.19
CA HIS A 999 -8.96 4.81 -8.15
C HIS A 999 -7.47 4.64 -8.48
N LEU A 1000 -6.67 4.32 -7.48
CA LEU A 1000 -5.24 4.20 -7.68
C LEU A 1000 -4.89 2.86 -8.32
N GLY A 1001 -5.57 1.79 -7.92
CA GLY A 1001 -5.25 0.47 -8.44
C GLY A 1001 -4.21 -0.28 -7.61
N GLU A 1002 -3.77 0.34 -6.51
CA GLU A 1002 -2.77 -0.30 -5.61
C GLU A 1002 -3.30 -0.22 -4.17
N PHE A 1003 -2.81 -1.11 -3.29
CA PHE A 1003 -3.21 -1.08 -1.86
C PHE A 1003 -2.10 -0.39 -1.08
N VAL A 1004 -2.41 0.74 -0.44
CA VAL A 1004 -1.36 1.53 0.26
C VAL A 1004 -1.23 1.05 1.72
N ASN A 1005 0.00 0.76 2.14
CA ASN A 1005 0.25 0.35 3.55
C ASN A 1005 0.90 1.51 4.31
N VAL A 1006 1.59 2.42 3.59
CA VAL A 1006 2.30 3.46 4.32
C VAL A 1006 2.33 4.73 3.50
N PHE A 1007 2.03 5.85 4.14
CA PHE A 1007 2.28 7.18 3.61
C PHE A 1007 3.42 7.78 4.43
N CYS A 1008 4.34 8.46 3.75
CA CYS A 1008 5.43 9.15 4.48
C CYS A 1008 5.78 10.45 3.75
N HIS A 1009 6.13 11.49 4.50
CA HIS A 1009 6.59 12.74 3.84
C HIS A 1009 8.05 12.59 3.45
N GLY A 1010 8.36 12.75 2.16
CA GLY A 1010 9.75 12.68 1.68
C GLY A 1010 9.97 13.82 0.72
N SER A 1011 10.20 15.03 1.24
CA SER A 1011 10.29 16.22 0.36
C SER A 1011 11.58 16.28 -0.45
N LEU A 1012 11.47 16.41 -1.78
CA LEU A 1012 12.66 16.64 -2.63
C LEU A 1012 13.62 15.44 -2.53
N VAL A 1013 13.13 14.29 -2.07
CA VAL A 1013 13.99 13.08 -2.05
C VAL A 1013 14.31 12.72 -3.51
N MET A 1014 13.32 12.88 -4.39
CA MET A 1014 13.48 12.50 -5.82
C MET A 1014 13.78 13.75 -6.65
N GLN A 1015 13.98 14.90 -6.00
CA GLN A 1015 14.33 16.15 -6.72
C GLN A 1015 15.37 15.83 -7.80
N PRO A 1023 5.71 24.07 -9.75
CA PRO A 1023 4.31 23.75 -10.18
C PRO A 1023 3.66 22.81 -9.18
N THR A 1024 4.45 22.18 -8.32
CA THR A 1024 3.92 21.23 -7.32
C THR A 1024 4.43 21.61 -5.95
N GLN A 1025 3.60 21.47 -4.92
CA GLN A 1025 4.02 21.80 -3.57
C GLN A 1025 3.77 20.61 -2.66
N GLY A 1026 4.73 20.32 -1.78
CA GLY A 1026 4.64 19.21 -0.85
C GLY A 1026 4.98 17.88 -1.51
N SER A 1027 5.11 16.86 -0.67
CA SER A 1027 5.61 15.59 -1.18
C SER A 1027 5.23 14.47 -0.20
N VAL A 1028 4.27 13.64 -0.57
CA VAL A 1028 3.91 12.48 0.21
C VAL A 1028 4.17 11.23 -0.63
N LEU A 1029 5.01 10.35 -0.14
CA LEU A 1029 5.32 9.08 -0.77
C LEU A 1029 4.44 7.99 -0.18
N PHE A 1030 4.11 6.99 -1.00
CA PHE A 1030 3.37 5.87 -0.44
C PHE A 1030 3.95 4.57 -0.98
N GLY A 1031 3.88 3.53 -0.14
CA GLY A 1031 4.33 2.20 -0.52
C GLY A 1031 3.19 1.20 -0.47
N THR A 1032 3.24 0.20 -1.34
CA THR A 1032 2.08 -0.64 -1.59
C THR A 1032 2.41 -2.13 -1.54
N VAL A 1033 1.34 -2.93 -1.50
CA VAL A 1033 1.43 -4.39 -1.50
C VAL A 1033 2.18 -4.91 -2.72
N ASN A 1034 1.97 -4.31 -3.89
CA ASN A 1034 2.64 -4.76 -5.10
C ASN A 1034 4.06 -4.22 -5.27
N GLY A 1035 4.61 -3.48 -4.31
CA GLY A 1035 5.94 -2.93 -4.46
C GLY A 1035 5.99 -1.67 -5.29
N MET A 1036 4.85 -1.18 -5.74
CA MET A 1036 4.79 0.11 -6.41
C MET A 1036 5.01 1.20 -5.37
N ILE A 1037 5.61 2.30 -5.81
CA ILE A 1037 5.87 3.43 -4.94
C ILE A 1037 5.38 4.66 -5.67
N GLY A 1038 4.56 5.46 -4.99
CA GLY A 1038 3.94 6.61 -5.61
C GLY A 1038 4.23 7.90 -4.86
N LEU A 1039 3.93 9.01 -5.54
CA LEU A 1039 4.05 10.35 -4.98
C LEU A 1039 2.73 11.09 -5.14
N VAL A 1040 2.28 11.75 -4.07
CA VAL A 1040 1.19 12.73 -4.11
C VAL A 1040 1.79 14.10 -3.81
N THR A 1041 1.43 15.10 -4.62
CA THR A 1041 1.86 16.48 -4.39
C THR A 1041 0.73 17.43 -4.76
N SER A 1042 0.77 18.63 -4.18
CA SER A 1042 -0.34 19.56 -4.33
C SER A 1042 -0.21 20.45 -5.55
N LEU A 1043 -1.37 20.79 -6.11
CA LEU A 1043 -1.52 21.72 -7.21
C LEU A 1043 -2.36 22.91 -6.77
N SER A 1044 -2.00 24.10 -7.27
CA SER A 1044 -2.92 25.22 -7.27
C SER A 1044 -4.12 24.92 -8.17
N GLU A 1045 -5.20 25.69 -7.96
CA GLU A 1045 -6.42 25.44 -8.74
C GLU A 1045 -6.20 25.69 -10.23
N SER A 1046 -5.36 26.67 -10.55
CA SER A 1046 -5.09 26.97 -11.95
C SER A 1046 -4.33 25.83 -12.64
N TRP A 1047 -3.39 25.20 -11.95
CA TRP A 1047 -2.71 24.05 -12.55
C TRP A 1047 -3.61 22.83 -12.65
N TYR A 1048 -4.41 22.55 -11.62
CA TYR A 1048 -5.34 21.43 -11.68
C TYR A 1048 -6.28 21.57 -12.87
N ASN A 1049 -6.78 22.79 -13.11
CA ASN A 1049 -7.75 22.99 -14.17
C ASN A 1049 -7.10 22.84 -15.54
N LEU A 1050 -5.90 23.43 -15.73
CA LEU A 1050 -5.20 23.18 -16.99
C LEU A 1050 -4.93 21.68 -17.17
N LEU A 1051 -4.51 21.00 -16.10
CA LEU A 1051 -4.13 19.59 -16.20
C LEU A 1051 -5.34 18.69 -16.32
N LEU A 1052 -6.47 19.08 -15.71
CA LEU A 1052 -7.69 18.26 -15.89
C LEU A 1052 -8.12 18.31 -17.37
N ASP A 1053 -8.09 19.51 -17.96
CA ASP A 1053 -8.54 19.67 -19.38
C ASP A 1053 -7.58 18.88 -20.28
N MET A 1054 -6.28 18.96 -20.02
CA MET A 1054 -5.27 18.25 -20.84
C MET A 1054 -5.53 16.74 -20.78
N GLN A 1055 -5.98 16.25 -19.63
CA GLN A 1055 -6.31 14.82 -19.53
C GLN A 1055 -7.40 14.43 -20.51
N ASN A 1056 -8.51 15.18 -20.48
CA ASN A 1056 -9.65 14.86 -21.33
C ASN A 1056 -9.25 14.90 -22.80
N ARG A 1057 -8.35 15.80 -23.16
CA ARG A 1057 -7.85 15.85 -24.52
C ARG A 1057 -6.85 14.72 -24.80
N LEU A 1058 -5.95 14.44 -23.87
CA LEU A 1058 -5.05 13.29 -24.04
C LEU A 1058 -5.83 12.01 -24.21
N ASN A 1059 -6.94 11.86 -23.49
CA ASN A 1059 -7.71 10.63 -23.54
C ASN A 1059 -8.35 10.39 -24.91
N LYS A 1060 -8.52 11.43 -25.73
CA LYS A 1060 -9.06 11.20 -27.06
C LYS A 1060 -8.00 10.80 -28.08
N VAL A 1061 -6.73 10.87 -27.69
CA VAL A 1061 -5.65 10.65 -28.61
C VAL A 1061 -4.85 9.38 -28.30
N ILE A 1062 -4.83 8.93 -27.04
CA ILE A 1062 -3.94 7.86 -26.63
C ILE A 1062 -4.64 6.53 -26.84
N LYS A 1063 -3.92 5.57 -27.42
CA LYS A 1063 -4.45 4.24 -27.69
C LYS A 1063 -4.46 3.44 -26.41
N SER A 1064 -5.63 3.07 -25.93
CA SER A 1064 -5.75 2.28 -24.71
C SER A 1064 -5.82 0.80 -25.06
N VAL A 1065 -4.94 0.00 -24.46
CA VAL A 1065 -4.93 -1.45 -24.67
C VAL A 1065 -6.20 -2.04 -24.07
N GLY A 1066 -6.95 -2.79 -24.87
CA GLY A 1066 -8.27 -3.25 -24.47
C GLY A 1066 -9.36 -2.23 -24.64
N LYS A 1067 -9.02 -1.02 -25.12
CA LYS A 1067 -10.00 0.04 -25.36
C LYS A 1067 -10.77 0.38 -24.09
N ILE A 1068 -10.08 0.39 -22.97
CA ILE A 1068 -10.68 0.81 -21.70
C ILE A 1068 -10.58 2.32 -21.57
N GLU A 1069 -11.63 2.96 -21.09
CA GLU A 1069 -11.59 4.40 -20.90
C GLU A 1069 -10.84 4.78 -19.62
N HIS A 1070 -9.94 5.75 -19.74
CA HIS A 1070 -9.21 6.25 -18.59
C HIS A 1070 -10.15 6.68 -17.47
N SER A 1071 -11.23 7.38 -17.83
CA SER A 1071 -12.17 7.90 -16.84
C SER A 1071 -12.81 6.78 -16.08
N PHE A 1072 -13.09 5.67 -16.77
CA PHE A 1072 -13.65 4.50 -16.11
C PHE A 1072 -12.63 3.86 -15.17
N TRP A 1073 -11.41 3.66 -15.66
CA TRP A 1073 -10.33 3.11 -14.83
C TRP A 1073 -10.13 3.94 -13.57
N ARG A 1074 -10.02 5.27 -13.71
CA ARG A 1074 -9.74 6.06 -12.50
C ARG A 1074 -10.96 6.35 -11.64
N SER A 1075 -12.17 5.92 -12.05
CA SER A 1075 -13.35 6.18 -11.23
C SER A 1075 -13.26 5.47 -9.89
N PHE A 1076 -13.60 6.18 -8.82
CA PHE A 1076 -13.62 5.60 -7.49
C PHE A 1076 -14.54 4.40 -7.47
N HIS A 1077 -14.04 3.28 -6.96
CA HIS A 1077 -14.75 2.02 -7.13
C HIS A 1077 -14.85 1.26 -5.80
N THR A 1078 -16.06 0.87 -5.45
CA THR A 1078 -16.31 -0.21 -4.51
C THR A 1078 -17.32 -1.14 -5.16
N GLU A 1079 -17.50 -2.31 -4.54
CA GLU A 1079 -18.49 -3.25 -5.06
C GLU A 1079 -19.89 -2.66 -5.09
N ARG A 1080 -20.19 -1.66 -4.27
CA ARG A 1080 -21.53 -1.09 -4.21
C ARG A 1080 -21.70 0.20 -5.00
N LYS A 1081 -20.67 1.04 -5.11
CA LYS A 1081 -20.81 2.35 -5.73
C LYS A 1081 -19.60 2.67 -6.59
N THR A 1082 -19.86 3.25 -7.76
CA THR A 1082 -18.81 3.71 -8.67
C THR A 1082 -19.06 5.17 -9.02
N GLU A 1083 -18.01 5.99 -8.96
CA GLU A 1083 -18.10 7.43 -8.91
C GLU A 1083 -16.91 8.02 -9.66
N PRO A 1084 -17.09 9.11 -10.41
CA PRO A 1084 -15.95 9.67 -11.14
C PRO A 1084 -14.87 10.22 -10.21
N ALA A 1085 -13.62 10.17 -10.68
CA ALA A 1085 -12.52 10.72 -9.90
C ALA A 1085 -12.65 12.24 -9.80
N THR A 1086 -12.16 12.79 -8.69
CA THR A 1086 -12.13 14.23 -8.59
C THR A 1086 -11.01 14.63 -7.65
N GLY A 1087 -10.41 15.79 -7.92
CA GLY A 1087 -9.34 16.30 -7.09
C GLY A 1087 -7.97 15.71 -7.34
N PHE A 1088 -7.83 14.85 -8.36
CA PHE A 1088 -6.59 14.15 -8.62
C PHE A 1088 -6.29 14.21 -10.09
N ILE A 1089 -5.05 14.57 -10.41
CA ILE A 1089 -4.50 14.49 -11.74
C ILE A 1089 -3.64 13.24 -11.80
N ASP A 1090 -3.80 12.46 -12.86
CA ASP A 1090 -3.03 11.23 -13.11
C ASP A 1090 -1.73 11.63 -13.78
N GLY A 1091 -0.67 11.75 -12.99
CA GLY A 1091 0.62 12.14 -13.54
C GLY A 1091 1.14 11.18 -14.60
N ASP A 1092 0.89 9.87 -14.41
CA ASP A 1092 1.31 8.90 -15.43
C ASP A 1092 0.63 9.18 -16.77
N LEU A 1093 -0.62 9.60 -16.74
CA LEU A 1093 -1.27 10.00 -17.98
C LEU A 1093 -0.67 11.29 -18.52
N ILE A 1094 -0.50 12.31 -17.66
CA ILE A 1094 0.05 13.59 -18.13
C ILE A 1094 1.41 13.39 -18.77
N GLU A 1095 2.25 12.55 -18.17
CA GLU A 1095 3.60 12.39 -18.70
C GLU A 1095 3.61 11.70 -20.06
N SER A 1096 2.57 10.92 -20.39
CA SER A 1096 2.58 10.29 -21.71
C SER A 1096 2.42 11.30 -22.84
N PHE A 1097 2.02 12.55 -22.53
CA PHE A 1097 2.02 13.61 -23.53
C PHE A 1097 3.36 13.71 -24.25
N LEU A 1098 4.46 13.44 -23.54
CA LEU A 1098 5.78 13.60 -24.14
C LEU A 1098 6.04 12.58 -25.24
N ASP A 1099 5.29 11.47 -25.27
CA ASP A 1099 5.53 10.40 -26.22
C ASP A 1099 4.70 10.49 -27.50
N ILE A 1100 3.71 11.37 -27.59
CA ILE A 1100 2.87 11.38 -28.78
C ILE A 1100 3.54 12.21 -29.87
N SER A 1101 3.01 12.11 -31.09
CA SER A 1101 3.59 12.81 -32.22
C SER A 1101 3.36 14.32 -32.11
N ARG A 1102 4.18 15.07 -32.85
CA ARG A 1102 4.04 16.51 -32.91
C ARG A 1102 2.64 16.93 -33.36
N PRO A 1103 2.08 16.39 -34.44
CA PRO A 1103 0.68 16.75 -34.77
C PRO A 1103 -0.29 16.46 -33.65
N LYS A 1104 -0.11 15.36 -32.94
CA LYS A 1104 -1.02 14.98 -31.87
C LYS A 1104 -0.88 15.90 -30.66
N MET A 1105 0.36 16.32 -30.33
CA MET A 1105 0.54 17.28 -29.26
C MET A 1105 -0.24 18.55 -29.54
N GLN A 1106 -0.27 18.98 -30.80
CA GLN A 1106 -0.93 20.24 -31.08
C GLN A 1106 -2.45 20.12 -31.11
N GLU A 1107 -3.00 18.98 -31.53
CA GLU A 1107 -4.44 18.83 -31.32
C GLU A 1107 -4.76 18.70 -29.83
N VAL A 1108 -3.82 18.18 -29.02
CA VAL A 1108 -4.06 18.09 -27.58
C VAL A 1108 -4.18 19.49 -26.98
N VAL A 1109 -3.30 20.41 -27.39
CA VAL A 1109 -3.26 21.76 -26.76
C VAL A 1109 -4.08 22.78 -27.57
N ALA A 1110 -4.78 22.34 -28.61
CA ALA A 1110 -5.64 23.29 -29.36
C ALA A 1110 -6.80 23.72 -28.46
N ASN A 1111 -7.03 25.03 -28.36
CA ASN A 1111 -8.16 25.55 -27.53
C ASN A 1111 -7.82 25.38 -26.05
N LEU A 1112 -6.57 25.04 -25.75
CA LEU A 1112 -6.15 24.92 -24.32
C LEU A 1112 -5.81 26.33 -23.85
N GLN A 1113 -5.74 26.55 -22.53
CA GLN A 1113 -5.59 27.92 -22.03
C GLN A 1113 -4.41 27.95 -21.07
N TYR A 1114 -3.30 28.57 -21.49
CA TYR A 1114 -2.08 28.57 -20.70
C TYR A 1114 -2.08 29.80 -19.82
N ASP A 1115 -2.60 29.64 -18.60
CA ASP A 1115 -2.55 30.71 -17.61
C ASP A 1115 -1.09 30.90 -17.20
N ASP A 1116 -0.44 31.90 -17.80
CA ASP A 1116 0.82 32.38 -17.28
C ASP A 1116 0.56 33.21 -16.02
N GLY A 1117 1.65 33.63 -15.37
CA GLY A 1117 1.54 34.33 -14.09
C GLY A 1117 0.66 35.56 -14.15
N SER A 1118 0.50 36.16 -15.33
CA SER A 1118 -0.17 37.44 -15.46
C SER A 1118 -1.66 37.37 -15.15
N GLY A 1119 -2.26 36.17 -15.17
CA GLY A 1119 -3.69 36.04 -15.09
C GLY A 1119 -4.41 36.09 -16.42
N MET A 1120 -3.78 36.66 -17.45
CA MET A 1120 -4.35 36.61 -18.78
C MET A 1120 -3.91 35.32 -19.45
N LYS A 1121 -4.85 34.39 -19.55
CA LYS A 1121 -4.62 33.14 -20.25
C LYS A 1121 -4.45 33.44 -21.74
N ARG A 1122 -3.48 32.79 -22.37
CA ARG A 1122 -3.31 32.81 -23.81
C ARG A 1122 -3.39 31.39 -24.35
N GLU A 1123 -3.39 31.26 -25.67
CA GLU A 1123 -3.41 29.95 -26.29
C GLU A 1123 -2.14 29.17 -25.95
N ALA A 1124 -2.31 27.90 -25.62
CA ALA A 1124 -1.17 27.05 -25.32
C ALA A 1124 -0.54 26.54 -26.60
N THR A 1125 0.79 26.52 -26.65
CA THR A 1125 1.51 25.82 -27.71
C THR A 1125 1.98 24.47 -27.22
N ALA A 1126 2.27 23.58 -28.17
CA ALA A 1126 2.93 22.33 -27.85
C ALA A 1126 4.18 22.58 -27.01
N ASP A 1127 4.96 23.60 -27.37
CA ASP A 1127 6.23 23.81 -26.67
C ASP A 1127 6.01 24.28 -25.23
N ASP A 1128 4.95 25.06 -24.97
CA ASP A 1128 4.57 25.36 -23.60
C ASP A 1128 4.41 24.08 -22.80
N LEU A 1129 3.51 23.20 -23.24
CA LEU A 1129 3.17 22.04 -22.43
C LEU A 1129 4.30 21.02 -22.39
N ILE A 1130 5.15 20.96 -23.42
CA ILE A 1130 6.35 20.13 -23.35
C ILE A 1130 7.20 20.52 -22.15
N LYS A 1131 7.48 21.82 -22.01
CA LYS A 1131 8.31 22.25 -20.89
C LYS A 1131 7.60 22.04 -19.56
N VAL A 1132 6.31 22.34 -19.50
CA VAL A 1132 5.54 22.05 -18.28
C VAL A 1132 5.65 20.57 -17.90
N VAL A 1133 5.39 19.67 -18.85
CA VAL A 1133 5.36 18.25 -18.51
C VAL A 1133 6.76 17.73 -18.21
N GLU A 1134 7.77 18.23 -18.92
CA GLU A 1134 9.14 17.80 -18.64
C GLU A 1134 9.54 18.15 -17.21
N GLU A 1135 9.09 19.30 -16.73
CA GLU A 1135 9.36 19.73 -15.37
C GLU A 1135 8.66 18.81 -14.37
N LEU A 1136 7.41 18.42 -14.67
CA LEU A 1136 6.69 17.45 -13.84
C LEU A 1136 7.42 16.11 -13.78
N THR A 1137 8.07 15.70 -14.87
CA THR A 1137 8.77 14.40 -14.87
C THR A 1137 9.93 14.45 -13.89
N ARG A 1138 10.39 15.65 -13.52
CA ARG A 1138 11.61 15.75 -12.67
C ARG A 1138 11.27 15.66 -11.16
N ILE A 1139 9.99 15.69 -10.80
CA ILE A 1139 9.56 15.59 -9.37
C ILE A 1139 9.79 14.16 -8.85
N HIS A 1140 9.91 13.17 -9.74
CA HIS A 1140 10.00 11.76 -9.27
C HIS A 1140 11.06 10.96 -10.03
N TRP A 1141 11.41 9.79 -9.51
CA TRP A 1141 12.39 8.90 -10.18
C TRP A 1141 11.89 8.48 -11.55
N SER A 1142 12.78 8.49 -12.54
CA SER A 1142 12.41 8.12 -13.93
C SER A 1142 12.22 6.60 -14.06
N HIS A 1143 11.44 6.17 -15.05
CA HIS A 1143 11.14 4.72 -15.22
C HIS A 1143 12.10 4.10 -16.22
N PRO A 1144 12.67 2.92 -15.91
CA PRO A 1144 13.64 2.23 -16.80
C PRO A 1144 13.01 1.76 -18.11
N GLN A 1145 13.76 1.85 -19.21
CA GLN A 1145 13.26 1.32 -20.50
C GLN A 1145 13.22 -0.20 -20.40
N PHE A 1146 12.12 -0.82 -20.82
CA PHE A 1146 12.00 -2.27 -20.64
C PHE A 1146 12.86 -3.01 -21.66
N GLU A 1147 12.63 -2.76 -22.94
CA GLU A 1147 13.36 -3.49 -24.01
C GLU A 1147 14.69 -2.80 -24.29
N LYS A 1148 15.54 -3.43 -25.11
CA LYS A 1148 16.86 -2.84 -25.45
C LYS A 1148 16.72 -2.00 -26.72
N ILE B 1 -39.33 -22.12 30.97
CA ILE B 1 -40.67 -21.73 30.57
C ILE B 1 -41.53 -22.96 30.31
N ILE B 2 -42.66 -23.06 31.01
CA ILE B 2 -43.57 -24.20 30.92
C ILE B 2 -44.97 -23.66 30.71
N ASN B 3 -45.69 -24.22 29.74
CA ASN B 3 -47.08 -23.87 29.45
C ASN B 3 -47.23 -22.46 28.90
N PHE B 4 -46.13 -21.78 28.53
CA PHE B 4 -46.23 -20.50 27.83
C PHE B 4 -45.63 -20.61 26.44
N ASP B 5 -46.49 -20.49 25.44
CA ASP B 5 -46.07 -20.46 24.04
C ASP B 5 -45.37 -19.14 23.75
N THR B 6 -44.05 -19.18 23.59
CA THR B 6 -43.27 -17.96 23.41
C THR B 6 -43.61 -17.25 22.10
N SER B 7 -44.45 -17.85 21.24
CA SER B 7 -44.88 -17.21 20.01
C SER B 7 -46.11 -16.35 20.16
N LEU B 8 -46.86 -16.52 21.26
CA LEU B 8 -48.03 -15.67 21.49
C LEU B 8 -47.71 -14.19 21.57
N PRO B 9 -46.70 -13.71 22.33
CA PRO B 9 -46.44 -12.25 22.47
C PRO B 9 -46.38 -11.55 21.11
N THR B 10 -45.68 -12.13 20.13
CA THR B 10 -45.49 -11.48 18.80
C THR B 10 -46.80 -11.42 18.04
N SER B 11 -47.74 -12.31 18.34
CA SER B 11 -49.06 -12.34 17.65
C SER B 11 -49.88 -11.07 17.94
N HIS B 12 -49.72 -10.46 19.12
CA HIS B 12 -50.53 -9.28 19.52
C HIS B 12 -52.02 -9.64 19.45
N THR B 13 -52.39 -10.76 20.05
CA THR B 13 -53.80 -11.25 20.05
C THR B 13 -54.69 -10.26 20.77
N TYR B 14 -54.13 -9.47 21.69
CA TYR B 14 -54.90 -8.47 22.47
C TYR B 14 -55.51 -7.44 21.51
N LEU B 15 -54.88 -7.24 20.35
CA LEU B 15 -55.41 -6.30 19.34
C LEU B 15 -56.79 -6.79 18.88
N GLY B 16 -56.97 -8.10 18.74
CA GLY B 16 -58.34 -8.55 18.43
C GLY B 16 -58.42 -9.73 17.49
N ALA B 17 -59.51 -9.80 16.71
CA ALA B 17 -59.75 -10.95 15.81
C ALA B 17 -58.76 -10.95 14.66
N ASP B 18 -58.76 -12.03 13.87
CA ASP B 18 -57.74 -12.17 12.80
C ASP B 18 -57.73 -10.92 11.93
N MET B 19 -56.54 -10.42 11.62
CA MET B 19 -56.41 -9.15 10.85
C MET B 19 -55.95 -9.47 9.43
N GLU B 20 -56.44 -8.72 8.45
CA GLU B 20 -56.07 -8.97 7.04
C GLU B 20 -54.56 -8.77 6.89
N GLU B 21 -53.89 -9.65 6.13
CA GLU B 21 -52.43 -9.59 6.03
C GLU B 21 -52.03 -9.13 4.62
N PHE B 22 -51.07 -8.21 4.54
CA PHE B 22 -50.61 -7.69 3.22
C PHE B 22 -49.13 -8.05 3.07
N HIS B 23 -48.74 -8.58 1.91
CA HIS B 23 -47.30 -8.87 1.66
C HIS B 23 -46.76 -7.71 0.83
N GLY B 24 -45.76 -6.99 1.35
CA GLY B 24 -45.30 -5.77 0.67
C GLY B 24 -43.87 -5.86 0.18
N ARG B 25 -43.64 -5.37 -1.04
CA ARG B 25 -42.28 -5.39 -1.63
C ARG B 25 -41.80 -3.93 -1.78
N THR B 26 -42.39 -2.99 -1.05
CA THR B 26 -42.03 -1.58 -1.30
C THR B 26 -40.74 -1.23 -0.61
N LEU B 27 -39.67 -0.99 -1.39
CA LEU B 27 -38.39 -0.51 -0.82
C LEU B 27 -37.91 0.67 -1.67
N HIS B 28 -37.64 1.82 -1.05
CA HIS B 28 -37.17 3.02 -1.78
C HIS B 28 -35.71 2.84 -2.19
N ASP B 29 -35.29 3.48 -3.29
CA ASP B 29 -33.90 3.38 -3.78
C ASP B 29 -32.95 4.04 -2.78
N ASP B 30 -31.73 3.54 -2.66
CA ASP B 30 -30.78 4.09 -1.65
C ASP B 30 -30.46 5.54 -1.97
N ASP B 31 -30.48 6.42 -0.96
CA ASP B 31 -30.11 7.85 -1.12
C ASP B 31 -31.23 8.60 -1.86
N SER B 32 -32.37 7.93 -2.08
CA SER B 32 -33.51 8.58 -2.77
C SER B 32 -34.20 9.58 -1.85
N CYS B 33 -34.83 10.61 -2.41
CA CYS B 33 -35.60 11.56 -1.56
C CYS B 33 -37.10 11.20 -1.72
N GLN B 34 -37.78 10.94 -0.61
CA GLN B 34 -39.20 10.51 -0.68
C GLN B 34 -40.01 11.30 0.35
N VAL B 35 -41.32 11.47 0.11
CA VAL B 35 -42.18 12.14 1.11
C VAL B 35 -43.04 11.05 1.76
N ILE B 36 -42.98 10.92 3.09
CA ILE B 36 -43.71 9.82 3.78
C ILE B 36 -44.58 10.41 4.89
N PRO B 37 -45.84 9.95 5.05
CA PRO B 37 -46.74 10.42 6.15
C PRO B 37 -46.21 9.99 7.51
N VAL B 38 -46.39 10.85 8.52
CA VAL B 38 -45.94 10.54 9.90
C VAL B 38 -47.17 10.53 10.83
N LEU B 39 -47.34 9.48 11.62
CA LEU B 39 -48.45 9.45 12.60
C LEU B 39 -48.04 10.37 13.77
N PRO B 40 -48.88 11.34 14.18
CA PRO B 40 -48.50 12.35 15.22
C PRO B 40 -48.24 11.75 16.60
N GLN B 41 -49.09 10.82 17.05
CA GLN B 41 -48.95 10.27 18.43
C GLN B 41 -47.69 9.41 18.60
N VAL B 42 -47.30 8.64 17.60
CA VAL B 42 -46.15 7.69 17.76
C VAL B 42 -44.90 8.47 18.20
N MET B 43 -44.23 7.99 19.24
CA MET B 43 -42.99 8.66 19.73
C MET B 43 -41.82 7.68 19.82
N MET B 44 -42.02 6.39 19.50
CA MET B 44 -40.94 5.39 19.69
C MET B 44 -39.83 5.52 18.64
N ILE B 45 -38.64 5.02 18.96
CA ILE B 45 -37.53 5.00 17.96
C ILE B 45 -37.57 3.62 17.29
N LEU B 46 -38.06 3.56 16.05
CA LEU B 46 -38.23 2.25 15.38
C LEU B 46 -36.89 1.77 14.80
N ILE B 47 -36.62 0.48 14.91
CA ILE B 47 -35.38 -0.11 14.35
C ILE B 47 -35.82 -1.04 13.22
N PRO B 48 -35.08 -1.13 12.10
CA PRO B 48 -35.48 -1.98 10.95
C PRO B 48 -35.68 -3.41 11.42
N GLY B 49 -36.75 -4.06 10.94
CA GLY B 49 -37.06 -5.45 11.35
C GLY B 49 -37.84 -5.54 12.64
N GLN B 50 -38.24 -4.40 13.20
CA GLN B 50 -38.96 -4.39 14.50
C GLN B 50 -40.46 -4.17 14.24
N THR B 51 -41.30 -5.05 14.79
CA THR B 51 -42.76 -4.93 14.60
C THR B 51 -43.29 -3.80 15.47
N LEU B 52 -44.16 -2.97 14.91
CA LEU B 52 -44.80 -1.89 15.69
C LEU B 52 -46.31 -2.14 15.73
N PRO B 53 -46.92 -2.36 16.92
CA PRO B 53 -48.39 -2.52 17.04
C PRO B 53 -49.02 -1.16 17.32
N LEU B 54 -50.06 -0.79 16.56
CA LEU B 54 -50.67 0.55 16.72
C LEU B 54 -52.20 0.46 16.79
N GLN B 55 -52.82 1.22 17.68
CA GLN B 55 -54.31 1.31 17.72
C GLN B 55 -54.66 2.79 17.50
N LEU B 56 -55.43 3.09 16.46
CA LEU B 56 -55.70 4.51 16.13
C LEU B 56 -57.19 4.85 16.31
N PHE B 57 -57.50 5.91 17.05
CA PHE B 57 -58.91 6.26 17.34
C PHE B 57 -59.28 7.60 16.71
N HIS B 58 -58.28 8.43 16.36
N HIS B 58 -58.28 8.47 16.27
CA HIS B 58 -58.57 9.79 15.84
CA HIS B 58 -58.57 9.83 15.74
C HIS B 58 -58.93 9.69 14.35
C HIS B 58 -58.93 9.72 14.26
N PRO B 59 -60.02 10.34 13.90
CA PRO B 59 -60.50 10.24 12.48
C PRO B 59 -59.39 10.51 11.48
N GLN B 60 -58.55 11.51 11.74
CA GLN B 60 -57.49 11.88 10.77
C GLN B 60 -56.47 10.74 10.65
N GLU B 61 -56.10 10.13 11.78
CA GLU B 61 -55.15 9.00 11.77
C GLU B 61 -55.79 7.81 11.04
N VAL B 62 -57.07 7.55 11.32
CA VAL B 62 -57.78 6.37 10.71
C VAL B 62 -57.86 6.56 9.20
N SER B 63 -58.21 7.77 8.75
CA SER B 63 -58.35 8.04 7.30
C SER B 63 -56.98 7.91 6.61
N MET B 64 -55.94 8.45 7.22
CA MET B 64 -54.59 8.41 6.59
C MET B 64 -54.16 6.95 6.41
N VAL B 65 -54.35 6.13 7.45
CA VAL B 65 -53.95 4.70 7.38
C VAL B 65 -54.80 3.96 6.34
N ARG B 66 -56.10 4.25 6.29
CA ARG B 66 -57.00 3.57 5.32
C ARG B 66 -56.52 3.95 3.92
N ASN B 67 -56.21 5.24 3.72
CA ASN B 67 -55.65 5.68 2.41
C ASN B 67 -54.28 5.02 2.21
N LEU B 68 -53.49 4.91 3.27
CA LEU B 68 -52.14 4.29 3.21
C LEU B 68 -52.26 2.80 2.84
N ILE B 69 -53.29 2.11 3.33
CA ILE B 69 -53.40 0.64 3.07
C ILE B 69 -53.43 0.49 1.55
N GLN B 70 -54.18 1.33 0.86
CA GLN B 70 -54.09 1.34 -0.63
C GLN B 70 -52.77 2.07 -0.89
N LYS B 71 -51.96 1.64 -1.85
CA LYS B 71 -50.61 2.26 -2.10
C LYS B 71 -49.50 1.58 -1.29
N ASP B 72 -48.43 2.31 -0.96
CA ASP B 72 -47.22 1.71 -0.31
C ASP B 72 -47.52 1.07 1.05
N ARG B 73 -48.43 1.65 1.85
CA ARG B 73 -48.69 1.14 3.22
C ARG B 73 -47.49 1.48 4.09
N THR B 74 -46.73 2.51 3.71
CA THR B 74 -45.51 2.85 4.45
C THR B 74 -45.67 4.20 5.11
N PHE B 75 -45.33 4.28 6.40
CA PHE B 75 -45.41 5.56 7.15
C PHE B 75 -44.05 5.79 7.79
N ALA B 76 -43.79 7.02 8.24
CA ALA B 76 -42.45 7.34 8.78
C ALA B 76 -42.49 7.43 10.30
N VAL B 77 -41.58 6.71 10.97
CA VAL B 77 -41.48 6.80 12.45
C VAL B 77 -40.24 7.67 12.73
N LEU B 78 -40.42 8.76 13.46
CA LEU B 78 -39.29 9.71 13.66
C LEU B 78 -38.58 9.44 14.99
N ALA B 79 -37.25 9.40 14.97
CA ALA B 79 -36.50 9.26 16.23
C ALA B 79 -36.33 10.69 16.77
N TYR B 80 -37.10 11.04 17.80
CA TYR B 80 -37.08 12.46 18.24
C TYR B 80 -35.91 12.72 19.17
N SER B 81 -34.99 13.57 18.73
CA SER B 81 -33.89 13.98 19.63
C SER B 81 -34.51 14.76 20.79
N ASN B 82 -35.47 15.65 20.48
CA ASN B 82 -36.20 16.37 21.54
C ASN B 82 -37.70 16.04 21.40
N VAL B 83 -38.27 15.32 22.36
CA VAL B 83 -39.71 14.94 22.30
C VAL B 83 -40.60 16.19 22.45
N GLN B 84 -40.26 17.09 23.36
CA GLN B 84 -41.10 18.28 23.62
C GLN B 84 -41.12 19.17 22.37
N GLU B 85 -39.97 19.35 21.71
CA GLU B 85 -39.89 20.28 20.55
C GLU B 85 -40.18 19.51 19.26
N ARG B 86 -40.42 18.20 19.37
CA ARG B 86 -40.66 17.36 18.17
C ARG B 86 -39.47 17.51 17.21
N GLU B 87 -38.24 17.48 17.75
CA GLU B 87 -37.03 17.61 16.91
C GLU B 87 -36.51 16.21 16.54
N ALA B 88 -36.51 15.89 15.25
CA ALA B 88 -35.95 14.60 14.80
C ALA B 88 -35.12 14.84 13.54
N GLN B 89 -33.91 14.26 13.48
CA GLN B 89 -33.08 14.37 12.24
C GLN B 89 -33.03 13.01 11.55
N PHE B 90 -33.42 11.94 12.25
CA PHE B 90 -33.34 10.57 11.69
C PHE B 90 -34.62 9.81 12.00
N GLY B 91 -34.93 8.79 11.20
CA GLY B 91 -36.15 8.00 11.40
C GLY B 91 -36.09 6.67 10.67
N THR B 92 -37.07 5.80 10.92
CA THR B 92 -37.16 4.51 10.21
C THR B 92 -38.51 4.39 9.56
N THR B 93 -38.58 3.91 8.32
CA THR B 93 -39.87 3.69 7.63
C THR B 93 -40.56 2.49 8.25
N ALA B 94 -41.89 2.52 8.31
CA ALA B 94 -42.67 1.37 8.84
C ALA B 94 -43.70 0.93 7.80
N GLU B 95 -43.76 -0.37 7.50
CA GLU B 95 -44.68 -0.89 6.47
C GLU B 95 -45.75 -1.76 7.13
N ILE B 96 -47.02 -1.47 6.87
CA ILE B 96 -48.13 -2.21 7.55
C ILE B 96 -48.24 -3.61 6.92
N TYR B 97 -48.24 -4.66 7.74
CA TYR B 97 -48.42 -6.03 7.22
C TYR B 97 -49.76 -6.59 7.69
N ALA B 98 -50.34 -6.01 8.75
CA ALA B 98 -51.65 -6.46 9.26
C ALA B 98 -52.54 -5.24 9.53
N TYR B 99 -53.80 -5.29 9.08
CA TYR B 99 -54.74 -4.17 9.28
C TYR B 99 -56.13 -4.66 9.60
N ARG B 100 -56.79 -4.04 10.58
CA ARG B 100 -58.21 -4.36 10.85
C ARG B 100 -58.90 -3.04 11.25
N GLU B 101 -60.12 -2.79 10.79
CA GLU B 101 -60.84 -1.58 11.24
C GLU B 101 -62.14 -2.01 11.95
N GLU B 102 -62.40 -1.43 13.13
CA GLU B 102 -63.62 -1.77 13.89
C GLU B 102 -64.60 -0.57 13.81
N GLN B 103 -65.83 -0.83 13.39
CA GLN B 103 -66.86 0.24 13.31
C GLN B 103 -67.99 -0.10 14.30
N ASP B 104 -67.75 -1.04 15.21
CA ASP B 104 -68.81 -1.49 16.15
C ASP B 104 -69.26 -0.34 17.04
N PHE B 105 -70.58 -0.20 17.23
CA PHE B 105 -71.16 0.85 18.13
C PHE B 105 -70.93 2.22 17.48
N GLY B 106 -70.57 2.23 16.20
CA GLY B 106 -70.33 3.49 15.48
C GLY B 106 -69.00 4.10 15.86
N ILE B 107 -68.17 3.36 16.60
CA ILE B 107 -66.84 3.88 17.03
C ILE B 107 -65.82 3.33 16.05
N GLU B 108 -65.08 4.21 15.36
CA GLU B 108 -64.15 3.75 14.31
C GLU B 108 -62.74 3.59 14.89
N ILE B 109 -62.24 2.35 14.91
CA ILE B 109 -60.89 2.07 15.47
C ILE B 109 -60.07 1.37 14.38
N VAL B 110 -58.83 1.82 14.16
CA VAL B 110 -57.95 1.10 13.19
C VAL B 110 -56.82 0.44 13.99
N LYS B 111 -56.67 -0.86 13.83
CA LYS B 111 -55.59 -1.60 14.53
C LYS B 111 -54.61 -2.09 13.45
N VAL B 112 -53.33 -1.78 13.61
CA VAL B 112 -52.34 -2.14 12.54
C VAL B 112 -51.09 -2.76 13.15
N LYS B 113 -50.50 -3.72 12.44
CA LYS B 113 -49.19 -4.26 12.87
C LYS B 113 -48.22 -3.89 11.74
N ALA B 114 -47.12 -3.19 12.07
CA ALA B 114 -46.19 -2.70 11.03
C ALA B 114 -44.77 -3.14 11.36
N ILE B 115 -43.91 -3.20 10.35
CA ILE B 115 -42.50 -3.64 10.56
C ILE B 115 -41.55 -2.53 10.05
N GLY B 116 -40.51 -2.21 10.83
CA GLY B 116 -39.51 -1.23 10.38
C GLY B 116 -38.77 -1.75 9.17
N ARG B 117 -38.55 -0.91 8.17
CA ARG B 117 -37.90 -1.39 6.93
C ARG B 117 -36.62 -0.61 6.60
N GLN B 118 -36.72 0.70 6.41
CA GLN B 118 -35.52 1.47 5.94
C GLN B 118 -35.22 2.68 6.82
N ARG B 119 -33.94 2.86 7.19
CA ARG B 119 -33.52 4.06 7.96
C ARG B 119 -33.48 5.26 7.01
N PHE B 120 -33.62 6.47 7.55
CA PHE B 120 -33.63 7.68 6.70
C PHE B 120 -33.18 8.90 7.49
N LYS B 121 -32.86 9.98 6.78
CA LYS B 121 -32.51 11.26 7.45
C LYS B 121 -33.63 12.26 7.14
N VAL B 122 -33.99 13.13 8.09
CA VAL B 122 -35.15 14.04 7.88
C VAL B 122 -34.69 15.29 7.11
N LEU B 123 -34.94 15.32 5.80
CA LEU B 123 -34.61 16.53 5.00
C LEU B 123 -35.52 17.70 5.40
N GLU B 124 -36.83 17.46 5.52
CA GLU B 124 -37.77 18.52 5.95
C GLU B 124 -39.02 17.90 6.60
N LEU B 125 -39.64 18.60 7.55
CA LEU B 125 -40.90 18.10 8.16
C LEU B 125 -42.00 19.16 7.96
N ARG B 126 -43.16 18.77 7.42
CA ARG B 126 -44.27 19.73 7.16
C ARG B 126 -45.57 19.18 7.75
N THR B 127 -46.45 20.07 8.25
CA THR B 127 -47.74 19.64 8.83
C THR B 127 -48.87 19.95 7.87
N GLN B 128 -49.69 18.94 7.54
CA GLN B 128 -50.78 19.12 6.55
C GLN B 128 -52.07 19.63 7.22
N SER B 129 -53.09 19.95 6.42
CA SER B 129 -54.38 20.47 6.96
C SER B 129 -55.04 19.45 7.89
N ASP B 130 -54.97 18.16 7.53
CA ASP B 130 -55.61 17.08 8.33
C ASP B 130 -54.93 17.01 9.70
N GLY B 131 -53.72 17.55 9.82
CA GLY B 131 -52.95 17.45 11.08
C GLY B 131 -51.93 16.34 10.97
N ILE B 132 -52.01 15.55 9.90
CA ILE B 132 -50.96 14.51 9.67
C ILE B 132 -49.69 15.24 9.21
N GLN B 133 -48.52 14.72 9.58
CA GLN B 133 -47.23 15.35 9.20
C GLN B 133 -46.64 14.59 8.02
N GLN B 134 -46.20 15.32 7.00
CA GLN B 134 -45.52 14.68 5.84
C GLN B 134 -44.03 14.99 6.00
N ALA B 135 -43.16 13.99 5.91
CA ALA B 135 -41.72 14.24 6.14
C ALA B 135 -40.92 14.07 4.85
N LYS B 136 -40.13 15.08 4.49
CA LYS B 136 -39.22 14.93 3.33
C LYS B 136 -38.08 14.05 3.85
N VAL B 137 -37.82 12.93 3.20
CA VAL B 137 -36.84 11.97 3.79
C VAL B 137 -35.77 11.54 2.79
N GLN B 138 -34.53 11.39 3.26
CA GLN B 138 -33.46 10.85 2.37
C GLN B 138 -33.14 9.44 2.86
N ILE B 139 -33.36 8.44 2.00
CA ILE B 139 -33.13 7.03 2.43
C ILE B 139 -31.64 6.87 2.76
N LEU B 140 -31.34 6.21 3.88
CA LEU B 140 -29.94 5.97 4.27
C LEU B 140 -29.59 4.54 3.85
N PRO B 141 -28.52 4.33 3.05
CA PRO B 141 -28.17 2.99 2.52
C PRO B 141 -27.65 2.05 3.60
N GLU B 142 -27.92 0.76 3.46
CA GLU B 142 -27.31 -0.22 4.39
C GLU B 142 -25.96 -0.55 3.79
N CYS B 143 -24.88 -0.10 4.45
N CYS B 143 -24.89 -0.11 4.46
CA CYS B 143 -23.52 -0.33 3.91
CA CYS B 143 -23.53 -0.33 3.90
C CYS B 143 -23.11 -1.79 4.11
C CYS B 143 -23.13 -1.79 4.11
N VAL B 144 -22.87 -2.50 3.01
CA VAL B 144 -22.44 -3.92 3.11
C VAL B 144 -20.97 -3.91 2.67
N LEU B 145 -20.08 -4.37 3.54
CA LEU B 145 -18.63 -4.27 3.22
C LEU B 145 -18.13 -5.63 2.74
N PRO B 146 -17.17 -5.68 1.80
CA PRO B 146 -16.54 -6.95 1.38
C PRO B 146 -15.63 -7.40 2.51
N SER B 147 -15.08 -8.61 2.42
CA SER B 147 -14.11 -9.06 3.46
C SER B 147 -12.89 -8.13 3.43
N THR B 148 -12.25 -7.94 4.58
CA THR B 148 -11.09 -7.05 4.67
C THR B 148 -10.02 -7.57 3.75
N MET B 149 -9.87 -8.90 3.68
CA MET B 149 -8.79 -9.51 2.87
C MET B 149 -9.12 -9.48 1.37
N SER B 150 -10.36 -9.17 0.99
CA SER B 150 -10.75 -9.26 -0.44
C SER B 150 -9.83 -8.37 -1.28
N ALA B 151 -9.51 -7.18 -0.79
CA ALA B 151 -8.56 -6.30 -1.50
C ALA B 151 -7.13 -6.87 -1.50
N VAL B 152 -6.66 -7.46 -0.39
CA VAL B 152 -5.23 -7.89 -0.31
C VAL B 152 -5.03 -9.41 -0.50
N GLN B 153 -6.10 -10.20 -0.68
CA GLN B 153 -5.92 -11.67 -0.73
C GLN B 153 -5.05 -12.09 -1.93
N LEU B 154 -4.12 -13.02 -1.70
CA LEU B 154 -3.31 -13.56 -2.83
C LEU B 154 -4.26 -14.41 -3.69
N GLU B 155 -4.14 -14.33 -5.02
CA GLU B 155 -5.00 -15.12 -5.94
C GLU B 155 -4.72 -16.61 -5.70
N SER B 156 -3.46 -16.96 -5.41
CA SER B 156 -3.09 -18.36 -5.12
C SER B 156 -3.84 -18.83 -3.87
N LEU B 157 -3.96 -17.95 -2.86
CA LEU B 157 -4.65 -18.30 -1.59
C LEU B 157 -6.17 -18.23 -1.74
N ASN B 158 -6.66 -17.71 -2.87
CA ASN B 158 -8.13 -17.57 -3.08
C ASN B 158 -8.77 -18.95 -2.97
N LYS B 159 -8.11 -19.99 -3.49
CA LYS B 159 -8.70 -21.35 -3.50
C LYS B 159 -8.99 -21.80 -2.07
N CYS B 160 -8.12 -21.44 -1.13
CA CYS B 160 -8.27 -21.93 0.27
C CYS B 160 -9.28 -21.06 1.05
N GLN B 161 -9.84 -20.01 0.44
CA GLN B 161 -10.71 -19.06 1.20
C GLN B 161 -11.95 -19.78 1.76
N ILE B 162 -12.62 -20.62 0.97
CA ILE B 162 -13.77 -21.40 1.53
C ILE B 162 -13.19 -22.49 2.43
N PHE B 163 -13.80 -22.73 3.59
CA PHE B 163 -13.22 -23.70 4.55
C PHE B 163 -14.32 -24.66 5.03
N PRO B 164 -13.97 -25.86 5.52
CA PRO B 164 -14.97 -26.87 5.98
C PRO B 164 -15.83 -26.30 7.09
N SER B 165 -17.14 -26.60 7.06
CA SER B 165 -18.08 -26.02 8.04
C SER B 165 -17.75 -26.45 9.48
N LYS B 166 -17.97 -25.55 10.45
CA LYS B 166 -17.70 -25.87 11.87
C LYS B 166 -18.69 -26.94 12.36
N PRO B 167 -18.29 -27.83 13.29
CA PRO B 167 -19.21 -28.84 13.88
C PRO B 167 -20.34 -28.13 14.63
N CYS B 174 -19.23 -24.17 17.33
CA CYS B 174 -18.35 -23.02 17.63
C CYS B 174 -17.19 -23.47 18.54
N SER B 175 -16.45 -24.51 18.14
CA SER B 175 -15.27 -24.97 18.93
C SER B 175 -14.16 -23.91 18.88
N TYR B 176 -13.43 -23.74 19.98
CA TYR B 176 -12.35 -22.72 20.07
C TYR B 176 -11.27 -23.02 19.03
N LYS B 177 -10.97 -24.31 18.84
CA LYS B 177 -9.93 -24.70 17.85
C LYS B 177 -10.39 -24.26 16.45
N TRP B 178 -11.67 -24.44 16.14
CA TRP B 178 -12.16 -24.09 14.78
C TRP B 178 -11.98 -22.59 14.54
N TRP B 179 -12.29 -21.78 15.56
CA TRP B 179 -12.18 -20.31 15.40
C TRP B 179 -10.73 -19.89 15.19
N GLN B 180 -9.79 -20.55 15.87
CA GLN B 180 -8.35 -20.24 15.61
C GLN B 180 -8.03 -20.57 14.15
N LYS B 181 -8.50 -21.72 13.67
CA LYS B 181 -8.24 -22.14 12.27
C LYS B 181 -8.89 -21.12 11.31
N TYR B 182 -10.09 -20.67 11.65
CA TYR B 182 -10.82 -19.70 10.77
C TYR B 182 -10.00 -18.43 10.66
N GLN B 183 -9.48 -17.96 11.79
CA GLN B 183 -8.74 -16.67 11.79
C GLN B 183 -7.47 -16.84 10.94
N LYS B 184 -6.75 -17.94 11.12
CA LYS B 184 -5.46 -18.12 10.39
C LYS B 184 -5.69 -18.21 8.87
N ARG B 185 -6.68 -19.00 8.44
CA ARG B 185 -6.96 -19.15 6.99
C ARG B 185 -7.61 -17.88 6.41
N LYS B 186 -8.61 -17.32 7.10
CA LYS B 186 -9.35 -16.16 6.52
C LYS B 186 -8.44 -14.93 6.43
N PHE B 187 -7.57 -14.72 7.42
CA PHE B 187 -6.78 -13.46 7.44
C PHE B 187 -5.29 -13.71 7.17
N HIS B 188 -4.95 -14.79 6.45
CA HIS B 188 -3.53 -15.13 6.19
C HIS B 188 -2.84 -13.99 5.44
N CYS B 189 -3.55 -13.32 4.53
CA CYS B 189 -2.91 -12.27 3.68
C CYS B 189 -2.72 -10.99 4.50
N ALA B 190 -3.04 -11.01 5.79
CA ALA B 190 -2.78 -9.84 6.67
C ALA B 190 -1.29 -9.55 6.71
N ASN B 191 -0.46 -10.56 6.44
CA ASN B 191 1.02 -10.38 6.44
C ASN B 191 1.40 -9.35 5.37
N LEU B 192 0.59 -9.23 4.32
CA LEU B 192 0.81 -8.23 3.26
C LEU B 192 0.45 -6.82 3.77
N THR B 193 -0.24 -6.74 4.91
CA THR B 193 -0.73 -5.44 5.43
C THR B 193 0.06 -5.02 6.64
N SER B 194 -0.29 -3.86 7.20
CA SER B 194 0.40 -3.30 8.39
C SER B 194 -0.27 -3.77 9.69
N TRP B 195 -1.29 -4.63 9.60
CA TRP B 195 -2.02 -5.03 10.82
C TRP B 195 -2.10 -6.54 11.00
N PRO B 196 -2.19 -7.05 12.25
CA PRO B 196 -2.27 -8.51 12.56
C PRO B 196 -3.65 -9.11 12.29
N ARG B 197 -3.73 -10.44 12.21
CA ARG B 197 -5.00 -11.14 11.92
C ARG B 197 -6.04 -10.90 13.02
N TRP B 198 -5.60 -10.86 14.27
CA TRP B 198 -6.53 -10.67 15.40
C TRP B 198 -7.26 -9.33 15.29
N LEU B 199 -6.59 -8.28 14.80
CA LEU B 199 -7.26 -6.97 14.59
C LEU B 199 -8.39 -7.11 13.56
N TYR B 200 -8.13 -7.83 12.46
CA TYR B 200 -9.15 -8.03 11.41
C TYR B 200 -10.36 -8.79 11.99
N SER B 201 -10.09 -9.72 12.90
CA SER B 201 -11.17 -10.51 13.55
C SER B 201 -12.11 -9.57 14.31
N LEU B 202 -11.57 -8.50 14.90
CA LEU B 202 -12.39 -7.50 15.64
C LEU B 202 -13.36 -6.80 14.67
N TYR B 203 -13.04 -6.78 13.38
CA TYR B 203 -13.94 -6.16 12.36
C TYR B 203 -14.63 -7.24 11.50
N ASP B 204 -14.62 -8.50 11.94
CA ASP B 204 -15.22 -9.62 11.16
C ASP B 204 -16.63 -9.91 11.66
N ALA B 205 -17.63 -9.87 10.78
CA ALA B 205 -19.05 -10.01 11.21
C ALA B 205 -19.33 -11.37 11.85
N GLU B 206 -18.84 -12.45 11.25
CA GLU B 206 -19.19 -13.80 11.80
C GLU B 206 -18.62 -13.95 13.21
N THR B 207 -17.37 -13.51 13.42
CA THR B 207 -16.74 -13.64 14.74
C THR B 207 -17.49 -12.79 15.74
N LEU B 208 -17.87 -11.57 15.35
CA LEU B 208 -18.56 -10.64 16.27
C LEU B 208 -19.93 -11.22 16.68
N MET B 209 -20.66 -11.78 15.72
CA MET B 209 -22.00 -12.35 16.03
C MET B 209 -21.81 -13.52 17.01
N ASP B 210 -20.77 -14.33 16.80
CA ASP B 210 -20.51 -15.48 17.69
C ASP B 210 -20.23 -14.98 19.11
N ARG B 211 -19.47 -13.89 19.23
CA ARG B 211 -19.17 -13.32 20.56
C ARG B 211 -20.47 -12.82 21.21
N ILE B 212 -21.34 -12.16 20.44
CA ILE B 212 -22.64 -11.68 20.98
C ILE B 212 -23.48 -12.90 21.40
N LYS B 213 -23.50 -13.94 20.57
CA LYS B 213 -24.31 -15.13 20.89
C LYS B 213 -23.80 -15.77 22.18
N LYS B 214 -22.47 -15.87 22.33
CA LYS B 214 -21.89 -16.51 23.54
C LYS B 214 -22.27 -15.70 24.78
N GLN B 215 -22.16 -14.36 24.70
CA GLN B 215 -22.47 -13.49 25.86
C GLN B 215 -23.98 -13.60 26.16
N LEU B 216 -24.82 -13.60 25.13
CA LEU B 216 -26.28 -13.71 25.33
C LEU B 216 -26.59 -15.07 25.95
N ARG B 217 -25.92 -16.12 25.48
CA ARG B 217 -26.21 -17.50 26.00
C ARG B 217 -25.85 -17.54 27.50
N GLU B 218 -24.78 -16.87 27.90
CA GLU B 218 -24.41 -16.84 29.33
C GLU B 218 -25.53 -16.18 30.16
N TRP B 219 -26.02 -15.02 29.72
CA TRP B 219 -27.13 -14.32 30.44
C TRP B 219 -28.44 -15.10 30.30
N ASP B 220 -28.69 -15.66 29.11
CA ASP B 220 -29.98 -16.36 28.85
C ASP B 220 -29.66 -17.74 28.29
N GLU B 221 -29.40 -18.72 29.17
CA GLU B 221 -29.07 -20.10 28.73
C GLU B 221 -30.29 -20.68 28.01
N ASN B 222 -31.46 -20.10 28.24
CA ASN B 222 -32.72 -20.56 27.60
C ASN B 222 -32.63 -20.35 26.08
N LEU B 223 -31.75 -19.47 25.61
CA LEU B 223 -31.58 -19.30 24.15
C LEU B 223 -30.75 -20.46 23.60
N LYS B 224 -31.16 -21.70 23.90
CA LYS B 224 -30.46 -22.90 23.39
C LYS B 224 -30.58 -22.95 21.86
N ASP B 225 -31.76 -22.63 21.34
CA ASP B 225 -32.00 -22.67 19.87
C ASP B 225 -31.29 -21.49 19.21
N ASP B 226 -31.08 -21.56 17.89
CA ASP B 226 -30.48 -20.41 17.16
C ASP B 226 -31.60 -19.41 16.87
N SER B 227 -32.10 -18.74 17.92
CA SER B 227 -33.19 -17.76 17.76
C SER B 227 -32.73 -16.58 16.88
N LEU B 228 -31.47 -16.17 17.03
CA LEU B 228 -30.94 -15.00 16.27
C LEU B 228 -30.87 -15.30 14.77
N PRO B 229 -31.05 -14.30 13.88
CA PRO B 229 -30.93 -14.49 12.40
C PRO B 229 -29.48 -14.78 12.00
N SER B 230 -29.29 -15.65 11.00
CA SER B 230 -27.93 -16.01 10.49
C SER B 230 -27.23 -14.81 9.82
N ASN B 231 -27.98 -14.01 9.05
CA ASN B 231 -27.37 -12.86 8.31
C ASN B 231 -26.93 -11.79 9.31
N PRO B 232 -25.76 -11.12 9.10
CA PRO B 232 -25.22 -10.09 10.04
C PRO B 232 -26.16 -8.90 10.16
N ILE B 233 -26.73 -8.43 9.05
CA ILE B 233 -27.60 -7.22 9.09
C ILE B 233 -28.85 -7.50 9.95
N ASP B 234 -29.49 -8.63 9.73
CA ASP B 234 -30.72 -8.97 10.49
C ASP B 234 -30.35 -9.19 11.95
N PHE B 235 -29.22 -9.85 12.21
CA PHE B 235 -28.78 -10.14 13.59
C PHE B 235 -28.54 -8.81 14.30
N SER B 236 -27.88 -7.88 13.62
CA SER B 236 -27.55 -6.58 14.26
C SER B 236 -28.83 -5.82 14.60
N TYR B 237 -29.80 -5.82 13.69
CA TYR B 237 -31.08 -5.10 13.92
C TYR B 237 -31.87 -5.78 15.06
N ARG B 238 -31.89 -7.11 15.07
CA ARG B 238 -32.62 -7.87 16.12
C ARG B 238 -32.08 -7.52 17.52
N VAL B 239 -30.76 -7.57 17.69
CA VAL B 239 -30.13 -7.29 19.02
C VAL B 239 -30.36 -5.81 19.37
N ALA B 240 -30.25 -4.92 18.38
CA ALA B 240 -30.38 -3.47 18.65
C ALA B 240 -31.78 -3.17 19.17
N ALA B 241 -32.80 -3.80 18.58
CA ALA B 241 -34.20 -3.59 19.00
C ALA B 241 -34.38 -4.08 20.44
N CYS B 242 -33.74 -5.19 20.79
CA CYS B 242 -33.98 -5.80 22.13
C CYS B 242 -33.06 -5.21 23.22
N LEU B 243 -32.03 -4.44 22.86
CA LEU B 243 -31.11 -3.94 23.93
C LEU B 243 -31.85 -2.91 24.79
N PRO B 244 -31.80 -3.04 26.14
CA PRO B 244 -32.47 -2.08 27.06
C PRO B 244 -31.55 -0.89 27.28
N ILE B 245 -31.59 0.07 26.35
CA ILE B 245 -30.64 1.22 26.42
C ILE B 245 -31.41 2.54 26.31
N ASP B 246 -30.76 3.65 26.66
CA ASP B 246 -31.39 4.99 26.62
C ASP B 246 -31.59 5.43 25.17
N ASP B 247 -32.47 6.42 24.95
CA ASP B 247 -32.81 6.86 23.58
C ASP B 247 -31.58 7.37 22.83
N VAL B 248 -30.70 8.13 23.50
CA VAL B 248 -29.55 8.72 22.76
C VAL B 248 -28.67 7.58 22.21
N LEU B 249 -28.43 6.53 23.00
CA LEU B 249 -27.65 5.37 22.52
C LEU B 249 -28.41 4.68 21.36
N ARG B 250 -29.72 4.52 21.49
CA ARG B 250 -30.52 3.84 20.44
C ARG B 250 -30.46 4.66 19.13
N ILE B 251 -30.54 5.98 19.23
CA ILE B 251 -30.44 6.86 18.03
C ILE B 251 -29.05 6.68 17.40
N GLN B 252 -28.01 6.62 18.23
CA GLN B 252 -26.63 6.43 17.71
C GLN B 252 -26.56 5.07 17.00
N LEU B 253 -27.17 4.03 17.57
CA LEU B 253 -27.20 2.71 16.90
C LEU B 253 -27.96 2.83 15.57
N LEU B 254 -29.06 3.59 15.56
CA LEU B 254 -29.86 3.79 14.33
C LEU B 254 -29.02 4.53 13.27
N LYS B 255 -28.19 5.47 13.71
CA LYS B 255 -27.32 6.24 12.77
C LYS B 255 -26.32 5.30 12.08
N ILE B 256 -25.87 4.24 12.75
CA ILE B 256 -24.85 3.32 12.16
C ILE B 256 -25.40 2.72 10.86
N GLY B 257 -24.59 2.71 9.79
CA GLY B 257 -25.03 2.16 8.49
C GLY B 257 -24.35 0.85 8.16
N SER B 258 -23.43 0.40 9.02
CA SER B 258 -22.69 -0.87 8.76
C SER B 258 -23.01 -1.91 9.84
N ALA B 259 -23.26 -3.15 9.43
CA ALA B 259 -23.53 -4.23 10.41
C ALA B 259 -22.30 -4.43 11.30
N ILE B 260 -21.10 -4.32 10.72
CA ILE B 260 -19.85 -4.55 11.50
C ILE B 260 -19.78 -3.52 12.64
N GLN B 261 -20.04 -2.25 12.32
CA GLN B 261 -20.03 -1.18 13.34
C GLN B 261 -21.14 -1.42 14.36
N ARG B 262 -22.32 -1.81 13.89
CA ARG B 262 -23.48 -2.03 14.80
C ARG B 262 -23.18 -3.18 15.76
N LEU B 263 -22.62 -4.27 15.25
CA LEU B 263 -22.28 -5.45 16.09
C LEU B 263 -21.23 -5.05 17.12
N ARG B 264 -20.23 -4.26 16.71
CA ARG B 264 -19.16 -3.81 17.64
C ARG B 264 -19.76 -2.92 18.74
N CYS B 265 -20.66 -2.00 18.37
CA CYS B 265 -21.28 -1.09 19.37
C CYS B 265 -22.12 -1.94 20.34
N GLU B 266 -22.85 -2.91 19.81
CA GLU B 266 -23.69 -3.79 20.68
C GLU B 266 -22.81 -4.60 21.63
N LEU B 267 -21.68 -5.13 21.15
CA LEU B 267 -20.77 -5.91 22.03
C LEU B 267 -20.24 -4.98 23.13
N ASP B 268 -19.89 -3.75 22.77
CA ASP B 268 -19.32 -2.80 23.77
C ASP B 268 -20.39 -2.50 24.83
N ILE B 269 -21.62 -2.28 24.40
CA ILE B 269 -22.73 -1.98 25.35
C ILE B 269 -22.94 -3.20 26.26
N MET B 270 -22.93 -4.40 25.68
CA MET B 270 -23.19 -5.63 26.47
C MET B 270 -22.08 -5.80 27.53
N ASN B 271 -20.82 -5.59 27.15
CA ASN B 271 -19.69 -5.70 28.11
C ASN B 271 -19.76 -4.57 29.16
N LYS B 272 -20.02 -3.33 28.73
CA LYS B 272 -20.03 -2.16 29.65
C LYS B 272 -21.22 -2.14 30.63
N CYS B 273 -22.43 -2.49 30.19
CA CYS B 273 -23.63 -2.30 31.06
C CYS B 273 -23.97 -3.56 31.85
N THR B 274 -24.16 -3.42 33.18
CA THR B 274 -24.56 -4.58 34.01
C THR B 274 -25.84 -4.30 34.80
N SER B 275 -26.24 -3.04 34.97
CA SER B 275 -27.40 -2.76 35.85
C SER B 275 -28.44 -1.84 35.19
N LEU B 276 -29.71 -1.99 35.60
CA LEU B 276 -30.79 -1.11 35.07
C LEU B 276 -31.39 -0.34 36.24
N CYS B 277 -31.55 0.97 36.09
CA CYS B 277 -32.03 1.80 37.23
C CYS B 277 -33.21 2.68 36.78
N CYS B 278 -33.93 3.25 37.74
CA CYS B 278 -35.04 4.17 37.41
C CYS B 278 -34.43 5.44 36.78
N LYS B 279 -34.94 5.86 35.63
CA LYS B 279 -34.43 7.07 34.94
C LYS B 279 -34.74 8.31 35.78
N GLN B 280 -35.89 8.34 36.47
CA GLN B 280 -36.26 9.54 37.25
C GLN B 280 -35.27 9.73 38.41
N CYS B 281 -35.43 8.99 39.50
CA CYS B 281 -34.55 9.17 40.70
C CYS B 281 -33.10 8.75 40.42
N GLN B 282 -32.88 7.64 39.72
CA GLN B 282 -31.51 7.12 39.45
C GLN B 282 -30.88 6.63 40.75
N GLU B 283 -31.70 6.39 41.79
CA GLU B 283 -31.19 5.89 43.09
C GLU B 283 -31.88 4.55 43.40
N THR B 284 -32.41 3.89 42.36
CA THR B 284 -33.07 2.58 42.53
C THR B 284 -32.56 1.62 41.48
N GLU B 285 -32.08 0.44 41.89
CA GLU B 285 -31.68 -0.59 40.91
C GLU B 285 -32.85 -1.57 40.71
N ILE B 286 -33.57 -1.44 39.59
CA ILE B 286 -34.76 -2.30 39.32
C ILE B 286 -34.37 -3.75 39.02
N THR B 287 -33.35 -3.98 38.19
CA THR B 287 -33.04 -5.36 37.75
C THR B 287 -31.60 -5.48 37.28
N THR B 288 -31.17 -6.71 36.98
CA THR B 288 -29.80 -6.99 36.50
C THR B 288 -29.88 -7.75 35.21
N LYS B 289 -28.77 -7.83 34.46
CA LYS B 289 -28.74 -8.51 33.13
C LYS B 289 -29.11 -9.99 33.27
N ASN B 290 -28.69 -10.63 34.36
CA ASN B 290 -28.96 -12.08 34.56
C ASN B 290 -30.46 -12.32 34.59
N GLU B 291 -31.22 -11.40 35.20
CA GLU B 291 -32.71 -11.52 35.27
C GLU B 291 -33.33 -11.44 33.87
N ILE B 292 -32.72 -10.68 32.94
CA ILE B 292 -33.35 -10.49 31.60
C ILE B 292 -33.52 -11.85 30.89
N PHE B 293 -34.70 -12.08 30.31
CA PHE B 293 -34.98 -13.37 29.62
C PHE B 293 -35.94 -13.09 28.47
N SER B 294 -35.96 -13.97 27.46
CA SER B 294 -36.84 -13.78 26.29
C SER B 294 -38.11 -14.64 26.45
N LEU B 295 -39.24 -14.03 26.75
CA LEU B 295 -40.53 -14.76 26.83
C LEU B 295 -41.18 -14.68 25.44
N SER B 296 -40.53 -13.99 24.51
CA SER B 296 -41.03 -13.88 23.12
C SER B 296 -39.97 -14.42 22.17
N LEU B 297 -40.39 -14.95 21.02
CA LEU B 297 -39.40 -15.41 20.00
C LEU B 297 -38.56 -14.21 19.57
N CYS B 298 -39.19 -13.04 19.46
CA CYS B 298 -38.47 -11.81 19.00
C CYS B 298 -37.32 -11.46 19.96
N GLY B 299 -37.53 -11.59 21.26
CA GLY B 299 -36.42 -11.34 22.20
C GLY B 299 -36.89 -10.85 23.55
N PRO B 300 -35.99 -10.34 24.42
CA PRO B 300 -36.32 -9.85 25.78
C PRO B 300 -37.24 -8.64 25.74
N MET B 301 -37.05 -7.73 24.78
CA MET B 301 -37.85 -6.49 24.76
C MET B 301 -38.57 -6.34 23.42
N ALA B 302 -39.86 -5.98 23.45
CA ALA B 302 -40.65 -5.76 22.21
C ALA B 302 -41.65 -4.64 22.41
N ALA B 303 -42.11 -4.04 21.32
CA ALA B 303 -43.11 -2.96 21.39
C ALA B 303 -44.52 -3.54 21.58
N TYR B 304 -45.27 -3.00 22.53
CA TYR B 304 -46.67 -3.44 22.74
C TYR B 304 -47.52 -2.18 22.86
N VAL B 305 -48.77 -2.24 22.38
CA VAL B 305 -49.62 -1.01 22.37
C VAL B 305 -50.69 -1.14 23.46
N ASN B 306 -50.89 -0.07 24.24
CA ASN B 306 -51.89 -0.07 25.34
C ASN B 306 -53.28 0.21 24.76
N PRO B 307 -54.36 0.14 25.56
CA PRO B 307 -55.75 0.40 25.09
C PRO B 307 -55.90 1.81 24.54
N HIS B 308 -55.08 2.75 25.00
CA HIS B 308 -55.22 4.18 24.57
C HIS B 308 -54.32 4.46 23.36
N GLY B 309 -53.68 3.44 22.80
CA GLY B 309 -52.86 3.62 21.59
C GLY B 309 -51.42 3.97 21.86
N TYR B 310 -51.06 4.09 23.15
N TYR B 310 -51.06 4.11 23.14
CA TYR B 310 -49.65 4.40 23.52
CA TYR B 310 -49.65 4.40 23.52
C TYR B 310 -48.82 3.13 23.38
C TYR B 310 -48.83 3.12 23.36
N VAL B 311 -47.60 3.26 22.85
CA VAL B 311 -46.72 2.07 22.63
C VAL B 311 -45.64 2.04 23.71
N HIS B 312 -45.45 0.88 24.34
CA HIS B 312 -44.39 0.73 25.36
C HIS B 312 -43.45 -0.40 24.95
N GLU B 313 -42.14 -0.15 24.97
CA GLU B 313 -41.20 -1.26 24.71
C GLU B 313 -41.04 -1.94 26.07
N THR B 314 -41.45 -3.21 26.18
CA THR B 314 -41.46 -3.85 27.51
C THR B 314 -40.40 -4.93 27.57
N LEU B 315 -39.56 -4.88 28.61
CA LEU B 315 -38.46 -5.87 28.78
C LEU B 315 -38.92 -6.90 29.82
N THR B 316 -38.74 -8.19 29.51
CA THR B 316 -39.20 -9.25 30.43
C THR B 316 -38.05 -9.69 31.30
N VAL B 317 -38.23 -9.56 32.62
CA VAL B 317 -37.18 -9.96 33.60
C VAL B 317 -37.83 -10.90 34.63
N TYR B 318 -37.12 -11.95 35.04
CA TYR B 318 -37.64 -12.89 36.06
C TYR B 318 -37.83 -12.15 37.37
N LYS B 319 -36.87 -11.30 37.74
CA LYS B 319 -36.96 -10.64 39.06
C LYS B 319 -36.71 -9.13 38.95
N ALA B 320 -37.52 -8.33 39.64
CA ALA B 320 -37.32 -6.87 39.69
C ALA B 320 -37.34 -6.45 41.14
N CYS B 321 -36.66 -5.36 41.49
CA CYS B 321 -36.54 -4.98 42.92
C CYS B 321 -36.83 -3.49 43.13
N ASN B 322 -37.13 -3.10 44.38
CA ASN B 322 -37.37 -1.68 44.73
C ASN B 322 -38.59 -1.14 43.98
N LEU B 323 -39.61 -1.97 43.80
CA LEU B 323 -40.84 -1.56 43.09
C LEU B 323 -42.05 -1.76 44.02
N ASN B 324 -43.04 -0.88 43.92
CA ASN B 324 -44.29 -0.99 44.72
C ASN B 324 -45.45 -1.36 43.79
N LEU B 325 -46.33 -2.27 44.23
CA LEU B 325 -47.44 -2.75 43.37
C LEU B 325 -48.75 -2.03 43.76
N ILE B 326 -49.41 -1.40 42.78
CA ILE B 326 -50.65 -0.62 43.06
C ILE B 326 -51.78 -1.16 42.19
N GLY B 327 -52.97 -1.34 42.76
CA GLY B 327 -54.12 -1.87 42.01
C GLY B 327 -54.24 -3.37 42.17
N ARG B 328 -55.19 -3.98 41.45
CA ARG B 328 -55.44 -5.43 41.57
C ARG B 328 -55.11 -6.09 40.22
N PRO B 329 -54.57 -7.32 40.19
CA PRO B 329 -54.12 -7.96 38.92
C PRO B 329 -55.26 -8.03 37.91
N SER B 330 -54.97 -7.66 36.65
CA SER B 330 -56.00 -7.65 35.58
C SER B 330 -55.50 -8.41 34.35
N THR B 331 -56.38 -9.19 33.72
CA THR B 331 -56.01 -9.91 32.47
C THR B 331 -56.48 -9.10 31.29
N GLU B 332 -57.07 -7.94 31.54
CA GLU B 332 -57.66 -7.14 30.43
C GLU B 332 -56.55 -6.53 29.57
N HIS B 333 -56.62 -6.75 28.25
CA HIS B 333 -55.63 -6.19 27.30
C HIS B 333 -54.22 -6.62 27.70
N SER B 334 -54.08 -7.86 28.17
CA SER B 334 -52.75 -8.37 28.59
C SER B 334 -51.92 -8.71 27.36
N TRP B 335 -50.72 -8.14 27.27
CA TRP B 335 -49.80 -8.41 26.14
C TRP B 335 -49.36 -9.87 26.18
N PHE B 336 -49.16 -10.42 27.37
CA PHE B 336 -48.79 -11.86 27.51
C PHE B 336 -50.01 -12.63 27.97
N PRO B 337 -50.62 -13.46 27.10
CA PRO B 337 -51.87 -14.20 27.43
C PRO B 337 -51.61 -15.22 28.54
N GLY B 338 -52.56 -15.34 29.47
CA GLY B 338 -52.39 -16.26 30.62
C GLY B 338 -51.74 -15.57 31.81
N TYR B 339 -51.49 -14.26 31.70
CA TYR B 339 -50.86 -13.51 32.81
C TYR B 339 -51.70 -12.27 33.14
N ALA B 340 -51.75 -11.94 34.42
CA ALA B 340 -52.46 -10.71 34.85
C ALA B 340 -51.40 -9.65 35.16
N TRP B 341 -51.73 -8.38 34.95
CA TRP B 341 -50.73 -7.30 35.14
C TRP B 341 -51.11 -6.39 36.31
N THR B 342 -50.12 -5.98 37.10
CA THR B 342 -50.35 -5.01 38.19
C THR B 342 -49.33 -3.91 38.02
N VAL B 343 -49.75 -2.64 38.11
CA VAL B 343 -48.82 -1.51 37.86
C VAL B 343 -47.70 -1.51 38.91
N ALA B 344 -46.46 -1.29 38.47
CA ALA B 344 -45.30 -1.26 39.39
C ALA B 344 -44.68 0.13 39.38
N GLN B 345 -44.52 0.72 40.56
CA GLN B 345 -43.97 2.09 40.67
C GLN B 345 -42.65 2.04 41.46
N CYS B 346 -41.70 2.89 41.10
CA CYS B 346 -40.43 2.98 41.86
C CYS B 346 -40.76 3.42 43.28
N LYS B 347 -40.13 2.76 44.27
CA LYS B 347 -40.43 3.05 45.69
C LYS B 347 -40.04 4.50 46.02
N ILE B 348 -38.87 4.94 45.57
CA ILE B 348 -38.38 6.30 45.92
C ILE B 348 -39.17 7.43 45.23
N CYS B 349 -39.43 7.32 43.91
CA CYS B 349 -40.05 8.48 43.20
C CYS B 349 -41.46 8.20 42.68
N ALA B 350 -41.95 6.96 42.80
CA ALA B 350 -43.35 6.62 42.39
C ALA B 350 -43.52 6.63 40.87
N SER B 351 -42.41 6.65 40.13
CA SER B 351 -42.47 6.63 38.65
C SER B 351 -42.96 5.25 38.17
N HIS B 352 -43.70 5.21 37.06
CA HIS B 352 -44.24 3.92 36.56
C HIS B 352 -43.18 3.22 35.71
N ILE B 353 -42.40 2.35 36.35
CA ILE B 353 -41.34 1.58 35.64
C ILE B 353 -41.99 0.55 34.71
N GLY B 354 -43.08 -0.08 35.15
CA GLY B 354 -43.68 -1.15 34.35
C GLY B 354 -44.74 -1.91 35.13
N TRP B 355 -44.85 -3.22 34.88
CA TRP B 355 -45.90 -4.03 35.52
C TRP B 355 -45.34 -5.36 36.00
N LYS B 356 -45.99 -5.96 37.01
CA LYS B 356 -45.62 -7.34 37.43
C LYS B 356 -46.67 -8.27 36.82
N PHE B 357 -46.23 -9.31 36.12
CA PHE B 357 -47.18 -10.24 35.45
C PHE B 357 -47.29 -11.52 36.27
N THR B 358 -48.52 -11.91 36.60
CA THR B 358 -48.75 -13.09 37.46
C THR B 358 -49.56 -14.12 36.70
N ALA B 359 -49.16 -15.39 36.79
CA ALA B 359 -49.85 -16.48 36.05
C ALA B 359 -51.27 -16.68 36.57
N THR B 360 -52.21 -16.94 35.65
CA THR B 360 -53.61 -17.22 36.05
C THR B 360 -53.76 -18.69 36.32
N LYS B 361 -52.76 -19.49 35.97
CA LYS B 361 -52.83 -20.97 36.17
C LYS B 361 -51.58 -21.45 36.91
N LYS B 362 -51.76 -22.41 37.83
CA LYS B 362 -50.63 -22.93 38.65
C LYS B 362 -49.61 -23.64 37.76
N ASP B 363 -50.08 -24.36 36.73
CA ASP B 363 -49.19 -25.13 35.82
C ASP B 363 -48.23 -24.21 35.06
N MET B 364 -48.64 -22.99 34.74
CA MET B 364 -47.80 -22.09 33.89
C MET B 364 -46.45 -21.77 34.52
N SER B 365 -45.38 -21.76 33.71
CA SER B 365 -44.04 -21.34 34.20
C SER B 365 -43.47 -20.33 33.18
N PRO B 366 -42.93 -19.16 33.60
CA PRO B 366 -42.82 -18.77 35.04
C PRO B 366 -44.16 -18.34 35.63
N GLN B 367 -44.33 -18.59 36.92
CA GLN B 367 -45.56 -18.11 37.62
C GLN B 367 -45.57 -16.58 37.66
N LYS B 368 -44.41 -15.97 37.87
CA LYS B 368 -44.32 -14.49 37.96
C LYS B 368 -43.17 -13.96 37.10
N PHE B 369 -43.34 -12.78 36.51
CA PHE B 369 -42.25 -12.13 35.73
C PHE B 369 -42.56 -10.64 35.75
N TRP B 370 -41.59 -9.82 35.38
CA TRP B 370 -41.80 -8.36 35.42
C TRP B 370 -41.66 -7.77 34.03
N GLY B 371 -42.58 -6.87 33.66
CA GLY B 371 -42.45 -6.17 32.37
C GLY B 371 -42.01 -4.74 32.63
N LEU B 372 -40.85 -4.36 32.11
CA LEU B 372 -40.29 -3.03 32.43
C LEU B 372 -40.19 -2.17 31.17
N THR B 373 -40.68 -0.93 31.23
CA THR B 373 -40.66 -0.01 30.08
C THR B 373 -39.26 0.55 29.90
N ARG B 374 -38.76 0.57 28.66
CA ARG B 374 -37.40 1.10 28.36
C ARG B 374 -37.35 2.59 28.71
N SER B 375 -38.45 3.32 28.48
CA SER B 375 -38.48 4.78 28.73
C SER B 375 -38.22 5.06 30.22
N ALA B 376 -38.66 4.17 31.11
CA ALA B 376 -38.51 4.41 32.56
C ALA B 376 -37.19 3.86 33.08
N LEU B 377 -36.38 3.24 32.22
CA LEU B 377 -35.14 2.58 32.69
C LEU B 377 -33.88 3.26 32.13
N LEU B 378 -32.84 3.38 32.95
CA LEU B 378 -31.56 3.94 32.47
C LEU B 378 -30.48 2.86 32.59
N PRO B 379 -29.75 2.51 31.52
CA PRO B 379 -28.63 1.54 31.61
C PRO B 379 -27.54 2.16 32.49
N THR B 380 -27.01 1.38 33.43
CA THR B 380 -25.99 1.92 34.35
C THR B 380 -24.74 1.10 34.23
N ILE B 381 -23.59 1.77 34.10
CA ILE B 381 -22.28 1.06 33.99
C ILE B 381 -21.61 1.09 35.38
N PRO B 382 -21.23 -0.07 35.95
CA PRO B 382 -20.63 -0.14 37.32
C PRO B 382 -19.31 0.62 37.35
C1 EDO C . 10.28 -10.31 -13.17
O1 EDO C . 10.55 -9.29 -12.21
C2 EDO C . 10.36 -9.68 -14.56
O2 EDO C . 11.31 -10.47 -15.26
C1 EDO D . 14.68 -11.61 -0.22
O1 EDO D . 15.87 -12.27 0.24
C2 EDO D . 14.42 -11.98 -1.67
O2 EDO D . 13.29 -12.89 -1.76
C1 EDO E . -2.18 3.30 -21.93
O1 EDO E . -0.81 3.11 -21.50
C2 EDO E . -3.01 2.18 -21.31
O2 EDO E . -3.37 1.23 -22.33
C1 EDO F . 22.12 8.34 21.28
O1 EDO F . 21.30 7.22 20.91
C2 EDO F . 21.30 9.23 22.22
O2 EDO F . 20.93 8.41 23.33
C1 EDO G . -4.24 -15.27 -13.85
O1 EDO G . -4.94 -15.68 -15.06
C2 EDO G . -3.37 -14.02 -14.05
O2 EDO G . -3.39 -13.17 -12.89
ZN ZN H . -37.33 6.31 40.86
C1 EDO I . -9.32 -11.25 -4.89
O1 EDO I . -10.15 -12.31 -4.40
C2 EDO I . -7.89 -11.74 -5.13
O2 EDO I . -7.09 -10.65 -5.62
C1 LVY J . -51.10 -2.25 29.72
C2 LVY J . -50.89 -3.07 31.01
C3 LVY J . -49.89 -4.18 30.67
C4 LVY J . -50.44 -5.00 29.53
N5 LVY J . -51.19 -4.45 28.55
C6 LVY J . -51.54 -3.14 28.58
C7 LVY J . -52.79 1.04 30.21
C8 LVY J . -53.89 0.24 30.51
C9 LVY J . -53.44 -1.21 30.37
N10 LVY J . -52.03 -1.14 29.96
C11 LVY J . -51.67 0.14 29.87
C12 LVY J . -54.12 3.00 30.60
C13 LVY J . -55.22 2.20 30.91
C14 LVY J . -55.10 0.82 30.86
C15 LVY J . -52.90 2.43 30.25
O16 LVY J . -50.56 0.50 29.56
N17 LVY J . -56.19 -0.02 31.16
O18 LVY J . -52.20 -2.69 27.67
O19 LVY J . -50.15 -6.17 29.46
C02 A1CEG K . -31.69 -11.87 23.26
C03 A1CEG K . -31.23 -10.59 23.07
C05 A1CEG K . -30.23 -8.74 24.34
C08 A1CEG K . -29.72 -9.24 26.63
C09 A1CEG K . -29.22 -8.69 27.80
C11 A1CEG K . -27.62 -6.92 28.39
C12 A1CEG K . -27.78 -5.46 28.70
C13 A1CEG K . -27.41 -4.50 27.78
C14 A1CEG K . -27.55 -3.16 28.08
C15 A1CEG K . -28.06 -2.77 29.29
C16 A1CEG K . -28.44 -3.72 30.22
C17 A1CEG K . -28.30 -5.07 29.92
C18 A1CEG K . -29.17 -9.48 28.94
C19 A1CEG K . -29.63 -10.79 28.85
C20 A1CEG K . -30.13 -11.27 27.65
C22 A1CEG K . -31.41 -9.94 21.84
C23 A1CEG K . -32.04 -10.61 20.81
C24 A1CEG K . -32.51 -11.91 21.01
C25 A1CEG K . -32.34 -12.55 22.24
C26 A1CEG K . -33.17 -12.60 19.94
N04 A1CEG K . -30.65 -10.01 24.19
N07 A1CEG K . -29.75 -8.37 25.53
N21 A1CEG K . -30.17 -10.49 26.58
N27 A1CEG K . -33.69 -13.14 19.09
O01 A1CEG K . -31.50 -12.41 24.49
O06 A1CEG K . -30.25 -7.92 23.45
O10 A1CEG K . -28.82 -7.39 27.75
#